data_1PAZ
# 
_entry.id   1PAZ 
# 
_audit_conform.dict_name       mmcif_pdbx.dic 
_audit_conform.dict_version    5.386 
_audit_conform.dict_location   http://mmcif.pdb.org/dictionaries/ascii/mmcif_pdbx.dic 
# 
loop_
_database_2.database_id 
_database_2.database_code 
_database_2.pdbx_database_accession 
_database_2.pdbx_DOI 
PDB   1PAZ         pdb_00001paz 10.2210/pdb1paz/pdb 
WWPDB D_1000175577 ?            ?                   
# 
loop_
_pdbx_audit_revision_history.ordinal 
_pdbx_audit_revision_history.data_content_type 
_pdbx_audit_revision_history.major_revision 
_pdbx_audit_revision_history.minor_revision 
_pdbx_audit_revision_history.revision_date 
1 'Structure model' 1 0 1988-10-09 
2 'Structure model' 1 1 2008-03-24 
3 'Structure model' 1 2 2011-07-13 
4 'Structure model' 1 3 2017-11-29 
5 'Structure model' 1 4 2024-02-14 
# 
_pdbx_audit_revision_details.ordinal             1 
_pdbx_audit_revision_details.revision_ordinal    1 
_pdbx_audit_revision_details.data_content_type   'Structure model' 
_pdbx_audit_revision_details.provider            repository 
_pdbx_audit_revision_details.type                'Initial release' 
_pdbx_audit_revision_details.description         ? 
_pdbx_audit_revision_details.details             ? 
# 
loop_
_pdbx_audit_revision_group.ordinal 
_pdbx_audit_revision_group.revision_ordinal 
_pdbx_audit_revision_group.data_content_type 
_pdbx_audit_revision_group.group 
1 2 'Structure model' 'Version format compliance' 
2 3 'Structure model' 'Version format compliance' 
3 4 'Structure model' 'Derived calculations'      
4 4 'Structure model' Other                       
5 5 'Structure model' 'Data collection'           
6 5 'Structure model' 'Database references'       
7 5 'Structure model' 'Derived calculations'      
# 
loop_
_pdbx_audit_revision_category.ordinal 
_pdbx_audit_revision_category.revision_ordinal 
_pdbx_audit_revision_category.data_content_type 
_pdbx_audit_revision_category.category 
1 4 'Structure model' pdbx_database_status   
2 4 'Structure model' struct_conf            
3 4 'Structure model' struct_conf_type       
4 5 'Structure model' chem_comp_atom         
5 5 'Structure model' chem_comp_bond         
6 5 'Structure model' database_2             
7 5 'Structure model' pdbx_struct_conn_angle 
8 5 'Structure model' struct_conn            
9 5 'Structure model' struct_site            
# 
loop_
_pdbx_audit_revision_item.ordinal 
_pdbx_audit_revision_item.revision_ordinal 
_pdbx_audit_revision_item.data_content_type 
_pdbx_audit_revision_item.item 
1  4 'Structure model' '_pdbx_database_status.process_site'          
2  5 'Structure model' '_database_2.pdbx_DOI'                        
3  5 'Structure model' '_database_2.pdbx_database_accession'         
4  5 'Structure model' '_pdbx_struct_conn_angle.ptnr1_auth_comp_id'  
5  5 'Structure model' '_pdbx_struct_conn_angle.ptnr1_auth_seq_id'   
6  5 'Structure model' '_pdbx_struct_conn_angle.ptnr1_label_atom_id' 
7  5 'Structure model' '_pdbx_struct_conn_angle.ptnr1_label_comp_id' 
8  5 'Structure model' '_pdbx_struct_conn_angle.ptnr1_label_seq_id'  
9  5 'Structure model' '_pdbx_struct_conn_angle.ptnr3_auth_comp_id'  
10 5 'Structure model' '_pdbx_struct_conn_angle.ptnr3_auth_seq_id'   
11 5 'Structure model' '_pdbx_struct_conn_angle.ptnr3_label_atom_id' 
12 5 'Structure model' '_pdbx_struct_conn_angle.ptnr3_label_comp_id' 
13 5 'Structure model' '_pdbx_struct_conn_angle.ptnr3_label_seq_id'  
14 5 'Structure model' '_pdbx_struct_conn_angle.value'               
15 5 'Structure model' '_struct_conn.pdbx_dist_value'                
16 5 'Structure model' '_struct_conn.ptnr1_auth_comp_id'             
17 5 'Structure model' '_struct_conn.ptnr1_auth_seq_id'              
18 5 'Structure model' '_struct_conn.ptnr1_label_asym_id'            
19 5 'Structure model' '_struct_conn.ptnr1_label_atom_id'            
20 5 'Structure model' '_struct_conn.ptnr1_label_comp_id'            
21 5 'Structure model' '_struct_conn.ptnr1_label_seq_id'             
22 5 'Structure model' '_struct_conn.ptnr2_auth_comp_id'             
23 5 'Structure model' '_struct_conn.ptnr2_auth_seq_id'              
24 5 'Structure model' '_struct_conn.ptnr2_label_asym_id'            
25 5 'Structure model' '_struct_conn.ptnr2_label_atom_id'            
26 5 'Structure model' '_struct_conn.ptnr2_label_comp_id'            
27 5 'Structure model' '_struct_conn.ptnr2_label_seq_id'             
28 5 'Structure model' '_struct_site.pdbx_auth_asym_id'              
29 5 'Structure model' '_struct_site.pdbx_auth_comp_id'              
30 5 'Structure model' '_struct_site.pdbx_auth_seq_id'               
# 
_pdbx_database_status.status_code                     REL 
_pdbx_database_status.entry_id                        1PAZ 
_pdbx_database_status.recvd_initial_deposition_date   1988-06-28 
_pdbx_database_status.deposit_site                    ? 
_pdbx_database_status.process_site                    BNL 
_pdbx_database_status.status_code_sf                  REL 
_pdbx_database_status.status_code_mr                  ? 
_pdbx_database_status.SG_entry                        ? 
_pdbx_database_status.pdb_format_compatible           Y 
_pdbx_database_status.status_code_cs                  ? 
_pdbx_database_status.methods_development_category    ? 
_pdbx_database_status.status_code_nmr_data            ? 
# 
loop_
_audit_author.name 
_audit_author.pdbx_ordinal 
'Petratos, K.' 1 
'Dauter, Z.'   2 
'Wilson, K.S.' 3 
# 
loop_
_citation.id 
_citation.title 
_citation.journal_abbrev 
_citation.journal_volume 
_citation.page_first 
_citation.page_last 
_citation.year 
_citation.journal_id_ASTM 
_citation.country 
_citation.journal_id_ISSN 
_citation.journal_id_CSD 
_citation.book_publisher 
_citation.pdbx_database_id_PubMed 
_citation.pdbx_database_id_DOI 
primary 'Refinement of the structure of pseudoazurin from Alcaligenes faecalis S-6 at 1.55 A resolution.'            
'Acta Crystallogr.,Sect.B' 44  628 636 1988 ASBSDK DK 0108-7681 0622 ? 3271558 10.1107/S0108768188008912 
1       'The Crystal Structure of Pseudoazurin from Alcaligenes Faecalis S-6 Determined at 2.9 Angstroms Resolution' 'FEBS Lett.' 
218 209 ?   1987 FEBLAL NE 0014-5793 0165 ? ?       ?                         
# 
loop_
_citation_author.citation_id 
_citation_author.name 
_citation_author.ordinal 
_citation_author.identifier_ORCID 
primary 'Petratos, K.'   1 ? 
primary 'Dauter, Z.'     2 ? 
primary 'Wilson, K.S.'   3 ? 
1       'Petratos, K.'   4 ? 
1       'Banner, D.W.'   5 ? 
1       'Beppu, T.'      6 ? 
1       'Wilson, K.S.'   7 ? 
1       'Tsernoglou, D.' 8 ? 
# 
loop_
_entity.id 
_entity.type 
_entity.src_method 
_entity.pdbx_description 
_entity.formula_weight 
_entity.pdbx_number_of_molecules 
_entity.pdbx_ec 
_entity.pdbx_mutation 
_entity.pdbx_fragment 
_entity.details 
1 polymer     man 'PSEUDOAZURIN PRECURSOR' 13383.511 1  ? ? ? ? 
2 non-polymer syn 'COPPER (II) ION'        63.546    1  ? ? ? ? 
3 water       nat water                    18.015    93 ? ? ? ? 
# 
_entity_poly.entity_id                      1 
_entity_poly.type                           'polypeptide(L)' 
_entity_poly.nstd_linkage                   no 
_entity_poly.nstd_monomer                   no 
_entity_poly.pdbx_seq_one_letter_code       
;ENIEVHMLNKGAEGAMVFEPAYIKANPGDTVTFIPVDKGHNVESIKDMIPEGAEKFKSKINENYVLTVTQPGAYLVKCTP
HYAMGMIALIAVGDSPANLDQIVSAKKPKIVQERLEKVIASAK
;
_entity_poly.pdbx_seq_one_letter_code_can   
;ENIEVHMLNKGAEGAMVFEPAYIKANPGDTVTFIPVDKGHNVESIKDMIPEGAEKFKSKINENYVLTVTQPGAYLVKCTP
HYAMGMIALIAVGDSPANLDQIVSAKKPKIVQERLEKVIASAK
;
_entity_poly.pdbx_strand_id                 A 
_entity_poly.pdbx_target_identifier         ? 
# 
loop_
_pdbx_entity_nonpoly.entity_id 
_pdbx_entity_nonpoly.name 
_pdbx_entity_nonpoly.comp_id 
2 'COPPER (II) ION' CU  
3 water             HOH 
# 
loop_
_entity_poly_seq.entity_id 
_entity_poly_seq.num 
_entity_poly_seq.mon_id 
_entity_poly_seq.hetero 
1 1   GLU n 
1 2   ASN n 
1 3   ILE n 
1 4   GLU n 
1 5   VAL n 
1 6   HIS n 
1 7   MET n 
1 8   LEU n 
1 9   ASN n 
1 10  LYS n 
1 11  GLY n 
1 12  ALA n 
1 13  GLU n 
1 14  GLY n 
1 15  ALA n 
1 16  MET n 
1 17  VAL n 
1 18  PHE n 
1 19  GLU n 
1 20  PRO n 
1 21  ALA n 
1 22  TYR n 
1 23  ILE n 
1 24  LYS n 
1 25  ALA n 
1 26  ASN n 
1 27  PRO n 
1 28  GLY n 
1 29  ASP n 
1 30  THR n 
1 31  VAL n 
1 32  THR n 
1 33  PHE n 
1 34  ILE n 
1 35  PRO n 
1 36  VAL n 
1 37  ASP n 
1 38  LYS n 
1 39  GLY n 
1 40  HIS n 
1 41  ASN n 
1 42  VAL n 
1 43  GLU n 
1 44  SER n 
1 45  ILE n 
1 46  LYS n 
1 47  ASP n 
1 48  MET n 
1 49  ILE n 
1 50  PRO n 
1 51  GLU n 
1 52  GLY n 
1 53  ALA n 
1 54  GLU n 
1 55  LYS n 
1 56  PHE n 
1 57  LYS n 
1 58  SER n 
1 59  LYS n 
1 60  ILE n 
1 61  ASN n 
1 62  GLU n 
1 63  ASN n 
1 64  TYR n 
1 65  VAL n 
1 66  LEU n 
1 67  THR n 
1 68  VAL n 
1 69  THR n 
1 70  GLN n 
1 71  PRO n 
1 72  GLY n 
1 73  ALA n 
1 74  TYR n 
1 75  LEU n 
1 76  VAL n 
1 77  LYS n 
1 78  CYS n 
1 79  THR n 
1 80  PRO n 
1 81  HIS n 
1 82  TYR n 
1 83  ALA n 
1 84  MET n 
1 85  GLY n 
1 86  MET n 
1 87  ILE n 
1 88  ALA n 
1 89  LEU n 
1 90  ILE n 
1 91  ALA n 
1 92  VAL n 
1 93  GLY n 
1 94  ASP n 
1 95  SER n 
1 96  PRO n 
1 97  ALA n 
1 98  ASN n 
1 99  LEU n 
1 100 ASP n 
1 101 GLN n 
1 102 ILE n 
1 103 VAL n 
1 104 SER n 
1 105 ALA n 
1 106 LYS n 
1 107 LYS n 
1 108 PRO n 
1 109 LYS n 
1 110 ILE n 
1 111 VAL n 
1 112 GLN n 
1 113 GLU n 
1 114 ARG n 
1 115 LEU n 
1 116 GLU n 
1 117 LYS n 
1 118 VAL n 
1 119 ILE n 
1 120 ALA n 
1 121 SER n 
1 122 ALA n 
1 123 LYS n 
# 
_entity_src_gen.entity_id                          1 
_entity_src_gen.pdbx_src_id                        1 
_entity_src_gen.pdbx_alt_source_flag               sample 
_entity_src_gen.pdbx_seq_type                      ? 
_entity_src_gen.pdbx_beg_seq_num                   ? 
_entity_src_gen.pdbx_end_seq_num                   ? 
_entity_src_gen.gene_src_common_name               ? 
_entity_src_gen.gene_src_genus                     Alcaligenes 
_entity_src_gen.pdbx_gene_src_gene                 ? 
_entity_src_gen.gene_src_species                   ? 
_entity_src_gen.gene_src_strain                    ? 
_entity_src_gen.gene_src_tissue                    ? 
_entity_src_gen.gene_src_tissue_fraction           ? 
_entity_src_gen.gene_src_details                   ? 
_entity_src_gen.pdbx_gene_src_fragment             ? 
_entity_src_gen.pdbx_gene_src_scientific_name      'Alcaligenes faecalis' 
_entity_src_gen.pdbx_gene_src_ncbi_taxonomy_id     511 
_entity_src_gen.pdbx_gene_src_variant              ? 
_entity_src_gen.pdbx_gene_src_cell_line            ? 
_entity_src_gen.pdbx_gene_src_atcc                 ? 
_entity_src_gen.pdbx_gene_src_organ                ? 
_entity_src_gen.pdbx_gene_src_organelle            ? 
_entity_src_gen.pdbx_gene_src_cell                 ? 
_entity_src_gen.pdbx_gene_src_cellular_location    ? 
_entity_src_gen.host_org_common_name               ? 
_entity_src_gen.pdbx_host_org_scientific_name      ? 
_entity_src_gen.pdbx_host_org_ncbi_taxonomy_id     ? 
_entity_src_gen.host_org_genus                     ? 
_entity_src_gen.pdbx_host_org_gene                 ? 
_entity_src_gen.pdbx_host_org_organ                ? 
_entity_src_gen.host_org_species                   ? 
_entity_src_gen.pdbx_host_org_tissue               ? 
_entity_src_gen.pdbx_host_org_tissue_fraction      ? 
_entity_src_gen.pdbx_host_org_strain               ? 
_entity_src_gen.pdbx_host_org_variant              ? 
_entity_src_gen.pdbx_host_org_cell_line            ? 
_entity_src_gen.pdbx_host_org_atcc                 ? 
_entity_src_gen.pdbx_host_org_culture_collection   ? 
_entity_src_gen.pdbx_host_org_cell                 ? 
_entity_src_gen.pdbx_host_org_organelle            ? 
_entity_src_gen.pdbx_host_org_cellular_location    ? 
_entity_src_gen.pdbx_host_org_vector_type          ? 
_entity_src_gen.pdbx_host_org_vector               ? 
_entity_src_gen.host_org_details                   ? 
_entity_src_gen.expression_system_id               ? 
_entity_src_gen.plasmid_name                       ? 
_entity_src_gen.plasmid_details                    ? 
_entity_src_gen.pdbx_description                   ? 
# 
loop_
_chem_comp.id 
_chem_comp.type 
_chem_comp.mon_nstd_flag 
_chem_comp.name 
_chem_comp.pdbx_synonyms 
_chem_comp.formula 
_chem_comp.formula_weight 
ALA 'L-peptide linking' y ALANINE           ? 'C3 H7 N O2'     89.093  
ARG 'L-peptide linking' y ARGININE          ? 'C6 H15 N4 O2 1' 175.209 
ASN 'L-peptide linking' y ASPARAGINE        ? 'C4 H8 N2 O3'    132.118 
ASP 'L-peptide linking' y 'ASPARTIC ACID'   ? 'C4 H7 N O4'     133.103 
CU  non-polymer         . 'COPPER (II) ION' ? 'Cu 2'           63.546  
CYS 'L-peptide linking' y CYSTEINE          ? 'C3 H7 N O2 S'   121.158 
GLN 'L-peptide linking' y GLUTAMINE         ? 'C5 H10 N2 O3'   146.144 
GLU 'L-peptide linking' y 'GLUTAMIC ACID'   ? 'C5 H9 N O4'     147.129 
GLY 'peptide linking'   y GLYCINE           ? 'C2 H5 N O2'     75.067  
HIS 'L-peptide linking' y HISTIDINE         ? 'C6 H10 N3 O2 1' 156.162 
HOH non-polymer         . WATER             ? 'H2 O'           18.015  
ILE 'L-peptide linking' y ISOLEUCINE        ? 'C6 H13 N O2'    131.173 
LEU 'L-peptide linking' y LEUCINE           ? 'C6 H13 N O2'    131.173 
LYS 'L-peptide linking' y LYSINE            ? 'C6 H15 N2 O2 1' 147.195 
MET 'L-peptide linking' y METHIONINE        ? 'C5 H11 N O2 S'  149.211 
PHE 'L-peptide linking' y PHENYLALANINE     ? 'C9 H11 N O2'    165.189 
PRO 'L-peptide linking' y PROLINE           ? 'C5 H9 N O2'     115.130 
SER 'L-peptide linking' y SERINE            ? 'C3 H7 N O3'     105.093 
THR 'L-peptide linking' y THREONINE         ? 'C4 H9 N O3'     119.119 
TYR 'L-peptide linking' y TYROSINE          ? 'C9 H11 N O3'    181.189 
VAL 'L-peptide linking' y VALINE            ? 'C5 H11 N O2'    117.146 
# 
loop_
_pdbx_poly_seq_scheme.asym_id 
_pdbx_poly_seq_scheme.entity_id 
_pdbx_poly_seq_scheme.seq_id 
_pdbx_poly_seq_scheme.mon_id 
_pdbx_poly_seq_scheme.ndb_seq_num 
_pdbx_poly_seq_scheme.pdb_seq_num 
_pdbx_poly_seq_scheme.auth_seq_num 
_pdbx_poly_seq_scheme.pdb_mon_id 
_pdbx_poly_seq_scheme.auth_mon_id 
_pdbx_poly_seq_scheme.pdb_strand_id 
_pdbx_poly_seq_scheme.pdb_ins_code 
_pdbx_poly_seq_scheme.hetero 
A 1 1   GLU 1   1   1   GLU GLU A . n 
A 1 2   ASN 2   2   2   ASN ASN A . n 
A 1 3   ILE 3   3   3   ILE ILE A . n 
A 1 4   GLU 4   4   4   GLU GLU A . n 
A 1 5   VAL 5   5   5   VAL VAL A . n 
A 1 6   HIS 6   6   6   HIS HIS A . n 
A 1 7   MET 7   7   7   MET MET A . n 
A 1 8   LEU 8   8   8   LEU LEU A . n 
A 1 9   ASN 9   9   9   ASN ASN A . n 
A 1 10  LYS 10  10  10  LYS LYS A . n 
A 1 11  GLY 11  11  11  GLY GLY A . n 
A 1 12  ALA 12  12  12  ALA ALA A . n 
A 1 13  GLU 13  13  13  GLU GLU A . n 
A 1 14  GLY 14  14  14  GLY GLY A . n 
A 1 15  ALA 15  15  15  ALA ALA A . n 
A 1 16  MET 16  16  16  MET MET A . n 
A 1 17  VAL 17  17  17  VAL VAL A . n 
A 1 18  PHE 18  18  18  PHE PHE A . n 
A 1 19  GLU 19  19  19  GLU GLU A . n 
A 1 20  PRO 20  20  20  PRO PRO A . n 
A 1 21  ALA 21  21  21  ALA ALA A . n 
A 1 22  TYR 22  22  22  TYR TYR A . n 
A 1 23  ILE 23  23  23  ILE ILE A . n 
A 1 24  LYS 24  24  24  LYS LYS A . n 
A 1 25  ALA 25  25  25  ALA ALA A . n 
A 1 26  ASN 26  26  26  ASN ASN A . n 
A 1 27  PRO 27  27  27  PRO PRO A . n 
A 1 28  GLY 28  28  28  GLY GLY A . n 
A 1 29  ASP 29  29  29  ASP ASP A . n 
A 1 30  THR 30  30  30  THR THR A . n 
A 1 31  VAL 31  31  31  VAL VAL A . n 
A 1 32  THR 32  32  32  THR THR A . n 
A 1 33  PHE 33  33  33  PHE PHE A . n 
A 1 34  ILE 34  34  34  ILE ILE A . n 
A 1 35  PRO 35  35  35  PRO PRO A . n 
A 1 36  VAL 36  36  36  VAL VAL A . n 
A 1 37  ASP 37  37  37  ASP ASP A . n 
A 1 38  LYS 38  38  38  LYS LYS A . n 
A 1 39  GLY 39  39  39  GLY GLY A . n 
A 1 40  HIS 40  40  40  HIS HIS A . n 
A 1 41  ASN 41  41  41  ASN ASN A . n 
A 1 42  VAL 42  42  42  VAL VAL A . n 
A 1 43  GLU 43  43  43  GLU GLU A . n 
A 1 44  SER 44  44  44  SER SER A . n 
A 1 45  ILE 45  45  45  ILE ILE A . n 
A 1 46  LYS 46  46  46  LYS LYS A . n 
A 1 47  ASP 47  47  47  ASP ASP A . n 
A 1 48  MET 48  48  48  MET MET A . n 
A 1 49  ILE 49  49  49  ILE ILE A . n 
A 1 50  PRO 50  50  50  PRO PRO A . n 
A 1 51  GLU 51  51  51  GLU GLU A . n 
A 1 52  GLY 52  52  52  GLY GLY A . n 
A 1 53  ALA 53  53  53  ALA ALA A . n 
A 1 54  GLU 54  54  54  GLU GLU A . n 
A 1 55  LYS 55  55  55  LYS LYS A . n 
A 1 56  PHE 56  56  56  PHE PHE A . n 
A 1 57  LYS 57  57  57  LYS LYS A . n 
A 1 58  SER 58  58  58  SER SER A . n 
A 1 59  LYS 59  59  59  LYS LYS A . n 
A 1 60  ILE 60  60  60  ILE ILE A . n 
A 1 61  ASN 61  61  61  ASN ASN A . n 
A 1 62  GLU 62  62  62  GLU GLU A . n 
A 1 63  ASN 63  63  63  ASN ASN A . n 
A 1 64  TYR 64  64  64  TYR TYR A . n 
A 1 65  VAL 65  65  65  VAL VAL A . n 
A 1 66  LEU 66  66  66  LEU LEU A . n 
A 1 67  THR 67  67  67  THR THR A . n 
A 1 68  VAL 68  68  68  VAL VAL A . n 
A 1 69  THR 69  69  69  THR THR A . n 
A 1 70  GLN 70  70  70  GLN GLN A . n 
A 1 71  PRO 71  71  71  PRO PRO A . n 
A 1 72  GLY 72  72  72  GLY GLY A . n 
A 1 73  ALA 73  73  73  ALA ALA A . n 
A 1 74  TYR 74  74  74  TYR TYR A . n 
A 1 75  LEU 75  75  75  LEU LEU A . n 
A 1 76  VAL 76  76  76  VAL VAL A . n 
A 1 77  LYS 77  77  77  LYS LYS A . n 
A 1 78  CYS 78  78  78  CYS CYS A . n 
A 1 79  THR 79  79  79  THR THR A . n 
A 1 80  PRO 80  80  80  PRO PRO A . n 
A 1 81  HIS 81  81  81  HIS HIS A . n 
A 1 82  TYR 82  82  82  TYR TYR A . n 
A 1 83  ALA 83  83  83  ALA ALA A . n 
A 1 84  MET 84  84  84  MET MET A . n 
A 1 85  GLY 85  85  85  GLY GLY A . n 
A 1 86  MET 86  86  86  MET MET A . n 
A 1 87  ILE 87  87  87  ILE ILE A . n 
A 1 88  ALA 88  88  88  ALA ALA A . n 
A 1 89  LEU 89  89  89  LEU LEU A . n 
A 1 90  ILE 90  90  90  ILE ILE A . n 
A 1 91  ALA 91  91  91  ALA ALA A . n 
A 1 92  VAL 92  92  92  VAL VAL A . n 
A 1 93  GLY 93  93  93  GLY GLY A . n 
A 1 94  ASP 94  94  94  ASP ASP A . n 
A 1 95  SER 95  95  95  SER SER A . n 
A 1 96  PRO 96  96  96  PRO PRO A . n 
A 1 97  ALA 97  97  97  ALA ALA A . n 
A 1 98  ASN 98  98  98  ASN ASN A . n 
A 1 99  LEU 99  99  99  LEU LEU A . n 
A 1 100 ASP 100 100 100 ASP ASP A . n 
A 1 101 GLN 101 101 101 GLN GLN A . n 
A 1 102 ILE 102 102 102 ILE ILE A . n 
A 1 103 VAL 103 103 103 VAL VAL A . n 
A 1 104 SER 104 104 104 SER SER A . n 
A 1 105 ALA 105 105 105 ALA ALA A . n 
A 1 106 LYS 106 106 106 LYS LYS A . n 
A 1 107 LYS 107 107 107 LYS LYS A . n 
A 1 108 PRO 108 108 108 PRO PRO A . n 
A 1 109 LYS 109 109 109 LYS LYS A . n 
A 1 110 ILE 110 110 110 ILE ILE A . n 
A 1 111 VAL 111 111 111 VAL VAL A . n 
A 1 112 GLN 112 112 112 GLN GLN A . n 
A 1 113 GLU 113 113 113 GLU GLU A . n 
A 1 114 ARG 114 114 114 ARG ARG A . n 
A 1 115 LEU 115 115 115 LEU LEU A . n 
A 1 116 GLU 116 116 116 GLU GLU A . n 
A 1 117 LYS 117 117 117 LYS LYS A . n 
A 1 118 VAL 118 118 118 VAL VAL A . n 
A 1 119 ILE 119 119 119 ILE ILE A . n 
A 1 120 ALA 120 120 120 ALA ALA A . n 
A 1 121 SER 121 121 ?   ?   ?   A . n 
A 1 122 ALA 122 122 ?   ?   ?   A . n 
A 1 123 LYS 123 123 ?   ?   ?   A . n 
# 
loop_
_pdbx_nonpoly_scheme.asym_id 
_pdbx_nonpoly_scheme.entity_id 
_pdbx_nonpoly_scheme.mon_id 
_pdbx_nonpoly_scheme.ndb_seq_num 
_pdbx_nonpoly_scheme.pdb_seq_num 
_pdbx_nonpoly_scheme.auth_seq_num 
_pdbx_nonpoly_scheme.pdb_mon_id 
_pdbx_nonpoly_scheme.auth_mon_id 
_pdbx_nonpoly_scheme.pdb_strand_id 
_pdbx_nonpoly_scheme.pdb_ins_code 
B 2 CU  1  124 1  CU  CU  A . 
C 3 HOH 1  125 2  HOH HOH A . 
C 3 HOH 2  126 3  HOH HOH A . 
C 3 HOH 3  127 4  HOH HOH A . 
C 3 HOH 4  128 5  HOH HOH A . 
C 3 HOH 5  129 6  HOH HOH A . 
C 3 HOH 6  130 7  HOH HOH A . 
C 3 HOH 7  131 8  HOH HOH A . 
C 3 HOH 8  132 9  HOH HOH A . 
C 3 HOH 9  133 10 HOH HOH A . 
C 3 HOH 10 134 11 HOH HOH A . 
C 3 HOH 11 135 12 HOH HOH A . 
C 3 HOH 12 136 13 HOH HOH A . 
C 3 HOH 13 137 14 HOH HOH A . 
C 3 HOH 14 138 15 HOH HOH A . 
C 3 HOH 15 139 16 HOH HOH A . 
C 3 HOH 16 140 17 HOH HOH A . 
C 3 HOH 17 141 18 HOH HOH A . 
C 3 HOH 18 142 19 HOH HOH A . 
C 3 HOH 19 143 20 HOH HOH A . 
C 3 HOH 20 144 21 HOH HOH A . 
C 3 HOH 21 145 22 HOH HOH A . 
C 3 HOH 22 146 23 HOH HOH A . 
C 3 HOH 23 147 24 HOH HOH A . 
C 3 HOH 24 148 25 HOH HOH A . 
C 3 HOH 25 149 26 HOH HOH A . 
C 3 HOH 26 150 27 HOH HOH A . 
C 3 HOH 27 151 28 HOH HOH A . 
C 3 HOH 28 152 29 HOH HOH A . 
C 3 HOH 29 153 30 HOH HOH A . 
C 3 HOH 30 154 31 HOH HOH A . 
C 3 HOH 31 155 32 HOH HOH A . 
C 3 HOH 32 156 33 HOH HOH A . 
C 3 HOH 33 157 34 HOH HOH A . 
C 3 HOH 34 158 35 HOH HOH A . 
C 3 HOH 35 159 36 HOH HOH A . 
C 3 HOH 36 160 37 HOH HOH A . 
C 3 HOH 37 161 38 HOH HOH A . 
C 3 HOH 38 162 39 HOH HOH A . 
C 3 HOH 39 163 40 HOH HOH A . 
C 3 HOH 40 164 41 HOH HOH A . 
C 3 HOH 41 165 42 HOH HOH A . 
C 3 HOH 42 166 43 HOH HOH A . 
C 3 HOH 43 167 44 HOH HOH A . 
C 3 HOH 44 168 45 HOH HOH A . 
C 3 HOH 45 169 46 HOH HOH A . 
C 3 HOH 46 170 47 HOH HOH A . 
C 3 HOH 47 171 48 HOH HOH A . 
C 3 HOH 48 172 49 HOH HOH A . 
C 3 HOH 49 173 50 HOH HOH A . 
C 3 HOH 50 174 51 HOH HOH A . 
C 3 HOH 51 175 52 HOH HOH A . 
C 3 HOH 52 176 53 HOH HOH A . 
C 3 HOH 53 177 54 HOH HOH A . 
C 3 HOH 54 178 55 HOH HOH A . 
C 3 HOH 55 179 56 HOH HOH A . 
C 3 HOH 56 180 57 HOH HOH A . 
C 3 HOH 57 181 58 HOH HOH A . 
C 3 HOH 58 182 59 HOH HOH A . 
C 3 HOH 59 183 60 HOH HOH A . 
C 3 HOH 60 184 61 HOH HOH A . 
C 3 HOH 61 185 62 HOH HOH A . 
C 3 HOH 62 186 63 HOH HOH A . 
C 3 HOH 63 187 64 HOH HOH A . 
C 3 HOH 64 188 65 HOH HOH A . 
C 3 HOH 65 189 66 HOH HOH A . 
C 3 HOH 66 190 67 HOH HOH A . 
C 3 HOH 67 191 68 HOH HOH A . 
C 3 HOH 68 192 69 HOH HOH A . 
C 3 HOH 69 193 70 HOH HOH A . 
C 3 HOH 70 194 71 HOH HOH A . 
C 3 HOH 71 195 72 HOH HOH A . 
C 3 HOH 72 196 73 HOH HOH A . 
C 3 HOH 73 197 74 HOH HOH A . 
C 3 HOH 74 198 75 HOH HOH A . 
C 3 HOH 75 199 76 HOH HOH A . 
C 3 HOH 76 200 77 HOH HOH A . 
C 3 HOH 77 201 78 HOH HOH A . 
C 3 HOH 78 202 79 HOH HOH A . 
C 3 HOH 79 203 80 HOH HOH A . 
C 3 HOH 80 204 81 HOH HOH A . 
C 3 HOH 81 205 82 HOH HOH A . 
C 3 HOH 82 206 83 HOH HOH A . 
C 3 HOH 83 207 84 HOH HOH A . 
C 3 HOH 84 208 85 HOH HOH A . 
C 3 HOH 85 209 86 HOH HOH A . 
C 3 HOH 86 210 87 HOH HOH A . 
C 3 HOH 87 211 88 HOH HOH A . 
C 3 HOH 88 212 89 HOH HOH A . 
C 3 HOH 89 213 90 HOH HOH A . 
C 3 HOH 90 214 91 HOH HOH A . 
C 3 HOH 91 215 92 HOH HOH A . 
C 3 HOH 92 216 93 HOH HOH A . 
C 3 HOH 93 217 94 HOH HOH A . 
# 
_software.name             PROLSQ 
_software.classification   refinement 
_software.version          . 
_software.citation_id      ? 
_software.pdbx_ordinal     1 
# 
_cell.entry_id           1PAZ 
_cell.length_a           50.000 
_cell.length_b           50.000 
_cell.length_c           98.500 
_cell.angle_alpha        90.00 
_cell.angle_beta         90.00 
_cell.angle_gamma        120.00 
_cell.Z_PDB              6 
_cell.pdbx_unique_axis   ? 
# 
_symmetry.entry_id                         1PAZ 
_symmetry.space_group_name_H-M             'P 65' 
_symmetry.pdbx_full_space_group_name_H-M   ? 
_symmetry.cell_setting                     ? 
_symmetry.Int_Tables_number                170 
# 
_exptl.entry_id          1PAZ 
_exptl.method            'X-RAY DIFFRACTION' 
_exptl.crystals_number   ? 
# 
_exptl_crystal.id                    1 
_exptl_crystal.density_meas          ? 
_exptl_crystal.density_Matthews      2.65 
_exptl_crystal.density_percent_sol   53.66 
_exptl_crystal.description           ? 
# 
_diffrn.id                     1 
_diffrn.ambient_temp           ? 
_diffrn.ambient_temp_details   ? 
_diffrn.crystal_id             1 
# 
_diffrn_radiation.diffrn_id                        1 
_diffrn_radiation.wavelength_id                    1 
_diffrn_radiation.pdbx_monochromatic_or_laue_m_l   ? 
_diffrn_radiation.monochromator                    ? 
_diffrn_radiation.pdbx_diffrn_protocol             ? 
_diffrn_radiation.pdbx_scattering_type             x-ray 
# 
_diffrn_radiation_wavelength.id           1 
_diffrn_radiation_wavelength.wavelength   . 
_diffrn_radiation_wavelength.wt           1.0 
# 
_refine.entry_id                                 1PAZ 
_refine.ls_number_reflns_obs                     ? 
_refine.ls_number_reflns_all                     ? 
_refine.pdbx_ls_sigma_I                          ? 
_refine.pdbx_ls_sigma_F                          ? 
_refine.pdbx_data_cutoff_high_absF               ? 
_refine.pdbx_data_cutoff_low_absF                ? 
_refine.pdbx_data_cutoff_high_rms_absF           ? 
_refine.ls_d_res_low                             9.0 
_refine.ls_d_res_high                            1.55 
_refine.ls_percent_reflns_obs                    ? 
_refine.ls_R_factor_obs                          0.1800000 
_refine.ls_R_factor_all                          ? 
_refine.ls_R_factor_R_work                       ? 
_refine.ls_R_factor_R_free                       ? 
_refine.ls_R_factor_R_free_error                 ? 
_refine.ls_R_factor_R_free_error_details         ? 
_refine.ls_percent_reflns_R_free                 ? 
_refine.ls_number_reflns_R_free                  ? 
_refine.ls_number_parameters                     ? 
_refine.ls_number_restraints                     ? 
_refine.occupancy_min                            ? 
_refine.occupancy_max                            ? 
_refine.B_iso_mean                               ? 
_refine.aniso_B[1][1]                            ? 
_refine.aniso_B[2][2]                            ? 
_refine.aniso_B[3][3]                            ? 
_refine.aniso_B[1][2]                            ? 
_refine.aniso_B[1][3]                            ? 
_refine.aniso_B[2][3]                            ? 
_refine.solvent_model_details                    ? 
_refine.solvent_model_param_ksol                 ? 
_refine.solvent_model_param_bsol                 ? 
_refine.pdbx_ls_cross_valid_method               ? 
_refine.details                                  ? 
_refine.pdbx_starting_model                      ? 
_refine.pdbx_method_to_determine_struct          ? 
_refine.pdbx_isotropic_thermal_model             ? 
_refine.pdbx_stereochemistry_target_values       ? 
_refine.pdbx_stereochem_target_val_spec_case     ? 
_refine.pdbx_R_Free_selection_details            ? 
_refine.pdbx_overall_ESU_R                       ? 
_refine.pdbx_overall_ESU_R_Free                  ? 
_refine.overall_SU_ML                            ? 
_refine.overall_SU_B                             ? 
_refine.pdbx_refine_id                           'X-RAY DIFFRACTION' 
_refine.pdbx_diffrn_id                           1 
_refine.pdbx_TLS_residual_ADP_flag               ? 
_refine.correlation_coeff_Fo_to_Fc               ? 
_refine.correlation_coeff_Fo_to_Fc_free          ? 
_refine.pdbx_solvent_vdw_probe_radii             ? 
_refine.pdbx_solvent_ion_probe_radii             ? 
_refine.pdbx_solvent_shrinkage_radii             ? 
_refine.pdbx_overall_phase_error                 ? 
_refine.overall_SU_R_Cruickshank_DPI             ? 
_refine.pdbx_overall_SU_R_free_Cruickshank_DPI   ? 
_refine.pdbx_overall_SU_R_Blow_DPI               ? 
_refine.pdbx_overall_SU_R_free_Blow_DPI          ? 
# 
_refine_hist.pdbx_refine_id                   'X-RAY DIFFRACTION' 
_refine_hist.cycle_id                         LAST 
_refine_hist.pdbx_number_atoms_protein        916 
_refine_hist.pdbx_number_atoms_nucleic_acid   0 
_refine_hist.pdbx_number_atoms_ligand         1 
_refine_hist.number_atoms_solvent             93 
_refine_hist.number_atoms_total               1010 
_refine_hist.d_res_high                       1.55 
_refine_hist.d_res_low                        9.0 
# 
loop_
_refine_ls_restr.type 
_refine_ls_restr.dev_ideal 
_refine_ls_restr.dev_ideal_target 
_refine_ls_restr.weight 
_refine_ls_restr.number 
_refine_ls_restr.pdbx_refine_id 
_refine_ls_restr.pdbx_restraint_function 
p_bond_d            0.010 0.020 ? ? 'X-RAY DIFFRACTION' ? 
p_angle_d           0.034 0.040 ? ? 'X-RAY DIFFRACTION' ? 
p_angle_deg         ?     ?     ? ? 'X-RAY DIFFRACTION' ? 
p_planar_d          0.034 0.040 ? ? 'X-RAY DIFFRACTION' ? 
p_hb_or_metal_coord ?     ?     ? ? 'X-RAY DIFFRACTION' ? 
p_mcbond_it         ?     ?     ? ? 'X-RAY DIFFRACTION' ? 
p_mcangle_it        ?     ?     ? ? 'X-RAY DIFFRACTION' ? 
p_scbond_it         ?     ?     ? ? 'X-RAY DIFFRACTION' ? 
p_scangle_it        ?     ?     ? ? 'X-RAY DIFFRACTION' ? 
p_plane_restr       0.011 0.020 ? ? 'X-RAY DIFFRACTION' ? 
p_chiral_restr      0.110 0.120 ? ? 'X-RAY DIFFRACTION' ? 
p_singtor_nbd       0.191 0.500 ? ? 'X-RAY DIFFRACTION' ? 
p_multtor_nbd       0.294 0.500 ? ? 'X-RAY DIFFRACTION' ? 
p_xhyhbond_nbd      0.128 0.500 ? ? 'X-RAY DIFFRACTION' ? 
p_xyhbond_nbd       ?     ?     ? ? 'X-RAY DIFFRACTION' ? 
p_planar_tor        2.2   3.0   ? ? 'X-RAY DIFFRACTION' ? 
p_staggered_tor     16.5  15.0  ? ? 'X-RAY DIFFRACTION' ? 
p_orthonormal_tor   34.1  20.0  ? ? 'X-RAY DIFFRACTION' ? 
p_transverse_tor    ?     ?     ? ? 'X-RAY DIFFRACTION' ? 
p_special_tor       ?     ?     ? ? 'X-RAY DIFFRACTION' ? 
# 
_struct.entry_id                  1PAZ 
_struct.title                     
'REFINEMENT OF THE STRUCTURE OF PSEUDOAZURIN FROM ALCALIGENES FAECALIS S-6 AT 1.55 ANGSTROMS RESOLUTION' 
_struct.pdbx_model_details        ? 
_struct.pdbx_CASP_flag            ? 
_struct.pdbx_model_type_details   ? 
# 
_struct_keywords.entry_id        1PAZ 
_struct_keywords.pdbx_keywords   'ELECTRON TRANSFER(CUPROPROTEIN)' 
_struct_keywords.text            'ELECTRON TRANSFER(CUPROPROTEIN)' 
# 
loop_
_struct_asym.id 
_struct_asym.pdbx_blank_PDB_chainid_flag 
_struct_asym.pdbx_modified 
_struct_asym.entity_id 
_struct_asym.details 
A N N 1 ? 
B N N 2 ? 
C N N 3 ? 
# 
_struct_ref.id                         1 
_struct_ref.db_name                    UNP 
_struct_ref.db_code                    AZUP_ALCFA 
_struct_ref.entity_id                  1 
_struct_ref.pdbx_db_accession          P04377 
_struct_ref.pdbx_align_begin           1 
_struct_ref.pdbx_seq_one_letter_code   
;MRNIAIKFAAAGILAMLAAPALAENIEVHMLNKGAEGAMVFEPAYIKANPGDTVTFIPVDKGHNVESIKDMIPEGAEKFK
SKINENYVLTVTQPGAYLVKCTPHYAMGMIALIAVGDSPANLDQIVSAKKPKIVQERLEKVIASAK
;
_struct_ref.pdbx_db_isoform            ? 
# 
_struct_ref_seq.align_id                      1 
_struct_ref_seq.ref_id                        1 
_struct_ref_seq.pdbx_PDB_id_code              1PAZ 
_struct_ref_seq.pdbx_strand_id                A 
_struct_ref_seq.seq_align_beg                 1 
_struct_ref_seq.pdbx_seq_align_beg_ins_code   ? 
_struct_ref_seq.seq_align_end                 123 
_struct_ref_seq.pdbx_seq_align_end_ins_code   ? 
_struct_ref_seq.pdbx_db_accession             P04377 
_struct_ref_seq.db_align_beg                  24 
_struct_ref_seq.pdbx_db_align_beg_ins_code    ? 
_struct_ref_seq.db_align_end                  146 
_struct_ref_seq.pdbx_db_align_end_ins_code    ? 
_struct_ref_seq.pdbx_auth_seq_align_beg       1 
_struct_ref_seq.pdbx_auth_seq_align_end       123 
# 
_pdbx_struct_assembly.id                   1 
_pdbx_struct_assembly.details              author_defined_assembly 
_pdbx_struct_assembly.method_details       ? 
_pdbx_struct_assembly.oligomeric_details   monomeric 
_pdbx_struct_assembly.oligomeric_count     1 
# 
_pdbx_struct_assembly_gen.assembly_id       1 
_pdbx_struct_assembly_gen.oper_expression   1 
_pdbx_struct_assembly_gen.asym_id_list      A,B,C 
# 
_pdbx_struct_oper_list.id                   1 
_pdbx_struct_oper_list.type                 'identity operation' 
_pdbx_struct_oper_list.name                 1_555 
_pdbx_struct_oper_list.symmetry_operation   x,y,z 
_pdbx_struct_oper_list.matrix[1][1]         1.0000000000 
_pdbx_struct_oper_list.matrix[1][2]         0.0000000000 
_pdbx_struct_oper_list.matrix[1][3]         0.0000000000 
_pdbx_struct_oper_list.vector[1]            0.0000000000 
_pdbx_struct_oper_list.matrix[2][1]         0.0000000000 
_pdbx_struct_oper_list.matrix[2][2]         1.0000000000 
_pdbx_struct_oper_list.matrix[2][3]         0.0000000000 
_pdbx_struct_oper_list.vector[2]            0.0000000000 
_pdbx_struct_oper_list.matrix[3][1]         0.0000000000 
_pdbx_struct_oper_list.matrix[3][2]         0.0000000000 
_pdbx_struct_oper_list.matrix[3][3]         1.0000000000 
_pdbx_struct_oper_list.vector[3]            0.0000000000 
# 
_struct_biol.id   1 
# 
loop_
_struct_conf.conf_type_id 
_struct_conf.id 
_struct_conf.pdbx_PDB_helix_id 
_struct_conf.beg_label_comp_id 
_struct_conf.beg_label_asym_id 
_struct_conf.beg_label_seq_id 
_struct_conf.pdbx_beg_PDB_ins_code 
_struct_conf.end_label_comp_id 
_struct_conf.end_label_asym_id 
_struct_conf.end_label_seq_id 
_struct_conf.pdbx_end_PDB_ins_code 
_struct_conf.beg_auth_comp_id 
_struct_conf.beg_auth_asym_id 
_struct_conf.beg_auth_seq_id 
_struct_conf.end_auth_comp_id 
_struct_conf.end_auth_asym_id 
_struct_conf.end_auth_seq_id 
_struct_conf.pdbx_PDB_helix_class 
_struct_conf.details 
_struct_conf.pdbx_PDB_helix_length 
HELX_P HELX_P1 A1 ASN A 98  ? ALA A 105 ? ASN A 98  ALA A 105 1 ? 8  
HELX_P HELX_P2 A2 PRO A 108 ? ALA A 120 ? PRO A 108 ALA A 120 1 ? 13 
# 
_struct_conf_type.id          HELX_P 
_struct_conf_type.criteria    ? 
_struct_conf_type.reference   ? 
# 
loop_
_struct_conn.id 
_struct_conn.conn_type_id 
_struct_conn.pdbx_leaving_atom_flag 
_struct_conn.pdbx_PDB_id 
_struct_conn.ptnr1_label_asym_id 
_struct_conn.ptnr1_label_comp_id 
_struct_conn.ptnr1_label_seq_id 
_struct_conn.ptnr1_label_atom_id 
_struct_conn.pdbx_ptnr1_label_alt_id 
_struct_conn.pdbx_ptnr1_PDB_ins_code 
_struct_conn.pdbx_ptnr1_standard_comp_id 
_struct_conn.ptnr1_symmetry 
_struct_conn.ptnr2_label_asym_id 
_struct_conn.ptnr2_label_comp_id 
_struct_conn.ptnr2_label_seq_id 
_struct_conn.ptnr2_label_atom_id 
_struct_conn.pdbx_ptnr2_label_alt_id 
_struct_conn.pdbx_ptnr2_PDB_ins_code 
_struct_conn.ptnr1_auth_asym_id 
_struct_conn.ptnr1_auth_comp_id 
_struct_conn.ptnr1_auth_seq_id 
_struct_conn.ptnr2_auth_asym_id 
_struct_conn.ptnr2_auth_comp_id 
_struct_conn.ptnr2_auth_seq_id 
_struct_conn.ptnr2_symmetry 
_struct_conn.pdbx_ptnr3_label_atom_id 
_struct_conn.pdbx_ptnr3_label_seq_id 
_struct_conn.pdbx_ptnr3_label_comp_id 
_struct_conn.pdbx_ptnr3_label_asym_id 
_struct_conn.pdbx_ptnr3_label_alt_id 
_struct_conn.pdbx_ptnr3_PDB_ins_code 
_struct_conn.details 
_struct_conn.pdbx_dist_value 
_struct_conn.pdbx_value_order 
_struct_conn.pdbx_role 
metalc1 metalc ? ? A HIS 40 ND1 ? ? ? 1_555 B CU . CU ? ? A HIS 40 A CU 124 1_555 ? ? ? ? ? ? ? 2.163 ? ? 
metalc2 metalc ? ? A CYS 78 SG  ? ? ? 1_555 B CU . CU ? ? A CYS 78 A CU 124 1_555 ? ? ? ? ? ? ? 2.156 ? ? 
metalc3 metalc ? ? A HIS 81 ND1 ? ? ? 1_555 B CU . CU ? ? A HIS 81 A CU 124 1_555 ? ? ? ? ? ? ? 2.125 ? ? 
metalc4 metalc ? ? A MET 86 SD  ? ? ? 1_555 B CU . CU ? ? A MET 86 A CU 124 1_555 ? ? ? ? ? ? ? 2.759 ? ? 
# 
_struct_conn_type.id          metalc 
_struct_conn_type.criteria    ? 
_struct_conn_type.reference   ? 
# 
loop_
_pdbx_struct_conn_angle.id 
_pdbx_struct_conn_angle.ptnr1_label_atom_id 
_pdbx_struct_conn_angle.ptnr1_label_alt_id 
_pdbx_struct_conn_angle.ptnr1_label_asym_id 
_pdbx_struct_conn_angle.ptnr1_label_comp_id 
_pdbx_struct_conn_angle.ptnr1_label_seq_id 
_pdbx_struct_conn_angle.ptnr1_auth_atom_id 
_pdbx_struct_conn_angle.ptnr1_auth_asym_id 
_pdbx_struct_conn_angle.ptnr1_auth_comp_id 
_pdbx_struct_conn_angle.ptnr1_auth_seq_id 
_pdbx_struct_conn_angle.ptnr1_PDB_ins_code 
_pdbx_struct_conn_angle.ptnr1_symmetry 
_pdbx_struct_conn_angle.ptnr2_label_atom_id 
_pdbx_struct_conn_angle.ptnr2_label_alt_id 
_pdbx_struct_conn_angle.ptnr2_label_asym_id 
_pdbx_struct_conn_angle.ptnr2_label_comp_id 
_pdbx_struct_conn_angle.ptnr2_label_seq_id 
_pdbx_struct_conn_angle.ptnr2_auth_atom_id 
_pdbx_struct_conn_angle.ptnr2_auth_asym_id 
_pdbx_struct_conn_angle.ptnr2_auth_comp_id 
_pdbx_struct_conn_angle.ptnr2_auth_seq_id 
_pdbx_struct_conn_angle.ptnr2_PDB_ins_code 
_pdbx_struct_conn_angle.ptnr2_symmetry 
_pdbx_struct_conn_angle.ptnr3_label_atom_id 
_pdbx_struct_conn_angle.ptnr3_label_alt_id 
_pdbx_struct_conn_angle.ptnr3_label_asym_id 
_pdbx_struct_conn_angle.ptnr3_label_comp_id 
_pdbx_struct_conn_angle.ptnr3_label_seq_id 
_pdbx_struct_conn_angle.ptnr3_auth_atom_id 
_pdbx_struct_conn_angle.ptnr3_auth_asym_id 
_pdbx_struct_conn_angle.ptnr3_auth_comp_id 
_pdbx_struct_conn_angle.ptnr3_auth_seq_id 
_pdbx_struct_conn_angle.ptnr3_PDB_ins_code 
_pdbx_struct_conn_angle.ptnr3_symmetry 
_pdbx_struct_conn_angle.value 
_pdbx_struct_conn_angle.value_esd 
1 ND1 ? A HIS 40 ? A HIS 40 ? 1_555 CU ? B CU . ? A CU 124 ? 1_555 SG  ? A CYS 78 ? A CYS 78 ? 1_555 136.1 ? 
2 ND1 ? A HIS 40 ? A HIS 40 ? 1_555 CU ? B CU . ? A CU 124 ? 1_555 ND1 ? A HIS 81 ? A HIS 81 ? 1_555 99.6  ? 
3 SG  ? A CYS 78 ? A CYS 78 ? 1_555 CU ? B CU . ? A CU 124 ? 1_555 ND1 ? A HIS 81 ? A HIS 81 ? 1_555 111.6 ? 
4 ND1 ? A HIS 40 ? A HIS 40 ? 1_555 CU ? B CU . ? A CU 124 ? 1_555 SD  ? A MET 86 ? A MET 86 ? 1_555 86.7  ? 
5 SG  ? A CYS 78 ? A CYS 78 ? 1_555 CU ? B CU . ? A CU 124 ? 1_555 SD  ? A MET 86 ? A MET 86 ? 1_555 108.1 ? 
6 ND1 ? A HIS 81 ? A HIS 81 ? 1_555 CU ? B CU . ? A CU 124 ? 1_555 SD  ? A MET 86 ? A MET 86 ? 1_555 111.7 ? 
# 
_struct_mon_prot_cis.pdbx_id                1 
_struct_mon_prot_cis.label_comp_id          GLU 
_struct_mon_prot_cis.label_seq_id           19 
_struct_mon_prot_cis.label_asym_id          A 
_struct_mon_prot_cis.label_alt_id           . 
_struct_mon_prot_cis.pdbx_PDB_ins_code      ? 
_struct_mon_prot_cis.auth_comp_id           GLU 
_struct_mon_prot_cis.auth_seq_id            19 
_struct_mon_prot_cis.auth_asym_id           A 
_struct_mon_prot_cis.pdbx_label_comp_id_2   PRO 
_struct_mon_prot_cis.pdbx_label_seq_id_2    20 
_struct_mon_prot_cis.pdbx_label_asym_id_2   A 
_struct_mon_prot_cis.pdbx_PDB_ins_code_2    ? 
_struct_mon_prot_cis.pdbx_auth_comp_id_2    PRO 
_struct_mon_prot_cis.pdbx_auth_seq_id_2     20 
_struct_mon_prot_cis.pdbx_auth_asym_id_2    A 
_struct_mon_prot_cis.pdbx_PDB_model_num     1 
_struct_mon_prot_cis.pdbx_omega_angle       -0.91 
# 
_struct_sheet.id               S 
_struct_sheet.type             ? 
_struct_sheet.number_strands   9 
_struct_sheet.details          ? 
# 
loop_
_struct_sheet_order.sheet_id 
_struct_sheet_order.range_id_1 
_struct_sheet_order.range_id_2 
_struct_sheet_order.offset 
_struct_sheet_order.sense 
S 1 2 ? anti-parallel 
S 2 3 ? anti-parallel 
S 3 4 ? anti-parallel 
S 4 5 ? anti-parallel 
S 5 6 ? anti-parallel 
S 6 7 ? anti-parallel 
S 7 8 ? anti-parallel 
S 8 9 ? anti-parallel 
# 
loop_
_struct_sheet_range.sheet_id 
_struct_sheet_range.id 
_struct_sheet_range.beg_label_comp_id 
_struct_sheet_range.beg_label_asym_id 
_struct_sheet_range.beg_label_seq_id 
_struct_sheet_range.pdbx_beg_PDB_ins_code 
_struct_sheet_range.end_label_comp_id 
_struct_sheet_range.end_label_asym_id 
_struct_sheet_range.end_label_seq_id 
_struct_sheet_range.pdbx_end_PDB_ins_code 
_struct_sheet_range.beg_auth_comp_id 
_struct_sheet_range.beg_auth_asym_id 
_struct_sheet_range.beg_auth_seq_id 
_struct_sheet_range.end_auth_comp_id 
_struct_sheet_range.end_auth_asym_id 
_struct_sheet_range.end_auth_seq_id 
S 1 GLU A 54 ? SER A 58 ? GLU A 54 SER A 58 
S 2 VAL A 42 ? ILE A 45 ? VAL A 42 ILE A 45 
S 3 GLY A 72 ? LYS A 77 ? GLY A 72 LYS A 77 
S 4 ALA A 88 ? GLY A 93 ? ALA A 88 GLY A 93 
S 5 ALA A 15 ? ALA A 25 ? ALA A 15 ALA A 25 
S 6 GLU A 1  ? ASN A 9  ? GLU A 1  ASN A 9  
S 7 THR A 30 ? ASP A 37 ? THR A 30 ASP A 37 
S 8 ASN A 63 ? THR A 67 ? ASN A 63 THR A 67 
S 9 GLU A 54 ? SER A 58 ? GLU A 54 SER A 58 
# 
loop_
_pdbx_struct_sheet_hbond.sheet_id 
_pdbx_struct_sheet_hbond.range_id_1 
_pdbx_struct_sheet_hbond.range_id_2 
_pdbx_struct_sheet_hbond.range_1_label_atom_id 
_pdbx_struct_sheet_hbond.range_1_label_comp_id 
_pdbx_struct_sheet_hbond.range_1_label_asym_id 
_pdbx_struct_sheet_hbond.range_1_label_seq_id 
_pdbx_struct_sheet_hbond.range_1_PDB_ins_code 
_pdbx_struct_sheet_hbond.range_1_auth_atom_id 
_pdbx_struct_sheet_hbond.range_1_auth_comp_id 
_pdbx_struct_sheet_hbond.range_1_auth_asym_id 
_pdbx_struct_sheet_hbond.range_1_auth_seq_id 
_pdbx_struct_sheet_hbond.range_2_label_atom_id 
_pdbx_struct_sheet_hbond.range_2_label_comp_id 
_pdbx_struct_sheet_hbond.range_2_label_asym_id 
_pdbx_struct_sheet_hbond.range_2_label_seq_id 
_pdbx_struct_sheet_hbond.range_2_PDB_ins_code 
_pdbx_struct_sheet_hbond.range_2_auth_atom_id 
_pdbx_struct_sheet_hbond.range_2_auth_comp_id 
_pdbx_struct_sheet_hbond.range_2_auth_asym_id 
_pdbx_struct_sheet_hbond.range_2_auth_seq_id 
S 1 2 N SER A 58 ? N SER A 58 O VAL A 42 ? O VAL A 42 
S 2 3 N GLU A 43 ? N GLU A 43 O LYS A 77 ? O LYS A 77 
S 3 4 N GLY A 72 ? N GLY A 72 O VAL A 92 ? O VAL A 92 
S 4 5 N GLY A 93 ? N GLY A 93 O ALA A 25 ? O ALA A 25 
S 5 6 N MET A 16 ? N MET A 16 O ASN A 9  ? O ASN A 9  
S 6 7 O GLU A 1  ? O GLU A 1  N THR A 30 ? N THR A 30 
S 7 8 N VAL A 31 ? N VAL A 31 O LEU A 66 ? O LEU A 66 
# 
_struct_site.id                   AC1 
_struct_site.pdbx_evidence_code   Software 
_struct_site.pdbx_auth_asym_id    A 
_struct_site.pdbx_auth_comp_id    CU 
_struct_site.pdbx_auth_seq_id     124 
_struct_site.pdbx_auth_ins_code   ? 
_struct_site.pdbx_num_residues    4 
_struct_site.details              'BINDING SITE FOR RESIDUE CU A 124' 
# 
loop_
_struct_site_gen.id 
_struct_site_gen.site_id 
_struct_site_gen.pdbx_num_res 
_struct_site_gen.label_comp_id 
_struct_site_gen.label_asym_id 
_struct_site_gen.label_seq_id 
_struct_site_gen.pdbx_auth_ins_code 
_struct_site_gen.auth_comp_id 
_struct_site_gen.auth_asym_id 
_struct_site_gen.auth_seq_id 
_struct_site_gen.label_atom_id 
_struct_site_gen.label_alt_id 
_struct_site_gen.symmetry 
_struct_site_gen.details 
1 AC1 4 HIS A 40 ? HIS A 40 . ? 1_555 ? 
2 AC1 4 CYS A 78 ? CYS A 78 . ? 1_555 ? 
3 AC1 4 HIS A 81 ? HIS A 81 . ? 1_555 ? 
4 AC1 4 MET A 86 ? MET A 86 . ? 1_555 ? 
# 
loop_
_pdbx_validate_rmsd_bond.id 
_pdbx_validate_rmsd_bond.PDB_model_num 
_pdbx_validate_rmsd_bond.auth_atom_id_1 
_pdbx_validate_rmsd_bond.auth_asym_id_1 
_pdbx_validate_rmsd_bond.auth_comp_id_1 
_pdbx_validate_rmsd_bond.auth_seq_id_1 
_pdbx_validate_rmsd_bond.PDB_ins_code_1 
_pdbx_validate_rmsd_bond.label_alt_id_1 
_pdbx_validate_rmsd_bond.auth_atom_id_2 
_pdbx_validate_rmsd_bond.auth_asym_id_2 
_pdbx_validate_rmsd_bond.auth_comp_id_2 
_pdbx_validate_rmsd_bond.auth_seq_id_2 
_pdbx_validate_rmsd_bond.PDB_ins_code_2 
_pdbx_validate_rmsd_bond.label_alt_id_2 
_pdbx_validate_rmsd_bond.bond_value 
_pdbx_validate_rmsd_bond.bond_target_value 
_pdbx_validate_rmsd_bond.bond_deviation 
_pdbx_validate_rmsd_bond.bond_standard_deviation 
_pdbx_validate_rmsd_bond.linker_flag 
1 1 CD A GLU 51  ? ? OE2 A GLU 51  ? ? 1.323 1.252 0.071 0.011 N 
2 1 CD A GLU 54  ? ? OE2 A GLU 54  ? ? 1.325 1.252 0.073 0.011 N 
3 1 CD A GLU 62  ? ? OE2 A GLU 62  ? ? 1.320 1.252 0.068 0.011 N 
4 1 CD A GLU 113 ? ? OE2 A GLU 113 ? ? 1.320 1.252 0.068 0.011 N 
# 
loop_
_pdbx_validate_rmsd_angle.id 
_pdbx_validate_rmsd_angle.PDB_model_num 
_pdbx_validate_rmsd_angle.auth_atom_id_1 
_pdbx_validate_rmsd_angle.auth_asym_id_1 
_pdbx_validate_rmsd_angle.auth_comp_id_1 
_pdbx_validate_rmsd_angle.auth_seq_id_1 
_pdbx_validate_rmsd_angle.PDB_ins_code_1 
_pdbx_validate_rmsd_angle.label_alt_id_1 
_pdbx_validate_rmsd_angle.auth_atom_id_2 
_pdbx_validate_rmsd_angle.auth_asym_id_2 
_pdbx_validate_rmsd_angle.auth_comp_id_2 
_pdbx_validate_rmsd_angle.auth_seq_id_2 
_pdbx_validate_rmsd_angle.PDB_ins_code_2 
_pdbx_validate_rmsd_angle.label_alt_id_2 
_pdbx_validate_rmsd_angle.auth_atom_id_3 
_pdbx_validate_rmsd_angle.auth_asym_id_3 
_pdbx_validate_rmsd_angle.auth_comp_id_3 
_pdbx_validate_rmsd_angle.auth_seq_id_3 
_pdbx_validate_rmsd_angle.PDB_ins_code_3 
_pdbx_validate_rmsd_angle.label_alt_id_3 
_pdbx_validate_rmsd_angle.angle_value 
_pdbx_validate_rmsd_angle.angle_target_value 
_pdbx_validate_rmsd_angle.angle_deviation 
_pdbx_validate_rmsd_angle.angle_standard_deviation 
_pdbx_validate_rmsd_angle.linker_flag 
1 1 CB A ASP 37  ? ? CG A ASP 37  ? ? OD1 A ASP 37  ? ? 124.65 118.30 6.35  0.90 N 
2 1 CA A GLU 54  ? ? CB A GLU 54  ? ? CG  A GLU 54  ? ? 127.95 113.40 14.55 2.20 N 
3 1 CB A GLU 54  ? ? CG A GLU 54  ? ? CD  A GLU 54  ? ? 141.40 114.20 27.20 2.70 N 
4 1 CA A ALA 120 ? ? C  A ALA 120 ? ? O   A ALA 120 ? ? 133.74 120.10 13.64 2.10 N 
# 
loop_
_pdbx_validate_torsion.id 
_pdbx_validate_torsion.PDB_model_num 
_pdbx_validate_torsion.auth_comp_id 
_pdbx_validate_torsion.auth_asym_id 
_pdbx_validate_torsion.auth_seq_id 
_pdbx_validate_torsion.PDB_ins_code 
_pdbx_validate_torsion.label_alt_id 
_pdbx_validate_torsion.phi 
_pdbx_validate_torsion.psi 
1 1 MET A 16 ? ? 54.76   78.52  
2 1 THR A 69 ? ? -109.83 -63.96 
3 1 SER A 95 ? ? 36.40   68.96  
# 
_pdbx_database_remark.id     700 
_pdbx_database_remark.text   
;SHEET
THE NINE-STRANDED SHEET DESCRIBED ON THE *SHEET* RECORDS
BELOW IS ACTUALLY AN EIGHT-STRANDED BETA BARREL.  THIS IS
DENOTED BY THE FIRST STRAND RECURRING AS THE LAST STRAND.
STRAND 8 IS ADJACENT TO STRAND 9 (IDENTICAL TO STRAND 1)
BUT THERE ARE NO HYDROGEN BONDS BETWEEN STRANDS 8 AND 9.
THE STRANDS ARE IDENTIFIED AS 1, 2, 3, 4, 5, 6, 7, 8, AND 9
ON THE *SHEET* RECORDS BELOW AND AS STRANDS 5, 4, 7, 8, 2,
1, 3, 6, AND 5 IN THE PAPER CITED AS REFERENCE 1 ABOVE.
;
# 
loop_
_pdbx_unobs_or_zero_occ_residues.id 
_pdbx_unobs_or_zero_occ_residues.PDB_model_num 
_pdbx_unobs_or_zero_occ_residues.polymer_flag 
_pdbx_unobs_or_zero_occ_residues.occupancy_flag 
_pdbx_unobs_or_zero_occ_residues.auth_asym_id 
_pdbx_unobs_or_zero_occ_residues.auth_comp_id 
_pdbx_unobs_or_zero_occ_residues.auth_seq_id 
_pdbx_unobs_or_zero_occ_residues.PDB_ins_code 
_pdbx_unobs_or_zero_occ_residues.label_asym_id 
_pdbx_unobs_or_zero_occ_residues.label_comp_id 
_pdbx_unobs_or_zero_occ_residues.label_seq_id 
1 1 Y 1 A SER 121 ? A SER 121 
2 1 Y 1 A ALA 122 ? A ALA 122 
3 1 Y 1 A LYS 123 ? A LYS 123 
# 
loop_
_chem_comp_atom.comp_id 
_chem_comp_atom.atom_id 
_chem_comp_atom.type_symbol 
_chem_comp_atom.pdbx_aromatic_flag 
_chem_comp_atom.pdbx_stereo_config 
_chem_comp_atom.pdbx_ordinal 
ALA N    N  N N 1   
ALA CA   C  N S 2   
ALA C    C  N N 3   
ALA O    O  N N 4   
ALA CB   C  N N 5   
ALA OXT  O  N N 6   
ALA H    H  N N 7   
ALA H2   H  N N 8   
ALA HA   H  N N 9   
ALA HB1  H  N N 10  
ALA HB2  H  N N 11  
ALA HB3  H  N N 12  
ALA HXT  H  N N 13  
ARG N    N  N N 14  
ARG CA   C  N S 15  
ARG C    C  N N 16  
ARG O    O  N N 17  
ARG CB   C  N N 18  
ARG CG   C  N N 19  
ARG CD   C  N N 20  
ARG NE   N  N N 21  
ARG CZ   C  N N 22  
ARG NH1  N  N N 23  
ARG NH2  N  N N 24  
ARG OXT  O  N N 25  
ARG H    H  N N 26  
ARG H2   H  N N 27  
ARG HA   H  N N 28  
ARG HB2  H  N N 29  
ARG HB3  H  N N 30  
ARG HG2  H  N N 31  
ARG HG3  H  N N 32  
ARG HD2  H  N N 33  
ARG HD3  H  N N 34  
ARG HE   H  N N 35  
ARG HH11 H  N N 36  
ARG HH12 H  N N 37  
ARG HH21 H  N N 38  
ARG HH22 H  N N 39  
ARG HXT  H  N N 40  
ASN N    N  N N 41  
ASN CA   C  N S 42  
ASN C    C  N N 43  
ASN O    O  N N 44  
ASN CB   C  N N 45  
ASN CG   C  N N 46  
ASN OD1  O  N N 47  
ASN ND2  N  N N 48  
ASN OXT  O  N N 49  
ASN H    H  N N 50  
ASN H2   H  N N 51  
ASN HA   H  N N 52  
ASN HB2  H  N N 53  
ASN HB3  H  N N 54  
ASN HD21 H  N N 55  
ASN HD22 H  N N 56  
ASN HXT  H  N N 57  
ASP N    N  N N 58  
ASP CA   C  N S 59  
ASP C    C  N N 60  
ASP O    O  N N 61  
ASP CB   C  N N 62  
ASP CG   C  N N 63  
ASP OD1  O  N N 64  
ASP OD2  O  N N 65  
ASP OXT  O  N N 66  
ASP H    H  N N 67  
ASP H2   H  N N 68  
ASP HA   H  N N 69  
ASP HB2  H  N N 70  
ASP HB3  H  N N 71  
ASP HD2  H  N N 72  
ASP HXT  H  N N 73  
CU  CU   CU N N 74  
CYS N    N  N N 75  
CYS CA   C  N R 76  
CYS C    C  N N 77  
CYS O    O  N N 78  
CYS CB   C  N N 79  
CYS SG   S  N N 80  
CYS OXT  O  N N 81  
CYS H    H  N N 82  
CYS H2   H  N N 83  
CYS HA   H  N N 84  
CYS HB2  H  N N 85  
CYS HB3  H  N N 86  
CYS HG   H  N N 87  
CYS HXT  H  N N 88  
GLN N    N  N N 89  
GLN CA   C  N S 90  
GLN C    C  N N 91  
GLN O    O  N N 92  
GLN CB   C  N N 93  
GLN CG   C  N N 94  
GLN CD   C  N N 95  
GLN OE1  O  N N 96  
GLN NE2  N  N N 97  
GLN OXT  O  N N 98  
GLN H    H  N N 99  
GLN H2   H  N N 100 
GLN HA   H  N N 101 
GLN HB2  H  N N 102 
GLN HB3  H  N N 103 
GLN HG2  H  N N 104 
GLN HG3  H  N N 105 
GLN HE21 H  N N 106 
GLN HE22 H  N N 107 
GLN HXT  H  N N 108 
GLU N    N  N N 109 
GLU CA   C  N S 110 
GLU C    C  N N 111 
GLU O    O  N N 112 
GLU CB   C  N N 113 
GLU CG   C  N N 114 
GLU CD   C  N N 115 
GLU OE1  O  N N 116 
GLU OE2  O  N N 117 
GLU OXT  O  N N 118 
GLU H    H  N N 119 
GLU H2   H  N N 120 
GLU HA   H  N N 121 
GLU HB2  H  N N 122 
GLU HB3  H  N N 123 
GLU HG2  H  N N 124 
GLU HG3  H  N N 125 
GLU HE2  H  N N 126 
GLU HXT  H  N N 127 
GLY N    N  N N 128 
GLY CA   C  N N 129 
GLY C    C  N N 130 
GLY O    O  N N 131 
GLY OXT  O  N N 132 
GLY H    H  N N 133 
GLY H2   H  N N 134 
GLY HA2  H  N N 135 
GLY HA3  H  N N 136 
GLY HXT  H  N N 137 
HIS N    N  N N 138 
HIS CA   C  N S 139 
HIS C    C  N N 140 
HIS O    O  N N 141 
HIS CB   C  N N 142 
HIS CG   C  Y N 143 
HIS ND1  N  Y N 144 
HIS CD2  C  Y N 145 
HIS CE1  C  Y N 146 
HIS NE2  N  Y N 147 
HIS OXT  O  N N 148 
HIS H    H  N N 149 
HIS H2   H  N N 150 
HIS HA   H  N N 151 
HIS HB2  H  N N 152 
HIS HB3  H  N N 153 
HIS HD1  H  N N 154 
HIS HD2  H  N N 155 
HIS HE1  H  N N 156 
HIS HE2  H  N N 157 
HIS HXT  H  N N 158 
HOH O    O  N N 159 
HOH H1   H  N N 160 
HOH H2   H  N N 161 
ILE N    N  N N 162 
ILE CA   C  N S 163 
ILE C    C  N N 164 
ILE O    O  N N 165 
ILE CB   C  N S 166 
ILE CG1  C  N N 167 
ILE CG2  C  N N 168 
ILE CD1  C  N N 169 
ILE OXT  O  N N 170 
ILE H    H  N N 171 
ILE H2   H  N N 172 
ILE HA   H  N N 173 
ILE HB   H  N N 174 
ILE HG12 H  N N 175 
ILE HG13 H  N N 176 
ILE HG21 H  N N 177 
ILE HG22 H  N N 178 
ILE HG23 H  N N 179 
ILE HD11 H  N N 180 
ILE HD12 H  N N 181 
ILE HD13 H  N N 182 
ILE HXT  H  N N 183 
LEU N    N  N N 184 
LEU CA   C  N S 185 
LEU C    C  N N 186 
LEU O    O  N N 187 
LEU CB   C  N N 188 
LEU CG   C  N N 189 
LEU CD1  C  N N 190 
LEU CD2  C  N N 191 
LEU OXT  O  N N 192 
LEU H    H  N N 193 
LEU H2   H  N N 194 
LEU HA   H  N N 195 
LEU HB2  H  N N 196 
LEU HB3  H  N N 197 
LEU HG   H  N N 198 
LEU HD11 H  N N 199 
LEU HD12 H  N N 200 
LEU HD13 H  N N 201 
LEU HD21 H  N N 202 
LEU HD22 H  N N 203 
LEU HD23 H  N N 204 
LEU HXT  H  N N 205 
LYS N    N  N N 206 
LYS CA   C  N S 207 
LYS C    C  N N 208 
LYS O    O  N N 209 
LYS CB   C  N N 210 
LYS CG   C  N N 211 
LYS CD   C  N N 212 
LYS CE   C  N N 213 
LYS NZ   N  N N 214 
LYS OXT  O  N N 215 
LYS H    H  N N 216 
LYS H2   H  N N 217 
LYS HA   H  N N 218 
LYS HB2  H  N N 219 
LYS HB3  H  N N 220 
LYS HG2  H  N N 221 
LYS HG3  H  N N 222 
LYS HD2  H  N N 223 
LYS HD3  H  N N 224 
LYS HE2  H  N N 225 
LYS HE3  H  N N 226 
LYS HZ1  H  N N 227 
LYS HZ2  H  N N 228 
LYS HZ3  H  N N 229 
LYS HXT  H  N N 230 
MET N    N  N N 231 
MET CA   C  N S 232 
MET C    C  N N 233 
MET O    O  N N 234 
MET CB   C  N N 235 
MET CG   C  N N 236 
MET SD   S  N N 237 
MET CE   C  N N 238 
MET OXT  O  N N 239 
MET H    H  N N 240 
MET H2   H  N N 241 
MET HA   H  N N 242 
MET HB2  H  N N 243 
MET HB3  H  N N 244 
MET HG2  H  N N 245 
MET HG3  H  N N 246 
MET HE1  H  N N 247 
MET HE2  H  N N 248 
MET HE3  H  N N 249 
MET HXT  H  N N 250 
PHE N    N  N N 251 
PHE CA   C  N S 252 
PHE C    C  N N 253 
PHE O    O  N N 254 
PHE CB   C  N N 255 
PHE CG   C  Y N 256 
PHE CD1  C  Y N 257 
PHE CD2  C  Y N 258 
PHE CE1  C  Y N 259 
PHE CE2  C  Y N 260 
PHE CZ   C  Y N 261 
PHE OXT  O  N N 262 
PHE H    H  N N 263 
PHE H2   H  N N 264 
PHE HA   H  N N 265 
PHE HB2  H  N N 266 
PHE HB3  H  N N 267 
PHE HD1  H  N N 268 
PHE HD2  H  N N 269 
PHE HE1  H  N N 270 
PHE HE2  H  N N 271 
PHE HZ   H  N N 272 
PHE HXT  H  N N 273 
PRO N    N  N N 274 
PRO CA   C  N S 275 
PRO C    C  N N 276 
PRO O    O  N N 277 
PRO CB   C  N N 278 
PRO CG   C  N N 279 
PRO CD   C  N N 280 
PRO OXT  O  N N 281 
PRO H    H  N N 282 
PRO HA   H  N N 283 
PRO HB2  H  N N 284 
PRO HB3  H  N N 285 
PRO HG2  H  N N 286 
PRO HG3  H  N N 287 
PRO HD2  H  N N 288 
PRO HD3  H  N N 289 
PRO HXT  H  N N 290 
SER N    N  N N 291 
SER CA   C  N S 292 
SER C    C  N N 293 
SER O    O  N N 294 
SER CB   C  N N 295 
SER OG   O  N N 296 
SER OXT  O  N N 297 
SER H    H  N N 298 
SER H2   H  N N 299 
SER HA   H  N N 300 
SER HB2  H  N N 301 
SER HB3  H  N N 302 
SER HG   H  N N 303 
SER HXT  H  N N 304 
THR N    N  N N 305 
THR CA   C  N S 306 
THR C    C  N N 307 
THR O    O  N N 308 
THR CB   C  N R 309 
THR OG1  O  N N 310 
THR CG2  C  N N 311 
THR OXT  O  N N 312 
THR H    H  N N 313 
THR H2   H  N N 314 
THR HA   H  N N 315 
THR HB   H  N N 316 
THR HG1  H  N N 317 
THR HG21 H  N N 318 
THR HG22 H  N N 319 
THR HG23 H  N N 320 
THR HXT  H  N N 321 
TYR N    N  N N 322 
TYR CA   C  N S 323 
TYR C    C  N N 324 
TYR O    O  N N 325 
TYR CB   C  N N 326 
TYR CG   C  Y N 327 
TYR CD1  C  Y N 328 
TYR CD2  C  Y N 329 
TYR CE1  C  Y N 330 
TYR CE2  C  Y N 331 
TYR CZ   C  Y N 332 
TYR OH   O  N N 333 
TYR OXT  O  N N 334 
TYR H    H  N N 335 
TYR H2   H  N N 336 
TYR HA   H  N N 337 
TYR HB2  H  N N 338 
TYR HB3  H  N N 339 
TYR HD1  H  N N 340 
TYR HD2  H  N N 341 
TYR HE1  H  N N 342 
TYR HE2  H  N N 343 
TYR HH   H  N N 344 
TYR HXT  H  N N 345 
VAL N    N  N N 346 
VAL CA   C  N S 347 
VAL C    C  N N 348 
VAL O    O  N N 349 
VAL CB   C  N N 350 
VAL CG1  C  N N 351 
VAL CG2  C  N N 352 
VAL OXT  O  N N 353 
VAL H    H  N N 354 
VAL H2   H  N N 355 
VAL HA   H  N N 356 
VAL HB   H  N N 357 
VAL HG11 H  N N 358 
VAL HG12 H  N N 359 
VAL HG13 H  N N 360 
VAL HG21 H  N N 361 
VAL HG22 H  N N 362 
VAL HG23 H  N N 363 
VAL HXT  H  N N 364 
# 
loop_
_chem_comp_bond.comp_id 
_chem_comp_bond.atom_id_1 
_chem_comp_bond.atom_id_2 
_chem_comp_bond.value_order 
_chem_comp_bond.pdbx_aromatic_flag 
_chem_comp_bond.pdbx_stereo_config 
_chem_comp_bond.pdbx_ordinal 
ALA N   CA   sing N N 1   
ALA N   H    sing N N 2   
ALA N   H2   sing N N 3   
ALA CA  C    sing N N 4   
ALA CA  CB   sing N N 5   
ALA CA  HA   sing N N 6   
ALA C   O    doub N N 7   
ALA C   OXT  sing N N 8   
ALA CB  HB1  sing N N 9   
ALA CB  HB2  sing N N 10  
ALA CB  HB3  sing N N 11  
ALA OXT HXT  sing N N 12  
ARG N   CA   sing N N 13  
ARG N   H    sing N N 14  
ARG N   H2   sing N N 15  
ARG CA  C    sing N N 16  
ARG CA  CB   sing N N 17  
ARG CA  HA   sing N N 18  
ARG C   O    doub N N 19  
ARG C   OXT  sing N N 20  
ARG CB  CG   sing N N 21  
ARG CB  HB2  sing N N 22  
ARG CB  HB3  sing N N 23  
ARG CG  CD   sing N N 24  
ARG CG  HG2  sing N N 25  
ARG CG  HG3  sing N N 26  
ARG CD  NE   sing N N 27  
ARG CD  HD2  sing N N 28  
ARG CD  HD3  sing N N 29  
ARG NE  CZ   sing N N 30  
ARG NE  HE   sing N N 31  
ARG CZ  NH1  sing N N 32  
ARG CZ  NH2  doub N N 33  
ARG NH1 HH11 sing N N 34  
ARG NH1 HH12 sing N N 35  
ARG NH2 HH21 sing N N 36  
ARG NH2 HH22 sing N N 37  
ARG OXT HXT  sing N N 38  
ASN N   CA   sing N N 39  
ASN N   H    sing N N 40  
ASN N   H2   sing N N 41  
ASN CA  C    sing N N 42  
ASN CA  CB   sing N N 43  
ASN CA  HA   sing N N 44  
ASN C   O    doub N N 45  
ASN C   OXT  sing N N 46  
ASN CB  CG   sing N N 47  
ASN CB  HB2  sing N N 48  
ASN CB  HB3  sing N N 49  
ASN CG  OD1  doub N N 50  
ASN CG  ND2  sing N N 51  
ASN ND2 HD21 sing N N 52  
ASN ND2 HD22 sing N N 53  
ASN OXT HXT  sing N N 54  
ASP N   CA   sing N N 55  
ASP N   H    sing N N 56  
ASP N   H2   sing N N 57  
ASP CA  C    sing N N 58  
ASP CA  CB   sing N N 59  
ASP CA  HA   sing N N 60  
ASP C   O    doub N N 61  
ASP C   OXT  sing N N 62  
ASP CB  CG   sing N N 63  
ASP CB  HB2  sing N N 64  
ASP CB  HB3  sing N N 65  
ASP CG  OD1  doub N N 66  
ASP CG  OD2  sing N N 67  
ASP OD2 HD2  sing N N 68  
ASP OXT HXT  sing N N 69  
CYS N   CA   sing N N 70  
CYS N   H    sing N N 71  
CYS N   H2   sing N N 72  
CYS CA  C    sing N N 73  
CYS CA  CB   sing N N 74  
CYS CA  HA   sing N N 75  
CYS C   O    doub N N 76  
CYS C   OXT  sing N N 77  
CYS CB  SG   sing N N 78  
CYS CB  HB2  sing N N 79  
CYS CB  HB3  sing N N 80  
CYS SG  HG   sing N N 81  
CYS OXT HXT  sing N N 82  
GLN N   CA   sing N N 83  
GLN N   H    sing N N 84  
GLN N   H2   sing N N 85  
GLN CA  C    sing N N 86  
GLN CA  CB   sing N N 87  
GLN CA  HA   sing N N 88  
GLN C   O    doub N N 89  
GLN C   OXT  sing N N 90  
GLN CB  CG   sing N N 91  
GLN CB  HB2  sing N N 92  
GLN CB  HB3  sing N N 93  
GLN CG  CD   sing N N 94  
GLN CG  HG2  sing N N 95  
GLN CG  HG3  sing N N 96  
GLN CD  OE1  doub N N 97  
GLN CD  NE2  sing N N 98  
GLN NE2 HE21 sing N N 99  
GLN NE2 HE22 sing N N 100 
GLN OXT HXT  sing N N 101 
GLU N   CA   sing N N 102 
GLU N   H    sing N N 103 
GLU N   H2   sing N N 104 
GLU CA  C    sing N N 105 
GLU CA  CB   sing N N 106 
GLU CA  HA   sing N N 107 
GLU C   O    doub N N 108 
GLU C   OXT  sing N N 109 
GLU CB  CG   sing N N 110 
GLU CB  HB2  sing N N 111 
GLU CB  HB3  sing N N 112 
GLU CG  CD   sing N N 113 
GLU CG  HG2  sing N N 114 
GLU CG  HG3  sing N N 115 
GLU CD  OE1  doub N N 116 
GLU CD  OE2  sing N N 117 
GLU OE2 HE2  sing N N 118 
GLU OXT HXT  sing N N 119 
GLY N   CA   sing N N 120 
GLY N   H    sing N N 121 
GLY N   H2   sing N N 122 
GLY CA  C    sing N N 123 
GLY CA  HA2  sing N N 124 
GLY CA  HA3  sing N N 125 
GLY C   O    doub N N 126 
GLY C   OXT  sing N N 127 
GLY OXT HXT  sing N N 128 
HIS N   CA   sing N N 129 
HIS N   H    sing N N 130 
HIS N   H2   sing N N 131 
HIS CA  C    sing N N 132 
HIS CA  CB   sing N N 133 
HIS CA  HA   sing N N 134 
HIS C   O    doub N N 135 
HIS C   OXT  sing N N 136 
HIS CB  CG   sing N N 137 
HIS CB  HB2  sing N N 138 
HIS CB  HB3  sing N N 139 
HIS CG  ND1  sing Y N 140 
HIS CG  CD2  doub Y N 141 
HIS ND1 CE1  doub Y N 142 
HIS ND1 HD1  sing N N 143 
HIS CD2 NE2  sing Y N 144 
HIS CD2 HD2  sing N N 145 
HIS CE1 NE2  sing Y N 146 
HIS CE1 HE1  sing N N 147 
HIS NE2 HE2  sing N N 148 
HIS OXT HXT  sing N N 149 
HOH O   H1   sing N N 150 
HOH O   H2   sing N N 151 
ILE N   CA   sing N N 152 
ILE N   H    sing N N 153 
ILE N   H2   sing N N 154 
ILE CA  C    sing N N 155 
ILE CA  CB   sing N N 156 
ILE CA  HA   sing N N 157 
ILE C   O    doub N N 158 
ILE C   OXT  sing N N 159 
ILE CB  CG1  sing N N 160 
ILE CB  CG2  sing N N 161 
ILE CB  HB   sing N N 162 
ILE CG1 CD1  sing N N 163 
ILE CG1 HG12 sing N N 164 
ILE CG1 HG13 sing N N 165 
ILE CG2 HG21 sing N N 166 
ILE CG2 HG22 sing N N 167 
ILE CG2 HG23 sing N N 168 
ILE CD1 HD11 sing N N 169 
ILE CD1 HD12 sing N N 170 
ILE CD1 HD13 sing N N 171 
ILE OXT HXT  sing N N 172 
LEU N   CA   sing N N 173 
LEU N   H    sing N N 174 
LEU N   H2   sing N N 175 
LEU CA  C    sing N N 176 
LEU CA  CB   sing N N 177 
LEU CA  HA   sing N N 178 
LEU C   O    doub N N 179 
LEU C   OXT  sing N N 180 
LEU CB  CG   sing N N 181 
LEU CB  HB2  sing N N 182 
LEU CB  HB3  sing N N 183 
LEU CG  CD1  sing N N 184 
LEU CG  CD2  sing N N 185 
LEU CG  HG   sing N N 186 
LEU CD1 HD11 sing N N 187 
LEU CD1 HD12 sing N N 188 
LEU CD1 HD13 sing N N 189 
LEU CD2 HD21 sing N N 190 
LEU CD2 HD22 sing N N 191 
LEU CD2 HD23 sing N N 192 
LEU OXT HXT  sing N N 193 
LYS N   CA   sing N N 194 
LYS N   H    sing N N 195 
LYS N   H2   sing N N 196 
LYS CA  C    sing N N 197 
LYS CA  CB   sing N N 198 
LYS CA  HA   sing N N 199 
LYS C   O    doub N N 200 
LYS C   OXT  sing N N 201 
LYS CB  CG   sing N N 202 
LYS CB  HB2  sing N N 203 
LYS CB  HB3  sing N N 204 
LYS CG  CD   sing N N 205 
LYS CG  HG2  sing N N 206 
LYS CG  HG3  sing N N 207 
LYS CD  CE   sing N N 208 
LYS CD  HD2  sing N N 209 
LYS CD  HD3  sing N N 210 
LYS CE  NZ   sing N N 211 
LYS CE  HE2  sing N N 212 
LYS CE  HE3  sing N N 213 
LYS NZ  HZ1  sing N N 214 
LYS NZ  HZ2  sing N N 215 
LYS NZ  HZ3  sing N N 216 
LYS OXT HXT  sing N N 217 
MET N   CA   sing N N 218 
MET N   H    sing N N 219 
MET N   H2   sing N N 220 
MET CA  C    sing N N 221 
MET CA  CB   sing N N 222 
MET CA  HA   sing N N 223 
MET C   O    doub N N 224 
MET C   OXT  sing N N 225 
MET CB  CG   sing N N 226 
MET CB  HB2  sing N N 227 
MET CB  HB3  sing N N 228 
MET CG  SD   sing N N 229 
MET CG  HG2  sing N N 230 
MET CG  HG3  sing N N 231 
MET SD  CE   sing N N 232 
MET CE  HE1  sing N N 233 
MET CE  HE2  sing N N 234 
MET CE  HE3  sing N N 235 
MET OXT HXT  sing N N 236 
PHE N   CA   sing N N 237 
PHE N   H    sing N N 238 
PHE N   H2   sing N N 239 
PHE CA  C    sing N N 240 
PHE CA  CB   sing N N 241 
PHE CA  HA   sing N N 242 
PHE C   O    doub N N 243 
PHE C   OXT  sing N N 244 
PHE CB  CG   sing N N 245 
PHE CB  HB2  sing N N 246 
PHE CB  HB3  sing N N 247 
PHE CG  CD1  doub Y N 248 
PHE CG  CD2  sing Y N 249 
PHE CD1 CE1  sing Y N 250 
PHE CD1 HD1  sing N N 251 
PHE CD2 CE2  doub Y N 252 
PHE CD2 HD2  sing N N 253 
PHE CE1 CZ   doub Y N 254 
PHE CE1 HE1  sing N N 255 
PHE CE2 CZ   sing Y N 256 
PHE CE2 HE2  sing N N 257 
PHE CZ  HZ   sing N N 258 
PHE OXT HXT  sing N N 259 
PRO N   CA   sing N N 260 
PRO N   CD   sing N N 261 
PRO N   H    sing N N 262 
PRO CA  C    sing N N 263 
PRO CA  CB   sing N N 264 
PRO CA  HA   sing N N 265 
PRO C   O    doub N N 266 
PRO C   OXT  sing N N 267 
PRO CB  CG   sing N N 268 
PRO CB  HB2  sing N N 269 
PRO CB  HB3  sing N N 270 
PRO CG  CD   sing N N 271 
PRO CG  HG2  sing N N 272 
PRO CG  HG3  sing N N 273 
PRO CD  HD2  sing N N 274 
PRO CD  HD3  sing N N 275 
PRO OXT HXT  sing N N 276 
SER N   CA   sing N N 277 
SER N   H    sing N N 278 
SER N   H2   sing N N 279 
SER CA  C    sing N N 280 
SER CA  CB   sing N N 281 
SER CA  HA   sing N N 282 
SER C   O    doub N N 283 
SER C   OXT  sing N N 284 
SER CB  OG   sing N N 285 
SER CB  HB2  sing N N 286 
SER CB  HB3  sing N N 287 
SER OG  HG   sing N N 288 
SER OXT HXT  sing N N 289 
THR N   CA   sing N N 290 
THR N   H    sing N N 291 
THR N   H2   sing N N 292 
THR CA  C    sing N N 293 
THR CA  CB   sing N N 294 
THR CA  HA   sing N N 295 
THR C   O    doub N N 296 
THR C   OXT  sing N N 297 
THR CB  OG1  sing N N 298 
THR CB  CG2  sing N N 299 
THR CB  HB   sing N N 300 
THR OG1 HG1  sing N N 301 
THR CG2 HG21 sing N N 302 
THR CG2 HG22 sing N N 303 
THR CG2 HG23 sing N N 304 
THR OXT HXT  sing N N 305 
TYR N   CA   sing N N 306 
TYR N   H    sing N N 307 
TYR N   H2   sing N N 308 
TYR CA  C    sing N N 309 
TYR CA  CB   sing N N 310 
TYR CA  HA   sing N N 311 
TYR C   O    doub N N 312 
TYR C   OXT  sing N N 313 
TYR CB  CG   sing N N 314 
TYR CB  HB2  sing N N 315 
TYR CB  HB3  sing N N 316 
TYR CG  CD1  doub Y N 317 
TYR CG  CD2  sing Y N 318 
TYR CD1 CE1  sing Y N 319 
TYR CD1 HD1  sing N N 320 
TYR CD2 CE2  doub Y N 321 
TYR CD2 HD2  sing N N 322 
TYR CE1 CZ   doub Y N 323 
TYR CE1 HE1  sing N N 324 
TYR CE2 CZ   sing Y N 325 
TYR CE2 HE2  sing N N 326 
TYR CZ  OH   sing N N 327 
TYR OH  HH   sing N N 328 
TYR OXT HXT  sing N N 329 
VAL N   CA   sing N N 330 
VAL N   H    sing N N 331 
VAL N   H2   sing N N 332 
VAL CA  C    sing N N 333 
VAL CA  CB   sing N N 334 
VAL CA  HA   sing N N 335 
VAL C   O    doub N N 336 
VAL C   OXT  sing N N 337 
VAL CB  CG1  sing N N 338 
VAL CB  CG2  sing N N 339 
VAL CB  HB   sing N N 340 
VAL CG1 HG11 sing N N 341 
VAL CG1 HG12 sing N N 342 
VAL CG1 HG13 sing N N 343 
VAL CG2 HG21 sing N N 344 
VAL CG2 HG22 sing N N 345 
VAL CG2 HG23 sing N N 346 
VAL OXT HXT  sing N N 347 
# 
_atom_sites.entry_id                    1PAZ 
_atom_sites.fract_transf_matrix[1][1]   0.00149640 
_atom_sites.fract_transf_matrix[1][2]   0.00543042 
_atom_sites.fract_transf_matrix[1][3]   0.02239653 
_atom_sites.fract_transf_matrix[2][1]   0.02061849 
_atom_sites.fract_transf_matrix[2][2]   0.00059135 
_atom_sites.fract_transf_matrix[2][3]   0.01038561 
_atom_sites.fract_transf_matrix[3][1]   0.00094851 
_atom_sites.fract_transf_matrix[3][2]   0.00980827 
_atom_sites.fract_transf_matrix[3][3]   -0.00244156 
_atom_sites.fract_transf_vector[1]      0.537869 
_atom_sites.fract_transf_vector[2]      0.177108 
_atom_sites.fract_transf_vector[3]      0.492022 
# 
_atom_sites_footnote.id     1 
_atom_sites_footnote.text   'RESIDUE PRO 20 IS A CIS PROLINE.' 
# 
loop_
_atom_type.symbol 
C  
CU 
N  
O  
S  
# 
loop_
_atom_site.group_PDB 
_atom_site.id 
_atom_site.type_symbol 
_atom_site.label_atom_id 
_atom_site.label_alt_id 
_atom_site.label_comp_id 
_atom_site.label_asym_id 
_atom_site.label_entity_id 
_atom_site.label_seq_id 
_atom_site.pdbx_PDB_ins_code 
_atom_site.Cartn_x 
_atom_site.Cartn_y 
_atom_site.Cartn_z 
_atom_site.occupancy 
_atom_site.B_iso_or_equiv 
_atom_site.pdbx_formal_charge 
_atom_site.auth_seq_id 
_atom_site.auth_comp_id 
_atom_site.auth_asym_id 
_atom_site.auth_atom_id 
_atom_site.pdbx_PDB_model_num 
ATOM   1    N  N   . GLU A 1 1   ? -4.430  -17.066 -0.055  1.00 24.54 ? 1   GLU A N   1 
ATOM   2    C  CA  . GLU A 1 1   ? -2.950  -17.129 0.008   1.00 25.28 ? 1   GLU A CA  1 
ATOM   3    C  C   . GLU A 1 1   ? -2.454  -15.867 0.717   1.00 25.97 ? 1   GLU A C   1 
ATOM   4    O  O   . GLU A 1 1   ? -3.249  -14.935 0.852   1.00 16.71 ? 1   GLU A O   1 
ATOM   5    C  CB  . GLU A 1 1   ? -2.325  -17.287 -1.352  1.00 26.77 ? 1   GLU A CB  1 
ATOM   6    C  CG  . GLU A 1 1   ? -2.245  -16.174 -2.374  1.00 49.60 ? 1   GLU A CG  1 
ATOM   7    C  CD  . GLU A 1 1   ? -1.621  -16.669 -3.659  1.00 86.91 ? 1   GLU A CD  1 
ATOM   8    O  OE1 . GLU A 1 1   ? -2.016  -17.700 -4.179  1.00 86.91 ? 1   GLU A OE1 1 
ATOM   9    O  OE2 . GLU A 1 1   ? -0.658  -15.879 -4.064  1.00 84.58 ? 1   GLU A OE2 1 
ATOM   10   N  N   . ASN A 1 2   ? -1.215  -15.894 1.126   1.00 19.40 ? 2   ASN A N   1 
ATOM   11   C  CA  . ASN A 1 2   ? -0.571  -14.801 1.841   1.00 10.54 ? 2   ASN A CA  1 
ATOM   12   C  C   . ASN A 1 2   ? 0.583   -14.260 1.002   1.00 16.21 ? 2   ASN A C   1 
ATOM   13   O  O   . ASN A 1 2   ? 1.312   -14.980 0.316   1.00 16.60 ? 2   ASN A O   1 
ATOM   14   C  CB  . ASN A 1 2   ? -0.095  -15.319 3.198   1.00 14.96 ? 2   ASN A CB  1 
ATOM   15   C  CG  . ASN A 1 2   ? 0.554   -14.260 4.071   1.00 20.90 ? 2   ASN A CG  1 
ATOM   16   O  OD1 . ASN A 1 2   ? -0.059  -13.261 4.465   1.00 17.76 ? 2   ASN A OD1 1 
ATOM   17   N  ND2 . ASN A 1 2   ? 1.830   -14.485 4.425   1.00 18.29 ? 2   ASN A ND2 1 
ATOM   18   N  N   . ILE A 1 3   ? 0.695   -12.934 1.096   1.00 13.85 ? 3   ILE A N   1 
ATOM   19   C  CA  . ILE A 1 3   ? 1.745   -12.163 0.406   1.00 10.65 ? 3   ILE A CA  1 
ATOM   20   C  C   . ILE A 1 3   ? 2.490   -11.410 1.504   1.00 11.64 ? 3   ILE A C   1 
ATOM   21   O  O   . ILE A 1 3   ? 1.832   -10.681 2.274   1.00 13.39 ? 3   ILE A O   1 
ATOM   22   C  CB  . ILE A 1 3   ? 1.246   -11.183 -0.639  1.00 10.74 ? 3   ILE A CB  1 
ATOM   23   C  CG1 . ILE A 1 3   ? 0.401   -11.882 -1.694  1.00 14.87 ? 3   ILE A CG1 1 
ATOM   24   C  CG2 . ILE A 1 3   ? 2.418   -10.449 -1.286  1.00 13.55 ? 3   ILE A CG2 1 
ATOM   25   C  CD1 . ILE A 1 3   ? -1.106  -11.837 -1.402  1.00 21.47 ? 3   ILE A CD1 1 
ATOM   26   N  N   . GLU A 1 4   ? 3.789   -11.601 1.573   1.00 9.25  ? 4   GLU A N   1 
ATOM   27   C  CA  . GLU A 1 4   ? 4.599   -10.911 2.614   1.00 9.85  ? 4   GLU A CA  1 
ATOM   28   C  C   . GLU A 1 4   ? 5.256   -9.665  2.033   1.00 9.99  ? 4   GLU A C   1 
ATOM   29   O  O   . GLU A 1 4   ? 5.773   -9.670  0.892   1.00 12.41 ? 4   GLU A O   1 
ATOM   30   C  CB  . GLU A 1 4   ? 5.610   -11.906 3.131   1.00 14.52 ? 4   GLU A CB  1 
ATOM   31   C  CG  . GLU A 1 4   ? 6.759   -11.343 3.940   1.00 28.07 ? 4   GLU A CG  1 
ATOM   32   C  CD  . GLU A 1 4   ? 7.546   -12.501 4.521   1.00 50.06 ? 4   GLU A CD  1 
ATOM   33   O  OE1 . GLU A 1 4   ? 7.002   -13.533 4.876   1.00 26.16 ? 4   GLU A OE1 1 
ATOM   34   O  OE2 . GLU A 1 4   ? 8.817   -12.228 4.552   1.00 20.75 ? 4   GLU A OE2 1 
ATOM   35   N  N   . VAL A 1 5   ? 5.163   -8.570  2.772   1.00 8.93  ? 5   VAL A N   1 
ATOM   36   C  CA  . VAL A 1 5   ? 5.676   -7.243  2.389   1.00 7.43  ? 5   VAL A CA  1 
ATOM   37   C  C   . VAL A 1 5   ? 6.636   -6.745  3.482   1.00 9.38  ? 5   VAL A C   1 
ATOM   38   O  O   . VAL A 1 5   ? 6.279   -6.829  4.656   1.00 14.87 ? 5   VAL A O   1 
ATOM   39   C  CB  . VAL A 1 5   ? 4.464   -6.280  2.241   1.00 8.16  ? 5   VAL A CB  1 
ATOM   40   C  CG1 . VAL A 1 5   ? 4.841   -4.846  1.882   1.00 9.71  ? 5   VAL A CG1 1 
ATOM   41   C  CG2 . VAL A 1 5   ? 3.447   -6.812  1.210   1.00 8.78  ? 5   VAL A CG2 1 
ATOM   42   N  N   . HIS A 1 6   ? 7.806   -6.238  3.110   1.00 10.65 ? 6   HIS A N   1 
ATOM   43   C  CA  . HIS A 1 6   ? 8.767   -5.712  4.092   1.00 10.64 ? 6   HIS A CA  1 
ATOM   44   C  C   . HIS A 1 6   ? 8.722   -4.182  4.097   1.00 11.20 ? 6   HIS A C   1 
ATOM   45   O  O   . HIS A 1 6   ? 8.584   -3.596  3.007   1.00 11.27 ? 6   HIS A O   1 
ATOM   46   C  CB  . HIS A 1 6   ? 10.174  -6.168  3.710   1.00 11.00 ? 6   HIS A CB  1 
ATOM   47   C  CG  . HIS A 1 6   ? 10.338  -7.639  3.965   1.00 13.76 ? 6   HIS A CG  1 
ATOM   48   N  ND1 . HIS A 1 6   ? 11.567  -8.266  3.864   1.00 17.26 ? 6   HIS A ND1 1 
ATOM   49   C  CD2 . HIS A 1 6   ? 9.351   -8.534  4.314   1.00 16.80 ? 6   HIS A CD2 1 
ATOM   50   C  CE1 . HIS A 1 6   ? 11.307  -9.518  4.140   1.00 16.30 ? 6   HIS A CE1 1 
ATOM   51   N  NE2 . HIS A 1 6   ? 10.004  -9.746  4.417   1.00 21.30 ? 6   HIS A NE2 1 
ATOM   52   N  N   . MET A 1 7   ? 8.839   -3.601  5.271   1.00 10.16 ? 7   MET A N   1 
ATOM   53   C  CA  . MET A 1 7   ? 8.818   -2.121  5.431   1.00 8.42  ? 7   MET A CA  1 
ATOM   54   C  C   . MET A 1 7   ? 10.280  -1.818  5.723   1.00 11.27 ? 7   MET A C   1 
ATOM   55   O  O   . MET A 1 7   ? 10.830  -2.324  6.712   1.00 14.11 ? 7   MET A O   1 
ATOM   56   C  CB  . MET A 1 7   ? 7.831   -1.719  6.526   1.00 13.09 ? 7   MET A CB  1 
ATOM   57   C  CG  . MET A 1 7   ? 6.424   -2.309  6.279   1.00 21.56 ? 7   MET A CG  1 
ATOM   58   S  SD  . MET A 1 7   ? 5.203   -1.705  7.472   1.00 25.86 ? 7   MET A SD  1 
ATOM   59   C  CE  . MET A 1 7   ? 5.637   -2.593  8.974   1.00 33.69 ? 7   MET A CE  1 
ATOM   60   N  N   . LEU A 1 8   ? 10.947  -1.081  4.890   1.00 14.35 ? 8   LEU A N   1 
ATOM   61   C  CA  . LEU A 1 8   ? 12.356  -0.742  4.942   1.00 16.57 ? 8   LEU A CA  1 
ATOM   62   C  C   . LEU A 1 8   ? 12.701  0.739   4.847   1.00 14.73 ? 8   LEU A C   1 
ATOM   63   O  O   . LEU A 1 8   ? 12.000  1.523   4.208   1.00 13.32 ? 8   LEU A O   1 
ATOM   64   C  CB  . LEU A 1 8   ? 12.984  -1.414  3.693   1.00 16.72 ? 8   LEU A CB  1 
ATOM   65   C  CG  . LEU A 1 8   ? 12.804  -2.917  3.569   1.00 16.63 ? 8   LEU A CG  1 
ATOM   66   C  CD1 . LEU A 1 8   ? 13.186  -3.343  2.193   1.00 22.89 ? 8   LEU A CD1 1 
ATOM   67   C  CD2 . LEU A 1 8   ? 13.653  -3.632  4.601   1.00 27.34 ? 8   LEU A CD2 1 
ATOM   68   N  N   . ASN A 1 9   ? 13.844  1.056   5.468   1.00 18.31 ? 9   ASN A N   1 
ATOM   69   C  CA  . ASN A 1 9   ? 14.362  2.437   5.439   1.00 13.55 ? 9   ASN A CA  1 
ATOM   70   C  C   . ASN A 1 9   ? 14.963  2.722   4.067   1.00 10.94 ? 9   ASN A C   1 
ATOM   71   O  O   . ASN A 1 9   ? 14.913  3.875   3.600   1.00 16.32 ? 9   ASN A O   1 
ATOM   72   C  CB  . ASN A 1 9   ? 15.373  2.619   6.557   1.00 16.88 ? 9   ASN A CB  1 
ATOM   73   C  CG  . ASN A 1 9   ? 14.822  2.668   7.962   1.00 25.97 ? 9   ASN A CG  1 
ATOM   74   O  OD1 . ASN A 1 9   ? 13.641  2.894   8.260   1.00 20.42 ? 9   ASN A OD1 1 
ATOM   75   N  ND2 . ASN A 1 9   ? 15.747  2.436   8.912   1.00 29.09 ? 9   ASN A ND2 1 
ATOM   76   N  N   . LYS A 1 10  ? 15.473  1.692   3.410   1.00 15.63 ? 10  LYS A N   1 
ATOM   77   C  CA  . LYS A 1 10  ? 16.078  1.848   2.082   1.00 16.47 ? 10  LYS A CA  1 
ATOM   78   C  C   . LYS A 1 10  ? 15.827  0.572   1.297   1.00 16.25 ? 10  LYS A C   1 
ATOM   79   O  O   . LYS A 1 10  ? 15.907  -0.496  1.933   1.00 25.43 ? 10  LYS A O   1 
ATOM   80   C  CB  . LYS A 1 10  ? 17.602  2.036   2.106   1.00 25.71 ? 10  LYS A CB  1 
ATOM   81   C  CG  . LYS A 1 10  ? 18.068  3.478   1.939   1.00 65.90 ? 10  LYS A CG  1 
ATOM   82   C  CD  . LYS A 1 10  ? 18.190  4.102   3.332   1.00 72.46 ? 10  LYS A CD  1 
ATOM   83   C  CE  . LYS A 1 10  ? 17.780  5.560   3.364   1.00 72.46 ? 10  LYS A CE  1 
ATOM   84   N  NZ  . LYS A 1 10  ? 16.993  5.868   4.593   1.00 41.34 ? 10  LYS A NZ  1 
ATOM   85   N  N   . GLY A 1 11  ? 15.596  0.740   0.025   1.00 15.23 ? 11  GLY A N   1 
ATOM   86   C  CA  . GLY A 1 11  ? 15.351  -0.467  -0.819  1.00 14.06 ? 11  GLY A CA  1 
ATOM   87   C  C   . GLY A 1 11  ? 15.784  -0.109  -2.237  1.00 17.65 ? 11  GLY A C   1 
ATOM   88   O  O   . GLY A 1 11  ? 16.485  0.895   -2.417  1.00 19.51 ? 11  GLY A O   1 
ATOM   89   N  N   . ALA A 1 12  ? 15.323  -0.924  -3.162  1.00 14.48 ? 12  ALA A N   1 
ATOM   90   C  CA  . ALA A 1 12  ? 15.670  -0.736  -4.568  1.00 14.77 ? 12  ALA A CA  1 
ATOM   91   C  C   . ALA A 1 12  ? 15.254  0.631   -5.081  1.00 25.31 ? 12  ALA A C   1 
ATOM   92   O  O   . ALA A 1 12  ? 16.046  1.224   -5.828  1.00 21.72 ? 12  ALA A O   1 
ATOM   93   C  CB  . ALA A 1 12  ? 15.046  -1.848  -5.414  1.00 15.48 ? 12  ALA A CB  1 
ATOM   94   N  N   . GLU A 1 13  ? 14.077  1.118   -4.711  1.00 17.23 ? 13  GLU A N   1 
ATOM   95   C  CA  . GLU A 1 13  ? 13.585  2.416   -5.166  1.00 18.54 ? 13  GLU A CA  1 
ATOM   96   C  C   . GLU A 1 13  ? 14.079  3.623   -4.403  1.00 22.43 ? 13  GLU A C   1 
ATOM   97   O  O   . GLU A 1 13  ? 13.722  4.730   -4.841  1.00 28.48 ? 13  GLU A O   1 
ATOM   98   C  CB  . GLU A 1 13  ? 12.046  2.452   -5.143  1.00 18.95 ? 13  GLU A CB  1 
ATOM   99   C  CG  . GLU A 1 13  ? 11.426  1.400   -6.080  1.00 24.55 ? 13  GLU A CG  1 
ATOM   100  C  CD  . GLU A 1 13  ? 11.722  1.649   -7.533  1.00 77.67 ? 13  GLU A CD  1 
ATOM   101  O  OE1 . GLU A 1 13  ? 11.931  2.769   -7.974  1.00 46.59 ? 13  GLU A OE1 1 
ATOM   102  O  OE2 . GLU A 1 13  ? 11.733  0.542   -8.234  1.00 73.37 ? 13  GLU A OE2 1 
ATOM   103  N  N   . GLY A 1 14  ? 14.838  3.448   -3.346  1.00 16.35 ? 14  GLY A N   1 
ATOM   104  C  CA  . GLY A 1 14  ? 15.365  4.556   -2.560  1.00 16.54 ? 14  GLY A CA  1 
ATOM   105  C  C   . GLY A 1 14  ? 15.035  4.356   -1.082  1.00 20.35 ? 14  GLY A C   1 
ATOM   106  O  O   . GLY A 1 14  ? 14.970  3.226   -0.583  1.00 17.81 ? 14  GLY A O   1 
ATOM   107  N  N   . ALA A 1 15  ? 14.837  5.510   -0.444  1.00 12.33 ? 15  ALA A N   1 
ATOM   108  C  CA  . ALA A 1 15  ? 14.515  5.510   0.971   1.00 12.09 ? 15  ALA A CA  1 
ATOM   109  C  C   . ALA A 1 15  ? 13.010  5.374   1.236   1.00 15.85 ? 15  ALA A C   1 
ATOM   110  O  O   . ALA A 1 15  ? 12.221  5.872   0.428   1.00 14.64 ? 15  ALA A O   1 
ATOM   111  C  CB  . ALA A 1 15  ? 14.992  6.815   1.602   1.00 16.96 ? 15  ALA A CB  1 
ATOM   112  N  N   . MET A 1 16  ? 12.767  4.784   2.398   1.00 15.92 ? 16  MET A N   1 
ATOM   113  C  CA  . MET A 1 16  ? 11.414  4.599   2.934   1.00 12.52 ? 16  MET A CA  1 
ATOM   114  C  C   . MET A 1 16  ? 10.507  3.870   1.943   1.00 13.66 ? 16  MET A C   1 
ATOM   115  O  O   . MET A 1 16  ? 9.678   4.517   1.274   1.00 9.94  ? 16  MET A O   1 
ATOM   116  C  CB  . MET A 1 16  ? 10.815  5.967   3.326   1.00 9.72  ? 16  MET A CB  1 
ATOM   117  C  CG  . MET A 1 16  ? 11.756  6.754   4.233   1.00 13.29 ? 16  MET A CG  1 
ATOM   118  S  SD  . MET A 1 16  ? 12.206  5.753   5.658   1.00 17.58 ? 16  MET A SD  1 
ATOM   119  C  CE  . MET A 1 16  ? 13.400  6.837   6.491   1.00 20.36 ? 16  MET A CE  1 
ATOM   120  N  N   . VAL A 1 17  ? 10.668  2.552   1.874   1.00 10.58 ? 17  VAL A N   1 
ATOM   121  C  CA  . VAL A 1 17  ? 9.847   1.792   0.895   1.00 10.56 ? 17  VAL A CA  1 
ATOM   122  C  C   . VAL A 1 17  ? 9.201   0.533   1.481   1.00 8.11  ? 17  VAL A C   1 
ATOM   123  O  O   . VAL A 1 17  ? 9.583   -0.067  2.492   1.00 10.90 ? 17  VAL A O   1 
ATOM   124  C  CB  . VAL A 1 17  ? 10.777  1.342   -0.273  1.00 12.15 ? 17  VAL A CB  1 
ATOM   125  C  CG1 . VAL A 1 17  ? 11.371  2.467   -1.108  1.00 15.77 ? 17  VAL A CG1 1 
ATOM   126  C  CG2 . VAL A 1 17  ? 11.876  0.401   0.222   1.00 12.89 ? 17  VAL A CG2 1 
ATOM   127  N  N   . PHE A 1 18  ? 8.175   0.138   0.720   1.00 8.92  ? 18  PHE A N   1 
ATOM   128  C  CA  . PHE A 1 18  ? 7.450   -1.117  0.907   1.00 8.52  ? 18  PHE A CA  1 
ATOM   129  C  C   . PHE A 1 18  ? 8.001   -2.019  -0.228  1.00 10.31 ? 18  PHE A C   1 
ATOM   130  O  O   . PHE A 1 18  ? 8.024   -1.562  -1.403  1.00 10.32 ? 18  PHE A O   1 
ATOM   131  C  CB  . PHE A 1 18  ? 5.941   -1.078  0.765   1.00 8.57  ? 18  PHE A CB  1 
ATOM   132  C  CG  . PHE A 1 18  ? 5.180   -0.417  1.866   1.00 5.59  ? 18  PHE A CG  1 
ATOM   133  C  CD1 . PHE A 1 18  ? 4.810   0.925   1.822   1.00 10.75 ? 18  PHE A CD1 1 
ATOM   134  C  CD2 . PHE A 1 18  ? 4.770   -1.202  2.960   1.00 15.20 ? 18  PHE A CD2 1 
ATOM   135  C  CE1 . PHE A 1 18  ? 4.081   1.489   2.854   1.00 8.70  ? 18  PHE A CE1 1 
ATOM   136  C  CE2 . PHE A 1 18  ? 4.029   -0.642  4.021   1.00 14.53 ? 18  PHE A CE2 1 
ATOM   137  C  CZ  . PHE A 1 18  ? 3.677   0.734   3.945   1.00 12.48 ? 18  PHE A CZ  1 
ATOM   138  N  N   . GLU A 1 19  ? 8.356   -3.251  0.109   1.00 9.83  ? 19  GLU A N   1 
ATOM   139  C  CA  . GLU A 1 19  ? 8.821   -4.205  -0.921  1.00 7.63  ? 19  GLU A CA  1 
ATOM   140  C  C   . GLU A 1 19  ? 8.050   -5.512  -0.770  1.00 7.33  ? 19  GLU A C   1 
ATOM   141  O  O   . GLU A 1 19  ? 8.187   -6.130  0.296   1.00 10.45 ? 19  GLU A O   1 
ATOM   142  C  CB  . GLU A 1 19  ? 10.340  -4.474  -0.793  1.00 11.40 ? 19  GLU A CB  1 
ATOM   143  C  CG  . GLU A 1 19  ? 11.112  -3.267  -1.366  1.00 18.24 ? 19  GLU A CG  1 
ATOM   144  C  CD  . GLU A 1 19  ? 12.596  -3.438  -1.459  1.00 30.61 ? 19  GLU A CD  1 
ATOM   145  O  OE1 . GLU A 1 19  ? 13.153  -4.343  -0.845  1.00 16.46 ? 19  GLU A OE1 1 
ATOM   146  O  OE2 . GLU A 1 19  ? 13.194  -2.543  -2.208  1.00 19.80 ? 19  GLU A OE2 1 
ATOM   147  N  N   . PRO A 1 20  ? 7.255   -5.893  -1.742  1.00 8.68  ? 20  PRO A N   1 
ATOM   148  C  CA  . PRO A 1 20  ? 6.978   -5.201  -2.995  1.00 10.17 ? 20  PRO A CA  1 
ATOM   149  C  C   . PRO A 1 20  ? 6.060   -4.003  -2.775  1.00 8.84  ? 20  PRO A C   1 
ATOM   150  O  O   . PRO A 1 20  ? 5.370   -3.961  -1.737  1.00 10.11 ? 20  PRO A O   1 
ATOM   151  C  CB  . PRO A 1 20  ? 6.302   -6.310  -3.821  1.00 11.34 ? 20  PRO A CB  1 
ATOM   152  C  CG  . PRO A 1 20  ? 5.528   -7.120  -2.784  1.00 11.49 ? 20  PRO A CG  1 
ATOM   153  C  CD  . PRO A 1 20  ? 6.465   -7.171  -1.600  1.00 10.63 ? 20  PRO A CD  1 
ATOM   154  N  N   . ALA A 1 21  ? 6.011   -3.071  -3.710  1.00 7.70  ? 21  ALA A N   1 
ATOM   155  C  CA  . ALA A 1 21  ? 5.130   -1.901  -3.604  1.00 7.22  ? 21  ALA A CA  1 
ATOM   156  C  C   . ALA A 1 21  ? 3.902   -2.124  -4.459  1.00 10.13 ? 21  ALA A C   1 
ATOM   157  O  O   . ALA A 1 21  ? 3.000   -1.270  -4.495  1.00 10.82 ? 21  ALA A O   1 
ATOM   158  C  CB  . ALA A 1 21  ? 5.881   -0.639  -3.989  1.00 11.09 ? 21  ALA A CB  1 
ATOM   159  N  N   . TYR A 1 22  ? 3.841   -3.227  -5.202  1.00 9.81  ? 22  TYR A N   1 
ATOM   160  C  CA  . TYR A 1 22  ? 2.696   -3.612  -6.056  1.00 10.66 ? 22  TYR A CA  1 
ATOM   161  C  C   . TYR A 1 22  ? 2.284   -5.024  -5.623  1.00 15.55 ? 22  TYR A C   1 
ATOM   162  O  O   . TYR A 1 22  ? 3.113   -5.944  -5.743  1.00 13.31 ? 22  TYR A O   1 
ATOM   163  C  CB  . TYR A 1 22  ? 2.978   -3.594  -7.551  1.00 11.73 ? 22  TYR A CB  1 
ATOM   164  C  CG  . TYR A 1 22  ? 1.735   -3.982  -8.326  1.00 19.45 ? 22  TYR A CG  1 
ATOM   165  C  CD1 . TYR A 1 22  ? 0.632   -3.128  -8.379  1.00 25.82 ? 22  TYR A CD1 1 
ATOM   166  C  CD2 . TYR A 1 22  ? 1.683   -5.209  -8.988  1.00 35.11 ? 22  TYR A CD2 1 
ATOM   167  C  CE1 . TYR A 1 22  ? -0.506  -3.485  -9.097  1.00 29.12 ? 22  TYR A CE1 1 
ATOM   168  C  CE2 . TYR A 1 22  ? 0.549   -5.571  -9.717  1.00 23.02 ? 22  TYR A CE2 1 
ATOM   169  C  CZ  . TYR A 1 22  ? -0.536  -4.709  -9.766  1.00 23.74 ? 22  TYR A CZ  1 
ATOM   170  O  OH  . TYR A 1 22  ? -1.627  -5.107  -10.495 1.00 41.43 ? 22  TYR A OH  1 
ATOM   171  N  N   . ILE A 1 23  ? 1.090   -5.151  -5.082  1.00 9.50  ? 23  ILE A N   1 
ATOM   172  C  CA  . ILE A 1 23  ? 0.612   -6.437  -4.571  1.00 9.63  ? 23  ILE A CA  1 
ATOM   173  C  C   . ILE A 1 23  ? -0.674  -6.822  -5.305  1.00 11.96 ? 23  ILE A C   1 
ATOM   174  O  O   . ILE A 1 23  ? -1.660  -6.080  -5.327  1.00 13.11 ? 23  ILE A O   1 
ATOM   175  C  CB  . ILE A 1 23  ? 0.407   -6.378  -3.054  1.00 11.24 ? 23  ILE A CB  1 
ATOM   176  C  CG1 . ILE A 1 23  ? 1.667   -5.971  -2.305  1.00 16.62 ? 23  ILE A CG1 1 
ATOM   177  C  CG2 . ILE A 1 23  ? -0.136  -7.686  -2.507  1.00 16.41 ? 23  ILE A CG2 1 
ATOM   178  C  CD1 . ILE A 1 23  ? 1.619   -4.648  -1.533  1.00 12.87 ? 23  ILE A CD1 1 
ATOM   179  N  N   . LYS A 1 24  ? -0.584  -7.991  -5.915  1.00 12.36 ? 24  LYS A N   1 
ATOM   180  C  CA  . LYS A 1 24  ? -1.748  -8.529  -6.660  1.00 11.10 ? 24  LYS A CA  1 
ATOM   181  C  C   . LYS A 1 24  ? -2.396  -9.551  -5.742  1.00 16.15 ? 24  LYS A C   1 
ATOM   182  O  O   . LYS A 1 24  ? -1.717  -10.500 -5.323  1.00 17.88 ? 24  LYS A O   1 
ATOM   183  C  CB  . LYS A 1 24  ? -1.315  -9.073  -8.009  1.00 19.48 ? 24  LYS A CB  1 
ATOM   184  C  CG  . LYS A 1 24  ? -2.421  -9.609  -8.914  1.00 64.01 ? 24  LYS A CG  1 
ATOM   185  C  CD  . LYS A 1 24  ? -3.636  -8.711  -9.010  1.00 52.25 ? 24  LYS A CD  1 
ATOM   186  C  CE  . LYS A 1 24  ? -4.830  -9.283  -9.721  1.00 63.69 ? 24  LYS A CE  1 
ATOM   187  N  NZ  . LYS A 1 24  ? -5.468  -10.418 -9.004  1.00 49.53 ? 24  LYS A NZ  1 
ATOM   188  N  N   . ALA A 1 25  ? -3.672  -9.392  -5.428  1.00 11.24 ? 25  ALA A N   1 
ATOM   189  C  CA  . ALA A 1 25  ? -4.359  -10.341 -4.546  1.00 7.61  ? 25  ALA A CA  1 
ATOM   190  C  C   . ALA A 1 25  ? -5.787  -10.596 -4.994  1.00 11.36 ? 25  ALA A C   1 
ATOM   191  O  O   . ALA A 1 25  ? -6.290  -9.949  -5.918  1.00 15.22 ? 25  ALA A O   1 
ATOM   192  C  CB  . ALA A 1 25  ? -4.298  -9.754  -3.126  1.00 13.40 ? 25  ALA A CB  1 
ATOM   193  N  N   . ASN A 1 26  ? -6.415  -11.565 -4.340  1.00 11.20 ? 26  ASN A N   1 
ATOM   194  C  CA  . ASN A 1 26  ? -7.821  -11.940 -4.631  1.00 15.82 ? 26  ASN A CA  1 
ATOM   195  C  C   . ASN A 1 26  ? -8.594  -11.860 -3.329  1.00 12.17 ? 26  ASN A C   1 
ATOM   196  O  O   . ASN A 1 26  ? -7.972  -11.966 -2.255  1.00 13.80 ? 26  ASN A O   1 
ATOM   197  C  CB  . ASN A 1 26  ? -7.928  -13.308 -5.319  1.00 19.28 ? 26  ASN A CB  1 
ATOM   198  C  CG  . ASN A 1 26  ? -7.735  -13.121 -6.826  1.00 34.75 ? 26  ASN A CG  1 
ATOM   199  O  OD1 . ASN A 1 26  ? -6.736  -13.634 -7.345  1.00 45.75 ? 26  ASN A OD1 1 
ATOM   200  N  ND2 . ASN A 1 26  ? -8.612  -12.388 -7.502  1.00 36.62 ? 26  ASN A ND2 1 
ATOM   201  N  N   . PRO A 1 27  ? -9.902  -11.686 -3.416  1.00 10.87 ? 27  PRO A N   1 
ATOM   202  C  CA  . PRO A 1 27  ? -10.720 -11.588 -2.199  1.00 13.73 ? 27  PRO A CA  1 
ATOM   203  C  C   . PRO A 1 27  ? -10.419 -12.770 -1.290  1.00 15.28 ? 27  PRO A C   1 
ATOM   204  O  O   . PRO A 1 27  ? -10.416 -13.918 -1.779  1.00 16.83 ? 27  PRO A O   1 
ATOM   205  C  CB  . PRO A 1 27  ? -12.160 -11.532 -2.738  1.00 13.99 ? 27  PRO A CB  1 
ATOM   206  C  CG  . PRO A 1 27  ? -12.030 -10.947 -4.138  1.00 17.16 ? 27  PRO A CG  1 
ATOM   207  C  CD  . PRO A 1 27  ? -10.714 -11.547 -4.671  1.00 14.51 ? 27  PRO A CD  1 
ATOM   208  N  N   . GLY A 1 28  ? -10.169 -12.485 -0.016  1.00 12.00 ? 28  GLY A N   1 
ATOM   209  C  CA  . GLY A 1 28  ? -9.892  -13.572 0.918   1.00 12.92 ? 28  GLY A CA  1 
ATOM   210  C  C   . GLY A 1 28  ? -8.398  -13.725 1.154   1.00 18.88 ? 28  GLY A C   1 
ATOM   211  O  O   . GLY A 1 28  ? -8.083  -14.404 2.146   1.00 19.13 ? 28  GLY A O   1 
ATOM   212  N  N   . ASP A 1 29  ? -7.549  -13.146 0.332   1.00 13.20 ? 29  ASP A N   1 
ATOM   213  C  CA  . ASP A 1 29  ? -6.081  -13.273 0.562   1.00 12.30 ? 29  ASP A CA  1 
ATOM   214  C  C   . ASP A 1 29  ? -5.642  -12.424 1.739   1.00 14.69 ? 29  ASP A C   1 
ATOM   215  O  O   . ASP A 1 29  ? -6.397  -11.516 2.113   1.00 14.27 ? 29  ASP A O   1 
ATOM   216  C  CB  . ASP A 1 29  ? -5.302  -12.794 -0.663  1.00 12.20 ? 29  ASP A CB  1 
ATOM   217  C  CG  . ASP A 1 29  ? -5.330  -13.811 -1.782  1.00 16.57 ? 29  ASP A CG  1 
ATOM   218  O  OD1 . ASP A 1 29  ? -4.964  -13.507 -2.891  1.00 18.87 ? 29  ASP A OD1 1 
ATOM   219  O  OD2 . ASP A 1 29  ? -5.721  -15.026 -1.488  1.00 19.93 ? 29  ASP A OD2 1 
ATOM   220  N  N   . THR A 1 30  ? -4.451  -12.709 2.268   1.00 12.61 ? 30  THR A N   1 
ATOM   221  C  CA  . THR A 1 30  ? -3.938  -11.895 3.371   1.00 9.32  ? 30  THR A CA  1 
ATOM   222  C  C   . THR A 1 30  ? -2.632  -11.253 2.871   1.00 12.16 ? 30  THR A C   1 
ATOM   223  O  O   . THR A 1 30  ? -1.956  -11.847 2.017   1.00 11.67 ? 30  THR A O   1 
ATOM   224  C  CB  . THR A 1 30  ? -3.695  -12.631 4.690   1.00 12.80 ? 30  THR A CB  1 
ATOM   225  O  OG1 . THR A 1 30  ? -2.769  -13.646 4.382   1.00 15.39 ? 30  THR A OG1 1 
ATOM   226  C  CG2 . THR A 1 30  ? -4.964  -13.213 5.285   1.00 14.55 ? 30  THR A CG2 1 
ATOM   227  N  N   . VAL A 1 31  ? -2.388  -10.079 3.406   1.00 8.07  ? 31  VAL A N   1 
ATOM   228  C  CA  . VAL A 1 31  ? -1.146  -9.351  3.104   1.00 9.56  ? 31  VAL A CA  1 
ATOM   229  C  C   . VAL A 1 31  ? -0.484  -9.154  4.484   1.00 15.66 ? 31  VAL A C   1 
ATOM   230  O  O   . VAL A 1 31  ? -1.115  -8.520  5.349   1.00 13.04 ? 31  VAL A O   1 
ATOM   231  C  CB  . VAL A 1 31  ? -1.378  -8.062  2.334   1.00 13.14 ? 31  VAL A CB  1 
ATOM   232  C  CG1 . VAL A 1 31  ? -0.061  -7.358  2.016   1.00 11.65 ? 31  VAL A CG1 1 
ATOM   233  C  CG2 . VAL A 1 31  ? -2.194  -8.293  1.066   1.00 13.98 ? 31  VAL A CG2 1 
ATOM   234  N  N   . THR A 1 32  ? 0.729   -9.673  4.635   1.00 11.07 ? 32  THR A N   1 
ATOM   235  C  CA  . THR A 1 32  ? 1.445   -9.535  5.906   1.00 10.04 ? 32  THR A CA  1 
ATOM   236  C  C   . THR A 1 32  ? 2.535   -8.471  5.794   1.00 10.46 ? 32  THR A C   1 
ATOM   237  O  O   . THR A 1 32  ? 3.437   -8.658  4.964   1.00 13.04 ? 32  THR A O   1 
ATOM   238  C  CB  . THR A 1 32  ? 2.028   -10.908 6.268   1.00 14.26 ? 32  THR A CB  1 
ATOM   239  O  OG1 . THR A 1 32  ? 0.923   -11.800 6.342   1.00 15.59 ? 32  THR A OG1 1 
ATOM   240  C  CG2 . THR A 1 32  ? 2.792   -10.813 7.577   1.00 17.14 ? 32  THR A CG2 1 
ATOM   241  N  N   . PHE A 1 33  ? 2.434   -7.451  6.620   1.00 11.56 ? 33  PHE A N   1 
ATOM   242  C  CA  . PHE A 1 33  ? 3.402   -6.327  6.630   1.00 12.06 ? 33  PHE A CA  1 
ATOM   243  C  C   . PHE A 1 33  ? 4.392   -6.553  7.787   1.00 16.02 ? 33  PHE A C   1 
ATOM   244  O  O   . PHE A 1 33  ? 3.968   -6.568  8.943   1.00 16.05 ? 33  PHE A O   1 
ATOM   245  C  CB  . PHE A 1 33  ? 2.716   -4.969  6.702   1.00 10.13 ? 33  PHE A CB  1 
ATOM   246  C  CG  . PHE A 1 33  ? 1.831   -4.671  5.518   1.00 12.37 ? 33  PHE A CG  1 
ATOM   247  C  CD1 . PHE A 1 33  ? 0.483   -5.067  5.553   1.00 14.62 ? 33  PHE A CD1 1 
ATOM   248  C  CD2 . PHE A 1 33  ? 2.307   -3.979  4.404   1.00 14.26 ? 33  PHE A CD2 1 
ATOM   249  C  CE1 . PHE A 1 33  ? -0.365  -4.786  4.499   1.00 14.46 ? 33  PHE A CE1 1 
ATOM   250  C  CE2 . PHE A 1 33  ? 1.463   -3.691  3.307   1.00 11.32 ? 33  PHE A CE2 1 
ATOM   251  C  CZ  . PHE A 1 33  ? 0.121   -4.111  3.375   1.00 12.34 ? 33  PHE A CZ  1 
ATOM   252  N  N   . ILE A 1 34  ? 5.654   -6.697  7.372   1.00 12.56 ? 34  ILE A N   1 
ATOM   253  C  CA  . ILE A 1 34  ? 6.736   -6.960  8.336   1.00 13.09 ? 34  ILE A CA  1 
ATOM   254  C  C   . ILE A 1 34  ? 7.680   -5.781  8.443   1.00 15.50 ? 34  ILE A C   1 
ATOM   255  O  O   . ILE A 1 34  ? 8.340   -5.412  7.470   1.00 17.06 ? 34  ILE A O   1 
ATOM   256  C  CB  . ILE A 1 34  ? 7.514   -8.190  7.867   1.00 16.08 ? 34  ILE A CB  1 
ATOM   257  C  CG1 . ILE A 1 34  ? 6.595   -9.398  7.802   1.00 17.86 ? 34  ILE A CG1 1 
ATOM   258  C  CG2 . ILE A 1 34  ? 8.686   -8.450  8.812   1.00 20.13 ? 34  ILE A CG2 1 
ATOM   259  C  CD1 . ILE A 1 34  ? 7.225   -10.613 7.133   1.00 27.50 ? 34  ILE A CD1 1 
ATOM   260  N  N   . PRO A 1 35  ? 7.754   -5.219  9.627   1.00 18.69 ? 35  PRO A N   1 
ATOM   261  C  CA  . PRO A 1 35  ? 8.614   -4.062  9.901   1.00 15.06 ? 35  PRO A CA  1 
ATOM   262  C  C   . PRO A 1 35  ? 10.037  -4.554  10.079  1.00 23.25 ? 35  PRO A C   1 
ATOM   263  O  O   . PRO A 1 35  ? 10.448  -4.834  11.220  1.00 28.49 ? 35  PRO A O   1 
ATOM   264  C  CB  . PRO A 1 35  ? 7.963   -3.495  11.157  1.00 28.44 ? 35  PRO A CB  1 
ATOM   265  C  CG  . PRO A 1 35  ? 7.626   -4.759  11.959  1.00 35.41 ? 35  PRO A CG  1 
ATOM   266  C  CD  . PRO A 1 35  ? 6.986   -5.629  10.859  1.00 22.12 ? 35  PRO A CD  1 
ATOM   267  N  N   . VAL A 1 36  ? 10.742  -4.678  8.967   1.00 17.16 ? 36  VAL A N   1 
ATOM   268  C  CA  . VAL A 1 36  ? 12.160  -5.129  8.979   1.00 22.58 ? 36  VAL A CA  1 
ATOM   269  C  C   . VAL A 1 36  ? 13.016  -4.075  9.696   1.00 35.01 ? 36  VAL A C   1 
ATOM   270  O  O   . VAL A 1 36  ? 13.899  -4.415  10.500  1.00 21.72 ? 36  VAL A O   1 
ATOM   271  C  CB  . VAL A 1 36  ? 12.600  -5.541  7.570   1.00 19.03 ? 36  VAL A CB  1 
ATOM   272  C  CG1 . VAL A 1 36  ? 14.099  -5.750  7.440   1.00 25.66 ? 36  VAL A CG1 1 
ATOM   273  C  CG2 . VAL A 1 36  ? 11.857  -6.813  7.170   1.00 22.09 ? 36  VAL A CG2 1 
ATOM   274  N  N   . ASP A 1 37  ? 12.757  -2.820  9.412   1.00 18.59 ? 37  ASP A N   1 
ATOM   275  C  CA  . ASP A 1 37  ? 13.405  -1.667  10.047  1.00 13.36 ? 37  ASP A CA  1 
ATOM   276  C  C   . ASP A 1 37  ? 12.307  -1.060  10.921  1.00 17.51 ? 37  ASP A C   1 
ATOM   277  O  O   . ASP A 1 37  ? 11.114  -1.178  10.594  1.00 18.07 ? 37  ASP A O   1 
ATOM   278  C  CB  . ASP A 1 37  ? 13.951  -0.610  9.101   1.00 15.42 ? 37  ASP A CB  1 
ATOM   279  C  CG  . ASP A 1 37  ? 15.023  -1.186  8.215   1.00 21.39 ? 37  ASP A CG  1 
ATOM   280  O  OD1 . ASP A 1 37  ? 15.158  -0.927  7.037   1.00 20.05 ? 37  ASP A OD1 1 
ATOM   281  O  OD2 . ASP A 1 37  ? 15.821  -2.031  8.816   1.00 26.85 ? 37  ASP A OD2 1 
ATOM   282  N  N   . LYS A 1 38  ? 12.717  -0.420  12.004  1.00 16.50 ? 38  LYS A N   1 
ATOM   283  C  CA  . LYS A 1 38  ? 11.728  0.212   12.906  1.00 17.49 ? 38  LYS A CA  1 
ATOM   284  C  C   . LYS A 1 38  ? 11.313  1.570   12.338  1.00 16.76 ? 38  LYS A C   1 
ATOM   285  O  O   . LYS A 1 38  ? 12.034  2.126   11.494  1.00 19.39 ? 38  LYS A O   1 
ATOM   286  C  CB  . LYS A 1 38  ? 12.304  0.355   14.312  1.00 26.89 ? 38  LYS A CB  1 
ATOM   287  C  CG  . LYS A 1 38  ? 12.303  -0.994  15.064  1.00 40.74 ? 38  LYS A CG  1 
ATOM   288  C  CD  . LYS A 1 38  ? 13.240  -0.959  16.257  1.00 86.47 ? 38  LYS A CD  1 
ATOM   289  C  CE  . LYS A 1 38  ? 13.314  -2.263  17.024  1.00 79.98 ? 38  LYS A CE  1 
ATOM   290  N  NZ  . LYS A 1 38  ? 14.476  -2.277  17.967  1.00 82.47 ? 38  LYS A NZ  1 
ATOM   291  N  N   . GLY A 1 39  ? 10.179  2.063   12.797  1.00 13.05 ? 39  GLY A N   1 
ATOM   292  C  CA  . GLY A 1 39  ? 9.672   3.365   12.398  1.00 12.63 ? 39  GLY A CA  1 
ATOM   293  C  C   . GLY A 1 39  ? 8.580   3.376   11.351  1.00 15.99 ? 39  GLY A C   1 
ATOM   294  O  O   . GLY A 1 39  ? 8.256   4.477   10.906  1.00 17.33 ? 39  GLY A O   1 
ATOM   295  N  N   . HIS A 1 40  ? 8.090   2.200   11.004  1.00 16.35 ? 40  HIS A N   1 
ATOM   296  C  CA  . HIS A 1 40  ? 7.051   2.087   9.961   1.00 13.06 ? 40  HIS A CA  1 
ATOM   297  C  C   . HIS A 1 40  ? 5.758   1.432   10.419  1.00 13.85 ? 40  HIS A C   1 
ATOM   298  O  O   . HIS A 1 40  ? 5.679   0.659   11.402  1.00 14.05 ? 40  HIS A O   1 
ATOM   299  C  CB  . HIS A 1 40  ? 7.671   1.203   8.868   1.00 11.52 ? 40  HIS A CB  1 
ATOM   300  C  CG  . HIS A 1 40  ? 9.049   1.593   8.437   1.00 12.91 ? 40  HIS A CG  1 
ATOM   301  N  ND1 . HIS A 1 40  ? 9.233   2.754   7.707   1.00 14.87 ? 40  HIS A ND1 1 
ATOM   302  C  CD2 . HIS A 1 40  ? 10.267  1.003   8.616   1.00 14.71 ? 40  HIS A CD2 1 
ATOM   303  C  CE1 . HIS A 1 40  ? 10.507  2.860   7.454   1.00 13.58 ? 40  HIS A CE1 1 
ATOM   304  N  NE2 . HIS A 1 40  ? 11.177  1.825   7.978   1.00 14.32 ? 40  HIS A NE2 1 
ATOM   305  N  N   . ASN A 1 41  ? 4.692   1.744   9.670   1.00 9.64  ? 41  ASN A N   1 
ATOM   306  C  CA  . ASN A 1 41  ? 3.357   1.163   9.924   1.00 9.66  ? 41  ASN A CA  1 
ATOM   307  C  C   . ASN A 1 41  ? 2.662   1.143   8.527   1.00 8.59  ? 41  ASN A C   1 
ATOM   308  O  O   . ASN A 1 41  ? 3.314   1.454   7.517   1.00 11.62 ? 41  ASN A O   1 
ATOM   309  C  CB  . ASN A 1 41  ? 2.526   1.880   10.967  1.00 11.00 ? 41  ASN A CB  1 
ATOM   310  C  CG  . ASN A 1 41  ? 1.849   3.142   10.466  1.00 9.70  ? 41  ASN A CG  1 
ATOM   311  O  OD1 . ASN A 1 41  ? 2.396   3.876   9.620   1.00 19.30 ? 41  ASN A OD1 1 
ATOM   312  N  ND2 . ASN A 1 41  ? 0.650   3.388   10.959  1.00 8.76  ? 41  ASN A ND2 1 
ATOM   313  N  N   . VAL A 1 42  ? 1.403   0.790   8.539   1.00 8.21  ? 42  VAL A N   1 
ATOM   314  C  CA  . VAL A 1 42  ? 0.608   0.761   7.288   1.00 9.01  ? 42  VAL A CA  1 
ATOM   315  C  C   . VAL A 1 42  ? -0.759  1.348   7.629   1.00 11.38 ? 42  VAL A C   1 
ATOM   316  O  O   . VAL A 1 42  ? -1.334  1.059   8.690   1.00 14.61 ? 42  VAL A O   1 
ATOM   317  C  CB  . VAL A 1 42  ? 0.525   -0.647  6.677   1.00 16.89 ? 42  VAL A CB  1 
ATOM   318  C  CG1 . VAL A 1 42  ? -0.312  -1.613  7.493   1.00 22.10 ? 42  VAL A CG1 1 
ATOM   319  C  CG2 . VAL A 1 42  ? -0.042  -0.586  5.260   1.00 19.48 ? 42  VAL A CG2 1 
ATOM   320  N  N   . GLU A 1 43  ? -1.233  2.198   6.740   1.00 8.05  ? 43  GLU A N   1 
ATOM   321  C  CA  . GLU A 1 43  ? -2.522  2.844   6.951   1.00 8.81  ? 43  GLU A CA  1 
ATOM   322  C  C   . GLU A 1 43  ? -3.178  3.075   5.599   1.00 9.96  ? 43  GLU A C   1 
ATOM   323  O  O   . GLU A 1 43  ? -2.477  3.459   4.645   1.00 12.26 ? 43  GLU A O   1 
ATOM   324  C  CB  . GLU A 1 43  ? -2.309  4.195   7.633   1.00 14.60 ? 43  GLU A CB  1 
ATOM   325  C  CG  . GLU A 1 43  ? -3.609  4.910   7.955   1.00 18.69 ? 43  GLU A CG  1 
ATOM   326  C  CD  . GLU A 1 43  ? -3.501  6.286   8.536   1.00 29.35 ? 43  GLU A CD  1 
ATOM   327  O  OE1 . GLU A 1 43  ? -4.504  6.953   8.710   1.00 30.63 ? 43  GLU A OE1 1 
ATOM   328  O  OE2 . GLU A 1 43  ? -2.287  6.691   8.815   1.00 19.74 ? 43  GLU A OE2 1 
ATOM   329  N  N   . SER A 1 44  ? -4.484  2.830   5.538   1.00 8.74  ? 44  SER A N   1 
ATOM   330  C  CA  . SER A 1 44  ? -5.227  3.062   4.266   1.00 10.60 ? 44  SER A CA  1 
ATOM   331  C  C   . SER A 1 44  ? -5.342  4.580   4.049   1.00 15.58 ? 44  SER A C   1 
ATOM   332  O  O   . SER A 1 44  ? -5.499  5.365   5.008   1.00 17.59 ? 44  SER A O   1 
ATOM   333  C  CB  . SER A 1 44  ? -6.602  2.411   4.245   1.00 12.56 ? 44  SER A CB  1 
ATOM   334  O  OG  . SER A 1 44  ? -7.364  2.855   5.348   1.00 15.56 ? 44  SER A OG  1 
ATOM   335  N  N   . ILE A 1 45  ? -5.263  4.974   2.778   1.00 13.46 ? 45  ILE A N   1 
ATOM   336  C  CA  . ILE A 1 45  ? -5.368  6.417   2.429   1.00 13.44 ? 45  ILE A CA  1 
ATOM   337  C  C   . ILE A 1 45  ? -6.840  6.717   2.168   1.00 20.66 ? 45  ILE A C   1 
ATOM   338  O  O   . ILE A 1 45  ? -7.532  5.994   1.426   1.00 13.43 ? 45  ILE A O   1 
ATOM   339  C  CB  . ILE A 1 45  ? -4.500  6.788   1.245   1.00 12.44 ? 45  ILE A CB  1 
ATOM   340  C  CG1 . ILE A 1 45  ? -3.033  6.509   1.551   1.00 16.06 ? 45  ILE A CG1 1 
ATOM   341  C  CG2 . ILE A 1 45  ? -4.688  8.261   0.900   1.00 14.63 ? 45  ILE A CG2 1 
ATOM   342  C  CD1 . ILE A 1 45  ? -2.027  6.608   0.397   1.00 13.49 ? 45  ILE A CD1 1 
ATOM   343  N  N   . LYS A 1 46  ? -7.342  7.788   2.765   1.00 21.44 ? 46  LYS A N   1 
ATOM   344  C  CA  . LYS A 1 46  ? -8.747  8.211   2.586   1.00 18.63 ? 46  LYS A CA  1 
ATOM   345  C  C   . LYS A 1 46  ? -9.067  8.391   1.098   1.00 13.42 ? 46  LYS A C   1 
ATOM   346  O  O   . LYS A 1 46  ? -8.303  8.993   0.323   1.00 16.76 ? 46  LYS A O   1 
ATOM   347  C  CB  . LYS A 1 46  ? -8.980  9.527   3.315   1.00 25.28 ? 46  LYS A CB  1 
ATOM   348  C  CG  . LYS A 1 46  ? -10.374 10.128  3.213   1.00 33.45 ? 46  LYS A CG  1 
ATOM   349  C  CD  . LYS A 1 46  ? -10.332 11.647  3.067   1.00 84.98 ? 46  LYS A CD  1 
ATOM   350  C  CE  . LYS A 1 46  ? -11.581 12.342  3.558   1.00 85.28 ? 46  LYS A CE  1 
ATOM   351  N  NZ  . LYS A 1 46  ? -12.819 11.878  2.877   1.00 80.89 ? 46  LYS A NZ  1 
ATOM   352  N  N   . ASP A 1 47  ? -10.196 7.840   0.710   1.00 16.30 ? 47  ASP A N   1 
ATOM   353  C  CA  . ASP A 1 47  ? -10.787 7.846   -0.626  1.00 16.40 ? 47  ASP A CA  1 
ATOM   354  C  C   . ASP A 1 47  ? -9.899  7.134   -1.651  1.00 18.91 ? 47  ASP A C   1 
ATOM   355  O  O   . ASP A 1 47  ? -10.190 7.245   -2.867  1.00 16.98 ? 47  ASP A O   1 
ATOM   356  C  CB  . ASP A 1 47  ? -11.234 9.223   -1.125  1.00 25.63 ? 47  ASP A CB  1 
ATOM   357  C  CG  . ASP A 1 47  ? -12.147 9.916   -0.135  1.00 86.88 ? 47  ASP A CG  1 
ATOM   358  O  OD1 . ASP A 1 47  ? -11.931 11.064  0.232   1.00 83.27 ? 47  ASP A OD1 1 
ATOM   359  O  OD2 . ASP A 1 47  ? -13.170 9.236   0.324   1.00 48.62 ? 47  ASP A OD2 1 
ATOM   360  N  N   . MET A 1 48  ? -8.924  6.378   -1.165  1.00 13.33 ? 48  MET A N   1 
ATOM   361  C  CA  . MET A 1 48  ? -8.047  5.602   -2.063  1.00 9.03  ? 48  MET A CA  1 
ATOM   362  C  C   . MET A 1 48  ? -8.127  4.099   -1.787  1.00 14.31 ? 48  MET A C   1 
ATOM   363  O  O   . MET A 1 48  ? -7.172  3.354   -2.010  1.00 11.94 ? 48  MET A O   1 
ATOM   364  C  CB  . MET A 1 48  ? -6.588  6.068   -2.120  1.00 7.91  ? 48  MET A CB  1 
ATOM   365  C  CG  . MET A 1 48  ? -6.560  7.537   -2.545  1.00 15.33 ? 48  MET A CG  1 
ATOM   366  S  SD  . MET A 1 48  ? -4.885  8.061   -2.904  1.00 19.04 ? 48  MET A SD  1 
ATOM   367  C  CE  . MET A 1 48  ? -4.981  9.805   -2.457  1.00 22.68 ? 48  MET A CE  1 
ATOM   368  N  N   . ILE A 1 49  ? -9.274  3.649   -1.313  1.00 12.71 ? 49  ILE A N   1 
ATOM   369  C  CA  . ILE A 1 49  ? -9.606  2.228   -1.089  1.00 10.13 ? 49  ILE A CA  1 
ATOM   370  C  C   . ILE A 1 49  ? -11.012 2.099   -1.683  1.00 16.84 ? 49  ILE A C   1 
ATOM   371  O  O   . ILE A 1 49  ? -11.707 3.129   -1.813  1.00 15.85 ? 49  ILE A O   1 
ATOM   372  C  CB  . ILE A 1 49  ? -9.484  1.714   0.322   1.00 15.65 ? 49  ILE A CB  1 
ATOM   373  C  CG1 . ILE A 1 49  ? -10.467 2.410   1.257   1.00 19.49 ? 49  ILE A CG1 1 
ATOM   374  C  CG2 . ILE A 1 49  ? -8.044  1.897   0.790   1.00 13.45 ? 49  ILE A CG2 1 
ATOM   375  C  CD1 . ILE A 1 49  ? -10.469 1.760   2.658   1.00 21.73 ? 49  ILE A CD1 1 
ATOM   376  N  N   . PRO A 1 50  ? -11.363 0.902   -2.073  1.00 13.04 ? 50  PRO A N   1 
ATOM   377  C  CA  . PRO A 1 50  ? -12.651 0.617   -2.708  1.00 17.34 ? 50  PRO A CA  1 
ATOM   378  C  C   . PRO A 1 50  ? -13.828 0.941   -1.798  1.00 23.12 ? 50  PRO A C   1 
ATOM   379  O  O   . PRO A 1 50  ? -13.726 0.959   -0.564  1.00 20.56 ? 50  PRO A O   1 
ATOM   380  C  CB  . PRO A 1 50  ? -12.618 -0.857  -3.098  1.00 15.62 ? 50  PRO A CB  1 
ATOM   381  C  CG  . PRO A 1 50  ? -11.173 -1.273  -3.074  1.00 15.41 ? 50  PRO A CG  1 
ATOM   382  C  CD  . PRO A 1 50  ? -10.570 -0.365  -1.987  1.00 10.33 ? 50  PRO A CD  1 
ATOM   383  N  N   . GLU A 1 51  ? -14.931 1.194   -2.502  1.00 33.72 ? 51  GLU A N   1 
ATOM   384  C  CA  . GLU A 1 51  ? -16.200 1.480   -1.820  1.00 49.69 ? 51  GLU A CA  1 
ATOM   385  C  C   . GLU A 1 51  ? -16.599 0.173   -1.112  1.00 32.33 ? 51  GLU A C   1 
ATOM   386  O  O   . GLU A 1 51  ? -16.645 -0.927  -1.729  1.00 39.52 ? 51  GLU A O   1 
ATOM   387  C  CB  . GLU A 1 51  ? -17.334 1.839   -2.762  1.00 80.09 ? 51  GLU A CB  1 
ATOM   388  C  CG  . GLU A 1 51  ? -17.409 3.277   -3.253  1.00 46.39 ? 51  GLU A CG  1 
ATOM   389  C  CD  . GLU A 1 51  ? -18.194 4.239   -2.397  1.00 84.96 ? 51  GLU A CD  1 
ATOM   390  O  OE1 . GLU A 1 51  ? -17.654 4.965   -1.567  1.00 82.42 ? 51  GLU A OE1 1 
ATOM   391  O  OE2 . GLU A 1 51  ? -19.486 4.193   -2.678  1.00 86.40 ? 51  GLU A OE2 1 
ATOM   392  N  N   . GLY A 1 52  ? -16.843 0.373   0.168   1.00 25.74 ? 52  GLY A N   1 
ATOM   393  C  CA  . GLY A 1 52  ? -17.248 -0.787  0.987   1.00 36.49 ? 52  GLY A CA  1 
ATOM   394  C  C   . GLY A 1 52  ? -16.122 -1.424  1.775   1.00 47.95 ? 52  GLY A C   1 
ATOM   395  O  O   . GLY A 1 52  ? -16.427 -2.296  2.618   1.00 32.65 ? 52  GLY A O   1 
ATOM   396  N  N   . ALA A 1 53  ? -14.893 -1.027  1.527   1.00 23.37 ? 53  ALA A N   1 
ATOM   397  C  CA  . ALA A 1 53  ? -13.720 -1.567  2.251   1.00 25.41 ? 53  ALA A CA  1 
ATOM   398  C  C   . ALA A 1 53  ? -13.590 -0.774  3.559   1.00 23.49 ? 53  ALA A C   1 
ATOM   399  O  O   . ALA A 1 53  ? -13.944 0.414   3.509   1.00 26.71 ? 53  ALA A O   1 
ATOM   400  C  CB  . ALA A 1 53  ? -12.451 -1.482  1.394   1.00 17.68 ? 53  ALA A CB  1 
ATOM   401  N  N   . GLU A 1 54  ? -13.117 -1.417  4.606   1.00 19.45 ? 54  GLU A N   1 
ATOM   402  C  CA  . GLU A 1 54  ? -12.933 -0.724  5.900   1.00 25.48 ? 54  GLU A CA  1 
ATOM   403  C  C   . GLU A 1 54  ? -11.527 -0.113  5.971   1.00 21.32 ? 54  GLU A C   1 
ATOM   404  O  O   . GLU A 1 54  ? -10.556 -0.726  5.499   1.00 22.58 ? 54  GLU A O   1 
ATOM   405  C  CB  . GLU A 1 54  ? -13.157 -1.642  7.095   1.00 35.04 ? 54  GLU A CB  1 
ATOM   406  C  CG  . GLU A 1 54  ? -12.240 -1.902  8.229   1.00 86.27 ? 54  GLU A CG  1 
ATOM   407  C  CD  . GLU A 1 54  ? -11.646 -1.241  9.407   1.00 86.06 ? 54  GLU A CD  1 
ATOM   408  O  OE1 . GLU A 1 54  ? -10.654 -1.690  10.023  1.00 85.95 ? 54  GLU A OE1 1 
ATOM   409  O  OE2 . GLU A 1 54  ? -12.171 -0.104  9.841   1.00 86.34 ? 54  GLU A OE2 1 
ATOM   410  N  N   . LYS A 1 55  ? -11.434 1.063   6.558   1.00 20.37 ? 55  LYS A N   1 
ATOM   411  C  CA  . LYS A 1 55  ? -10.181 1.796   6.755   1.00 17.08 ? 55  LYS A CA  1 
ATOM   412  C  C   . LYS A 1 55  ? -9.316  0.999   7.722   1.00 21.92 ? 55  LYS A C   1 
ATOM   413  O  O   . LYS A 1 55  ? -9.910  0.248   8.503   1.00 22.68 ? 55  LYS A O   1 
ATOM   414  C  CB  . LYS A 1 55  ? -10.369 3.200   7.319   1.00 25.21 ? 55  LYS A CB  1 
ATOM   415  C  CG  . LYS A 1 55  ? -11.089 4.145   6.340   1.00 53.02 ? 55  LYS A CG  1 
ATOM   416  C  CD  . LYS A 1 55  ? -12.560 4.313   6.683   1.00 85.41 ? 55  LYS A CD  1 
ATOM   417  C  CE  . LYS A 1 55  ? -13.426 3.099   6.433   1.00 86.07 ? 55  LYS A CE  1 
ATOM   418  N  NZ  . LYS A 1 55  ? -14.341 2.813   7.575   1.00 86.52 ? 55  LYS A NZ  1 
ATOM   419  N  N   . PHE A 1 56  ? -8.013  1.125   7.672   1.00 16.89 ? 56  PHE A N   1 
ATOM   420  C  CA  . PHE A 1 56  ? -7.165  0.339   8.592   1.00 16.56 ? 56  PHE A CA  1 
ATOM   421  C  C   . PHE A 1 56  ? -5.925  1.181   8.892   1.00 24.47 ? 56  PHE A C   1 
ATOM   422  O  O   . PHE A 1 56  ? -5.532  2.025   8.083   1.00 18.43 ? 56  PHE A O   1 
ATOM   423  C  CB  . PHE A 1 56  ? -6.821  -1.052  8.073   1.00 18.85 ? 56  PHE A CB  1 
ATOM   424  C  CG  . PHE A 1 56  ? -6.209  -1.078  6.703   1.00 18.16 ? 56  PHE A CG  1 
ATOM   425  C  CD1 . PHE A 1 56  ? -7.064  -1.218  5.600   1.00 19.42 ? 56  PHE A CD1 1 
ATOM   426  C  CD2 . PHE A 1 56  ? -4.829  -0.942  6.515   1.00 21.83 ? 56  PHE A CD2 1 
ATOM   427  C  CE1 . PHE A 1 56  ? -6.593  -1.240  4.292   1.00 20.30 ? 56  PHE A CE1 1 
ATOM   428  C  CE2 . PHE A 1 56  ? -4.320  -0.965  5.210   1.00 22.85 ? 56  PHE A CE2 1 
ATOM   429  C  CZ  . PHE A 1 56  ? -5.205  -1.113  4.117   1.00 22.19 ? 56  PHE A CZ  1 
ATOM   430  N  N   . LYS A 1 57  ? -5.384  0.881   10.060  1.00 16.75 ? 57  LYS A N   1 
ATOM   431  C  CA  . LYS A 1 57  ? -4.175  1.591   10.509  1.00 15.44 ? 57  LYS A CA  1 
ATOM   432  C  C   . LYS A 1 57  ? -3.490  0.688   11.528  1.00 24.26 ? 57  LYS A C   1 
ATOM   433  O  O   . LYS A 1 57  ? -4.104  0.366   12.567  1.00 36.30 ? 57  LYS A O   1 
ATOM   434  C  CB  . LYS A 1 57  ? -4.514  2.946   11.106  1.00 17.78 ? 57  LYS A CB  1 
ATOM   435  C  CG  . LYS A 1 57  ? -3.313  3.806   11.459  1.00 21.57 ? 57  LYS A CG  1 
ATOM   436  C  CD  . LYS A 1 57  ? -3.660  5.072   12.235  1.00 35.07 ? 57  LYS A CD  1 
ATOM   437  C  CE  . LYS A 1 57  ? -2.439  5.903   12.595  1.00 34.45 ? 57  LYS A CE  1 
ATOM   438  N  NZ  . LYS A 1 57  ? -2.811  7.095   13.407  1.00 75.76 ? 57  LYS A NZ  1 
ATOM   439  N  N   . SER A 1 58  ? -2.273  0.302   11.222  1.00 14.33 ? 58  SER A N   1 
ATOM   440  C  CA  . SER A 1 58  ? -1.491  -0.563  12.117  1.00 11.74 ? 58  SER A CA  1 
ATOM   441  C  C   . SER A 1 58  ? -0.646  0.306   13.060  1.00 16.77 ? 58  SER A C   1 
ATOM   442  O  O   . SER A 1 58  ? -0.470  1.521   12.838  1.00 17.03 ? 58  SER A O   1 
ATOM   443  C  CB  . SER A 1 58  ? -0.612  -1.532  11.346  1.00 11.44 ? 58  SER A CB  1 
ATOM   444  O  OG  . SER A 1 58  ? 0.522   -0.850  10.817  1.00 15.65 ? 58  SER A OG  1 
ATOM   445  N  N   . LYS A 1 59  ? -0.113  -0.329  14.101  1.00 20.42 ? 59  LYS A N   1 
ATOM   446  C  CA  . LYS A 1 59  ? 0.752   0.384   15.067  1.00 22.02 ? 59  LYS A CA  1 
ATOM   447  C  C   . LYS A 1 59  ? 2.184   0.375   14.521  1.00 15.68 ? 59  LYS A C   1 
ATOM   448  O  O   . LYS A 1 59  ? 2.598   -0.607  13.878  1.00 20.98 ? 59  LYS A O   1 
ATOM   449  C  CB  . LYS A 1 59  ? 0.822   -0.257  16.447  1.00 34.14 ? 59  LYS A CB  1 
ATOM   450  C  CG  . LYS A 1 59  ? -0.443  -1.008  16.844  1.00 57.06 ? 59  LYS A CG  1 
ATOM   451  C  CD  . LYS A 1 59  ? -0.149  -2.187  17.776  1.00 79.88 ? 59  LYS A CD  1 
ATOM   452  C  CE  . LYS A 1 59  ? -1.453  -2.851  18.196  1.00 81.42 ? 59  LYS A CE  1 
ATOM   453  N  NZ  . LYS A 1 59  ? -1.242  -4.262  18.599  1.00 82.91 ? 59  LYS A NZ  1 
ATOM   454  N  N   . ILE A 1 60  ? 2.902   1.448   14.816  1.00 17.11 ? 60  ILE A N   1 
ATOM   455  C  CA  . ILE A 1 60  ? 4.307   1.583   14.378  1.00 17.91 ? 60  ILE A CA  1 
ATOM   456  C  C   . ILE A 1 60  ? 5.056   0.373   14.925  1.00 26.55 ? 60  ILE A C   1 
ATOM   457  O  O   . ILE A 1 60  ? 4.871   0.004   16.094  1.00 24.56 ? 60  ILE A O   1 
ATOM   458  C  CB  . ILE A 1 60  ? 4.947   2.904   14.805  1.00 16.33 ? 60  ILE A CB  1 
ATOM   459  C  CG1 . ILE A 1 60  ? 4.337   4.025   13.971  1.00 24.99 ? 60  ILE A CG1 1 
ATOM   460  C  CG2 . ILE A 1 60  ? 6.462   2.900   14.696  1.00 15.50 ? 60  ILE A CG2 1 
ATOM   461  C  CD1 . ILE A 1 60  ? 4.999   5.393   14.082  1.00 38.44 ? 60  ILE A CD1 1 
ATOM   462  N  N   . ASN A 1 61  ? 5.832   -0.278  14.095  1.00 15.16 ? 61  ASN A N   1 
ATOM   463  C  CA  . ASN A 1 61  ? 6.667   -1.433  14.410  1.00 21.07 ? 61  ASN A CA  1 
ATOM   464  C  C   . ASN A 1 61  ? 5.987   -2.789  14.604  1.00 19.65 ? 61  ASN A C   1 
ATOM   465  O  O   . ASN A 1 61  ? 6.725   -3.746  14.920  1.00 34.45 ? 61  ASN A O   1 
ATOM   466  C  CB  . ASN A 1 61  ? 7.532   -1.145  15.655  1.00 19.69 ? 61  ASN A CB  1 
ATOM   467  C  CG  . ASN A 1 61  ? 8.475   0.020   15.436  1.00 29.51 ? 61  ASN A CG  1 
ATOM   468  O  OD1 . ASN A 1 61  ? 9.032   0.180   14.329  1.00 36.32 ? 61  ASN A OD1 1 
ATOM   469  N  ND2 . ASN A 1 61  ? 8.676   0.811   16.466  1.00 18.13 ? 61  ASN A ND2 1 
ATOM   470  N  N   . GLU A 1 62  ? 4.689   -2.834  14.401  1.00 22.02 ? 62  GLU A N   1 
ATOM   471  C  CA  . GLU A 1 62  ? 3.976   -4.111  14.545  1.00 31.59 ? 62  GLU A CA  1 
ATOM   472  C  C   . GLU A 1 62  ? 3.814   -4.860  13.215  1.00 23.59 ? 62  GLU A C   1 
ATOM   473  O  O   . GLU A 1 62  ? 3.681   -4.272  12.129  1.00 20.01 ? 62  GLU A O   1 
ATOM   474  C  CB  . GLU A 1 62  ? 2.574   -3.919  15.135  1.00 32.44 ? 62  GLU A CB  1 
ATOM   475  C  CG  . GLU A 1 62  ? 1.443   -3.543  14.192  1.00 77.58 ? 62  GLU A CG  1 
ATOM   476  C  CD  . GLU A 1 62  ? 0.003   -3.744  14.544  1.00 69.33 ? 62  GLU A CD  1 
ATOM   477  O  OE1 . GLU A 1 62  ? -0.823  -2.835  14.626  1.00 30.15 ? 62  GLU A OE1 1 
ATOM   478  O  OE2 . GLU A 1 62  ? -0.350  -5.003  14.725  1.00 46.58 ? 62  GLU A OE2 1 
ATOM   479  N  N   . ASN A 1 63  ? 3.868   -6.182  13.331  1.00 18.29 ? 63  ASN A N   1 
ATOM   480  C  CA  . ASN A 1 63  ? 3.651   -7.090  12.193  1.00 15.44 ? 63  ASN A CA  1 
ATOM   481  C  C   . ASN A 1 63  ? 2.130   -6.928  12.006  1.00 22.07 ? 63  ASN A C   1 
ATOM   482  O  O   . ASN A 1 63  ? 1.404   -7.143  12.989  1.00 31.13 ? 63  ASN A O   1 
ATOM   483  C  CB  . ASN A 1 63  ? 3.964   -8.549  12.462  1.00 21.44 ? 63  ASN A CB  1 
ATOM   484  C  CG  . ASN A 1 63  ? 5.303   -9.036  11.962  1.00 41.09 ? 63  ASN A CG  1 
ATOM   485  O  OD1 . ASN A 1 63  ? 6.360   -8.517  12.358  1.00 55.63 ? 63  ASN A OD1 1 
ATOM   486  N  ND2 . ASN A 1 63  ? 5.214   -10.038 11.081  1.00 66.20 ? 63  ASN A ND2 1 
ATOM   487  N  N   . TYR A 1 64  ? 1.692   -6.575  10.825  1.00 17.44 ? 64  TYR A N   1 
ATOM   488  C  CA  . TYR A 1 64  ? 0.261   -6.394  10.578  1.00 12.66 ? 64  TYR A CA  1 
ATOM   489  C  C   . TYR A 1 64  ? -0.250  -7.325  9.477   1.00 18.15 ? 64  TYR A C   1 
ATOM   490  O  O   . TYR A 1 64  ? 0.380   -7.400  8.408   1.00 15.50 ? 64  TYR A O   1 
ATOM   491  C  CB  . TYR A 1 64  ? 0.012   -4.929  10.207  1.00 16.94 ? 64  TYR A CB  1 
ATOM   492  C  CG  . TYR A 1 64  ? -1.456  -4.621  10.079  1.00 17.05 ? 64  TYR A CG  1 
ATOM   493  C  CD1 . TYR A 1 64  ? -2.289  -4.636  11.201  1.00 20.84 ? 64  TYR A CD1 1 
ATOM   494  C  CD2 . TYR A 1 64  ? -2.020  -4.286  8.853   1.00 22.37 ? 64  TYR A CD2 1 
ATOM   495  C  CE1 . TYR A 1 64  ? -3.650  -4.324  11.097  1.00 24.40 ? 64  TYR A CE1 1 
ATOM   496  C  CE2 . TYR A 1 64  ? -3.371  -3.970  8.739   1.00 30.66 ? 64  TYR A CE2 1 
ATOM   497  C  CZ  . TYR A 1 64  ? -4.184  -3.984  9.863   1.00 34.68 ? 64  TYR A CZ  1 
ATOM   498  O  OH  . TYR A 1 64  ? -5.507  -3.676  9.728   1.00 30.27 ? 64  TYR A OH  1 
ATOM   499  N  N   . VAL A 1 65  ? -1.367  -7.994  9.755   1.00 12.99 ? 65  VAL A N   1 
ATOM   500  C  CA  . VAL A 1 65  ? -1.931  -8.907  8.773   1.00 11.71 ? 65  VAL A CA  1 
ATOM   501  C  C   . VAL A 1 65  ? -3.261  -8.291  8.322   1.00 17.29 ? 65  VAL A C   1 
ATOM   502  O  O   . VAL A 1 65  ? -4.183  -8.162  9.134   1.00 18.71 ? 65  VAL A O   1 
ATOM   503  C  CB  . VAL A 1 65  ? -2.119  -10.359 9.228   1.00 19.37 ? 65  VAL A CB  1 
ATOM   504  C  CG1 . VAL A 1 65  ? -2.791  -11.169 8.112   1.00 15.97 ? 65  VAL A CG1 1 
ATOM   505  C  CG2 . VAL A 1 65  ? -0.842  -11.062 9.664   1.00 18.96 ? 65  VAL A CG2 1 
ATOM   506  N  N   . LEU A 1 66  ? -3.280  -7.950  7.059   1.00 11.34 ? 66  LEU A N   1 
ATOM   507  C  CA  . LEU A 1 66  ? -4.475  -7.376  6.433   1.00 12.18 ? 66  LEU A CA  1 
ATOM   508  C  C   . LEU A 1 66  ? -5.212  -8.437  5.627   1.00 15.80 ? 66  LEU A C   1 
ATOM   509  O  O   . LEU A 1 66  ? -4.587  -9.105  4.784   1.00 14.52 ? 66  LEU A O   1 
ATOM   510  C  CB  . LEU A 1 66  ? -4.049  -6.244  5.494   1.00 10.33 ? 66  LEU A CB  1 
ATOM   511  C  CG  . LEU A 1 66  ? -5.103  -5.556  4.643   1.00 17.67 ? 66  LEU A CG  1 
ATOM   512  C  CD1 . LEU A 1 66  ? -6.047  -4.775  5.518   1.00 21.82 ? 66  LEU A CD1 1 
ATOM   513  C  CD2 . LEU A 1 66  ? -4.428  -4.675  3.626   1.00 17.61 ? 66  LEU A CD2 1 
ATOM   514  N  N   . THR A 1 67  ? -6.513  -8.580  5.847   1.00 12.12 ? 67  THR A N   1 
ATOM   515  C  CA  . THR A 1 67  ? -7.325  -9.499  5.053   1.00 10.84 ? 67  THR A CA  1 
ATOM   516  C  C   . THR A 1 67  ? -8.034  -8.614  4.001   1.00 12.84 ? 67  THR A C   1 
ATOM   517  O  O   . THR A 1 67  ? -8.689  -7.639  4.432   1.00 15.96 ? 67  THR A O   1 
ATOM   518  C  CB  . THR A 1 67  ? -8.359  -10.299 5.848   1.00 22.16 ? 67  THR A CB  1 
ATOM   519  O  OG1 . THR A 1 67  ? -7.603  -11.002 6.805   1.00 21.60 ? 67  THR A OG1 1 
ATOM   520  C  CG2 . THR A 1 67  ? -9.167  -11.238 4.949   1.00 19.25 ? 67  THR A CG2 1 
ATOM   521  N  N   . VAL A 1 68  ? -7.925  -8.957  2.725   1.00 11.97 ? 68  VAL A N   1 
ATOM   522  C  CA  . VAL A 1 68  ? -8.553  -8.186  1.649   1.00 14.31 ? 68  VAL A CA  1 
ATOM   523  C  C   . VAL A 1 68  ? -9.831  -8.894  1.156   1.00 12.17 ? 68  VAL A C   1 
ATOM   524  O  O   . VAL A 1 68  ? -9.770  -10.062 0.766   1.00 21.11 ? 68  VAL A O   1 
ATOM   525  C  CB  . VAL A 1 68  ? -7.571  -7.897  0.489   1.00 22.87 ? 68  VAL A CB  1 
ATOM   526  C  CG1 . VAL A 1 68  ? -6.542  -6.852  0.918   1.00 23.28 ? 68  VAL A CG1 1 
ATOM   527  C  CG2 . VAL A 1 68  ? -6.903  -9.140  -0.053  1.00 23.99 ? 68  VAL A CG2 1 
ATOM   528  N  N   . THR A 1 69  ? -10.897 -8.110  1.206   1.00 11.94 ? 69  THR A N   1 
ATOM   529  C  CA  . THR A 1 69  ? -12.224 -8.615  0.776   1.00 16.54 ? 69  THR A CA  1 
ATOM   530  C  C   . THR A 1 69  ? -12.716 -7.993  -0.524  1.00 15.31 ? 69  THR A C   1 
ATOM   531  O  O   . THR A 1 69  ? -12.867 -8.664  -1.544  1.00 20.61 ? 69  THR A O   1 
ATOM   532  C  CB  . THR A 1 69  ? -13.242 -8.400  1.919   1.00 19.73 ? 69  THR A CB  1 
ATOM   533  O  OG1 . THR A 1 69  ? -12.734 -9.112  3.037   1.00 29.63 ? 69  THR A OG1 1 
ATOM   534  C  CG2 . THR A 1 69  ? -14.621 -8.928  1.555   1.00 23.21 ? 69  THR A CG2 1 
ATOM   535  N  N   . GLN A 1 70  ? -12.934 -6.687  -0.458  1.00 14.62 ? 70  GLN A N   1 
ATOM   536  C  CA  . GLN A 1 70  ? -13.456 -5.923  -1.611  1.00 12.12 ? 70  GLN A CA  1 
ATOM   537  C  C   . GLN A 1 70  ? -12.462 -5.811  -2.744  1.00 16.08 ? 70  GLN A C   1 
ATOM   538  O  O   . GLN A 1 70  ? -11.287 -5.448  -2.594  1.00 15.18 ? 70  GLN A O   1 
ATOM   539  C  CB  . GLN A 1 70  ? -13.827 -4.497  -1.159  1.00 15.76 ? 70  GLN A CB  1 
ATOM   540  C  CG  . GLN A 1 70  ? -14.811 -4.507  0.012   1.00 21.56 ? 70  GLN A CG  1 
ATOM   541  C  CD  . GLN A 1 70  ? -16.091 -5.165  -0.482  1.00 33.10 ? 70  GLN A CD  1 
ATOM   542  O  OE1 . GLN A 1 70  ? -16.533 -4.960  -1.622  1.00 29.99 ? 70  GLN A OE1 1 
ATOM   543  N  NE2 . GLN A 1 70  ? -16.661 -5.989  0.383   1.00 31.39 ? 70  GLN A NE2 1 
ATOM   544  N  N   . PRO A 1 71  ? -12.921 -6.094  -3.940  1.00 12.64 ? 71  PRO A N   1 
ATOM   545  C  CA  . PRO A 1 71  ? -12.142 -6.002  -5.173  1.00 10.97 ? 71  PRO A CA  1 
ATOM   546  C  C   . PRO A 1 71  ? -11.892 -4.498  -5.413  1.00 12.03 ? 71  PRO A C   1 
ATOM   547  O  O   . PRO A 1 71  ? -12.693 -3.673  -4.924  1.00 12.53 ? 71  PRO A O   1 
ATOM   548  C  CB  . PRO A 1 71  ? -13.007 -6.656  -6.248  1.00 21.91 ? 71  PRO A CB  1 
ATOM   549  C  CG  . PRO A 1 71  ? -14.092 -7.419  -5.492  1.00 25.15 ? 71  PRO A CG  1 
ATOM   550  C  CD  . PRO A 1 71  ? -14.344 -6.541  -4.256  1.00 15.58 ? 71  PRO A CD  1 
ATOM   551  N  N   . GLY A 1 72  ? -10.833 -4.218  -6.148  1.00 11.92 ? 72  GLY A N   1 
ATOM   552  C  CA  . GLY A 1 72  ? -10.485 -2.833  -6.482  1.00 11.81 ? 72  GLY A CA  1 
ATOM   553  C  C   . GLY A 1 72  ? -9.038  -2.576  -6.058  1.00 10.95 ? 72  GLY A C   1 
ATOM   554  O  O   . GLY A 1 72  ? -8.354  -3.503  -5.615  1.00 9.45  ? 72  GLY A O   1 
ATOM   555  N  N   . ALA A 1 73  ? -8.652  -1.326  -6.196  1.00 9.43  ? 73  ALA A N   1 
ATOM   556  C  CA  . ALA A 1 73  ? -7.294  -0.890  -5.841  1.00 8.03  ? 73  ALA A CA  1 
ATOM   557  C  C   . ALA A 1 73  ? -7.320  -0.182  -4.492  1.00 7.16  ? 73  ALA A C   1 
ATOM   558  O  O   . ALA A 1 73  ? -8.278  0.468   -4.090  1.00 8.35  ? 73  ALA A O   1 
ATOM   559  C  CB  . ALA A 1 73  ? -6.797  0.072   -6.937  1.00 7.76  ? 73  ALA A CB  1 
ATOM   560  N  N   . TYR A 1 74  ? -6.207  -0.362  -3.778  1.00 7.60  ? 74  TYR A N   1 
ATOM   561  C  CA  . TYR A 1 74  ? -6.007  0.232   -2.464  1.00 6.69  ? 74  TYR A CA  1 
ATOM   562  C  C   . TYR A 1 74  ? -4.625  0.897   -2.433  1.00 10.40 ? 74  TYR A C   1 
ATOM   563  O  O   . TYR A 1 74  ? -3.664  0.164   -2.731  1.00 9.42  ? 74  TYR A O   1 
ATOM   564  C  CB  . TYR A 1 74  ? -5.939  -0.823  -1.349  1.00 8.93  ? 74  TYR A CB  1 
ATOM   565  C  CG  . TYR A 1 74  ? -7.127  -1.723  -1.105  1.00 9.20  ? 74  TYR A CG  1 
ATOM   566  C  CD1 . TYR A 1 74  ? -7.612  -2.531  -2.149  1.00 9.72  ? 74  TYR A CD1 1 
ATOM   567  C  CD2 . TYR A 1 74  ? -7.732  -1.755  0.156   1.00 8.43  ? 74  TYR A CD2 1 
ATOM   568  C  CE1 . TYR A 1 74  ? -8.710  -3.373  -1.929  1.00 9.75  ? 74  TYR A CE1 1 
ATOM   569  C  CE2 . TYR A 1 74  ? -8.831  -2.584  0.373   1.00 11.99 ? 74  TYR A CE2 1 
ATOM   570  C  CZ  . TYR A 1 74  ? -9.301  -3.375  -0.660  1.00 15.84 ? 74  TYR A CZ  1 
ATOM   571  O  OH  . TYR A 1 74  ? -10.380 -4.201  -0.454  1.00 18.78 ? 74  TYR A OH  1 
ATOM   572  N  N   . LEU A 1 75  ? -4.584  2.165   -2.082  1.00 8.89  ? 75  LEU A N   1 
ATOM   573  C  CA  . LEU A 1 75  ? -3.243  2.794   -1.947  1.00 7.23  ? 75  LEU A CA  1 
ATOM   574  C  C   . LEU A 1 75  ? -3.079  2.875   -0.430  1.00 9.90  ? 75  LEU A C   1 
ATOM   575  O  O   . LEU A 1 75  ? -3.943  3.462   0.269   1.00 9.98  ? 75  LEU A O   1 
ATOM   576  C  CB  . LEU A 1 75  ? -3.142  4.171   -2.556  1.00 11.01 ? 75  LEU A CB  1 
ATOM   577  C  CG  . LEU A 1 75  ? -1.747  4.725   -2.826  1.00 11.78 ? 75  LEU A CG  1 
ATOM   578  C  CD1 . LEU A 1 75  ? -1.077  3.853   -3.847  1.00 11.81 ? 75  LEU A CD1 1 
ATOM   579  C  CD2 . LEU A 1 75  ? -1.812  6.162   -3.286  1.00 13.56 ? 75  LEU A CD2 1 
ATOM   580  N  N   . VAL A 1 76  ? -2.007  2.294   0.072   1.00 7.07  ? 76  VAL A N   1 
ATOM   581  C  CA  . VAL A 1 76  ? -1.685  2.341   1.498   1.00 6.88  ? 76  VAL A CA  1 
ATOM   582  C  C   . VAL A 1 76  ? -0.410  3.174   1.627   1.00 8.69  ? 76  VAL A C   1 
ATOM   583  O  O   . VAL A 1 76  ? 0.443   3.302   0.714   1.00 7.73  ? 76  VAL A O   1 
ATOM   584  C  CB  . VAL A 1 76  ? -1.547  0.918   2.068   1.00 10.67 ? 76  VAL A CB  1 
ATOM   585  C  CG1 . VAL A 1 76  ? -2.815  0.082   1.821   1.00 13.57 ? 76  VAL A CG1 1 
ATOM   586  C  CG2 . VAL A 1 76  ? -0.336  0.193   1.518   1.00 14.16 ? 76  VAL A CG2 1 
ATOM   587  N  N   . LYS A 1 77  ? -0.251  3.726   2.826   1.00 9.33  ? 77  LYS A N   1 
ATOM   588  C  CA  . LYS A 1 77  ? 0.960   4.509   3.113   1.00 7.36  ? 77  LYS A CA  1 
ATOM   589  C  C   . LYS A 1 77  ? 1.467   4.032   4.479   1.00 10.38 ? 77  LYS A C   1 
ATOM   590  O  O   . LYS A 1 77  ? 0.820   3.347   5.273   1.00 11.17 ? 77  LYS A O   1 
ATOM   591  C  CB  . LYS A 1 77  ? 0.643   5.994   3.243   1.00 9.21  ? 77  LYS A CB  1 
ATOM   592  C  CG  . LYS A 1 77  ? -0.382  6.245   4.368   1.00 12.11 ? 77  LYS A CG  1 
ATOM   593  C  CD  . LYS A 1 77  ? -0.594  7.757   4.596   1.00 12.59 ? 77  LYS A CD  1 
ATOM   594  C  CE  . LYS A 1 77  ? -1.873  7.948   5.394   1.00 22.09 ? 77  LYS A CE  1 
ATOM   595  N  NZ  . LYS A 1 77  ? -1.940  9.371   5.837   1.00 19.34 ? 77  LYS A NZ  1 
ATOM   596  N  N   . CYS A 1 78  ? 2.666   4.464   4.692   1.00 8.58  ? 78  CYS A N   1 
ATOM   597  C  CA  . CYS A 1 78  ? 3.347   4.325   5.996   1.00 4.44  ? 78  CYS A CA  1 
ATOM   598  C  C   . CYS A 1 78  ? 3.012   5.728   6.559   1.00 11.79 ? 78  CYS A C   1 
ATOM   599  O  O   . CYS A 1 78  ? 3.410   6.717   5.894   1.00 11.04 ? 78  CYS A O   1 
ATOM   600  C  CB  . CYS A 1 78  ? 4.843   4.193   5.835   1.00 7.19  ? 78  CYS A CB  1 
ATOM   601  S  SG  . CYS A 1 78  ? 5.619   4.470   7.496   1.00 12.96 ? 78  CYS A SG  1 
ATOM   602  N  N   . THR A 1 79  ? 2.348   5.854   7.683   1.00 13.83 ? 79  THR A N   1 
ATOM   603  C  CA  . THR A 1 79  ? 1.971   7.172   8.238   1.00 13.40 ? 79  THR A CA  1 
ATOM   604  C  C   . THR A 1 79  ? 3.102   8.191   8.327   1.00 12.39 ? 79  THR A C   1 
ATOM   605  O  O   . THR A 1 79  ? 3.044   9.293   7.750   1.00 15.20 ? 79  THR A O   1 
ATOM   606  C  CB  . THR A 1 79  ? 1.204   6.997   9.572   1.00 19.35 ? 79  THR A CB  1 
ATOM   607  O  OG1 . THR A 1 79  ? 0.204   6.018   9.332   1.00 17.70 ? 79  THR A OG1 1 
ATOM   608  C  CG2 . THR A 1 79  ? 0.538   8.309   9.977   1.00 15.23 ? 79  THR A CG2 1 
ATOM   609  N  N   . PRO A 1 80  ? 4.159   7.861   9.038   1.00 13.44 ? 80  PRO A N   1 
ATOM   610  C  CA  . PRO A 1 80  ? 5.294   8.772   9.208   1.00 12.31 ? 80  PRO A CA  1 
ATOM   611  C  C   . PRO A 1 80  ? 6.011   9.142   7.930   1.00 14.09 ? 80  PRO A C   1 
ATOM   612  O  O   . PRO A 1 80  ? 6.487   10.280  7.790   1.00 15.74 ? 80  PRO A O   1 
ATOM   613  C  CB  . PRO A 1 80  ? 6.301   8.060   10.123  1.00 12.47 ? 80  PRO A CB  1 
ATOM   614  C  CG  . PRO A 1 80  ? 5.829   6.630   10.304  1.00 14.72 ? 80  PRO A CG  1 
ATOM   615  C  CD  . PRO A 1 80  ? 4.367   6.607   9.852   1.00 11.88 ? 80  PRO A CD  1 
ATOM   616  N  N   . HIS A 1 81  ? 6.070   8.171   6.988   1.00 11.06 ? 81  HIS A N   1 
ATOM   617  C  CA  . HIS A 1 81  ? 6.841   8.421   5.763   1.00 9.17  ? 81  HIS A CA  1 
ATOM   618  C  C   . HIS A 1 81  ? 6.062   8.628   4.462   1.00 9.99  ? 81  HIS A C   1 
ATOM   619  O  O   . HIS A 1 81  ? 6.723   8.573   3.408   1.00 11.21 ? 81  HIS A O   1 
ATOM   620  C  CB  . HIS A 1 81  ? 7.821   7.242   5.604   1.00 10.25 ? 81  HIS A CB  1 
ATOM   621  C  CG  . HIS A 1 81  ? 8.713   7.121   6.801   1.00 12.81 ? 81  HIS A CG  1 
ATOM   622  N  ND1 . HIS A 1 81  ? 8.811   5.999   7.582   1.00 14.27 ? 81  HIS A ND1 1 
ATOM   623  C  CD2 . HIS A 1 81  ? 9.549   8.076   7.326   1.00 11.66 ? 81  HIS A CD2 1 
ATOM   624  C  CE1 . HIS A 1 81  ? 9.664   6.208   8.540   1.00 19.87 ? 81  HIS A CE1 1 
ATOM   625  N  NE2 . HIS A 1 81  ? 10.133  7.469   8.416   1.00 13.83 ? 81  HIS A NE2 1 
ATOM   626  N  N   . TYR A 1 82  ? 4.796   8.945   4.534   1.00 10.09 ? 82  TYR A N   1 
ATOM   627  C  CA  . TYR A 1 82  ? 3.987   9.170   3.324   1.00 10.74 ? 82  TYR A CA  1 
ATOM   628  C  C   . TYR A 1 82  ? 4.603   10.222  2.417   1.00 14.41 ? 82  TYR A C   1 
ATOM   629  O  O   . TYR A 1 82  ? 4.819   10.012  1.216   1.00 16.20 ? 82  TYR A O   1 
ATOM   630  C  CB  . TYR A 1 82  ? 2.568   9.555   3.766   1.00 14.68 ? 82  TYR A CB  1 
ATOM   631  C  CG  . TYR A 1 82  ? 1.605   9.819   2.625   1.00 10.79 ? 82  TYR A CG  1 
ATOM   632  C  CD1 . TYR A 1 82  ? 1.492   8.882   1.587   1.00 16.90 ? 82  TYR A CD1 1 
ATOM   633  C  CD2 . TYR A 1 82  ? 0.795   10.933  2.597   1.00 15.78 ? 82  TYR A CD2 1 
ATOM   634  C  CE1 . TYR A 1 82  ? 0.586   9.077   0.527   1.00 16.24 ? 82  TYR A CE1 1 
ATOM   635  C  CE2 . TYR A 1 82  ? -0.114  11.148  1.550   1.00 17.80 ? 82  TYR A CE2 1 
ATOM   636  C  CZ  . TYR A 1 82  ? -0.207  10.222  0.529   1.00 19.24 ? 82  TYR A CZ  1 
ATOM   637  O  OH  . TYR A 1 82  ? -1.090  10.449  -0.488  1.00 20.68 ? 82  TYR A OH  1 
ATOM   638  N  N   . ALA A 1 83  ? 4.950   11.357  3.031   1.00 19.07 ? 83  ALA A N   1 
ATOM   639  C  CA  . ALA A 1 83  ? 5.528   12.477  2.252   1.00 17.41 ? 83  ALA A CA  1 
ATOM   640  C  C   . ALA A 1 83  ? 6.885   12.126  1.673   1.00 22.35 ? 83  ALA A C   1 
ATOM   641  O  O   . ALA A 1 83  ? 7.330   12.848  0.754   1.00 28.10 ? 83  ALA A O   1 
ATOM   642  C  CB  . ALA A 1 83  ? 5.516   13.742  3.098   1.00 29.30 ? 83  ALA A CB  1 
ATOM   643  N  N   . MET A 1 84  ? 7.543   11.071  2.125   1.00 12.70 ? 84  MET A N   1 
ATOM   644  C  CA  . MET A 1 84  ? 8.831   10.621  1.595   1.00 11.76 ? 84  MET A CA  1 
ATOM   645  C  C   . MET A 1 84  ? 8.618   9.541   0.534   1.00 13.26 ? 84  MET A C   1 
ATOM   646  O  O   . MET A 1 84  ? 9.593   9.024   -0.002  1.00 15.57 ? 84  MET A O   1 
ATOM   647  C  CB  . MET A 1 84  ? 9.822   10.149  2.663   1.00 11.33 ? 84  MET A CB  1 
ATOM   648  C  CG  . MET A 1 84  ? 9.835   11.216  3.753   1.00 18.87 ? 84  MET A CG  1 
ATOM   649  S  SD  . MET A 1 84  ? 10.957  10.653  5.040   1.00 30.94 ? 84  MET A SD  1 
ATOM   650  C  CE  . MET A 1 84  ? 12.317  10.145  3.947   1.00 60.49 ? 84  MET A CE  1 
ATOM   651  N  N   . GLY A 1 85  ? 7.356   9.264   0.232   1.00 11.57 ? 85  GLY A N   1 
ATOM   652  C  CA  . GLY A 1 85  ? 6.969   8.320   -0.823  1.00 11.22 ? 85  GLY A CA  1 
ATOM   653  C  C   . GLY A 1 85  ? 6.765   6.888   -0.371  1.00 11.80 ? 85  GLY A C   1 
ATOM   654  O  O   . GLY A 1 85  ? 6.754   6.013   -1.256  1.00 11.52 ? 85  GLY A O   1 
ATOM   655  N  N   . MET A 1 86  ? 6.573   6.668   0.903   1.00 7.87  ? 86  MET A N   1 
ATOM   656  C  CA  . MET A 1 86  ? 6.404   5.269   1.360   1.00 8.51  ? 86  MET A CA  1 
ATOM   657  C  C   . MET A 1 86  ? 4.972   4.792   1.162   1.00 8.22  ? 86  MET A C   1 
ATOM   658  O  O   . MET A 1 86  ? 4.139   4.954   2.084   1.00 10.16 ? 86  MET A O   1 
ATOM   659  C  CB  . MET A 1 86  ? 6.908   5.096   2.819   1.00 4.70  ? 86  MET A CB  1 
ATOM   660  C  CG  . MET A 1 86  ? 6.982   3.592   3.129   1.00 6.62  ? 86  MET A CG  1 
ATOM   661  S  SD  . MET A 1 86  ? 8.102   3.389   4.557   1.00 12.13 ? 86  MET A SD  1 
ATOM   662  C  CE  . MET A 1 86  ? 7.948   1.610   4.801   1.00 9.36  ? 86  MET A CE  1 
ATOM   663  N  N   . ILE A 1 87  ? 4.756   4.189   -0.008  1.00 8.50  ? 87  ILE A N   1 
ATOM   664  C  CA  . ILE A 1 87  ? 3.398   3.675   -0.335  1.00 7.99  ? 87  ILE A CA  1 
ATOM   665  C  C   . ILE A 1 87  ? 3.451   2.319   -1.043  1.00 8.39  ? 87  ILE A C   1 
ATOM   666  O  O   . ILE A 1 87  ? 4.499   1.862   -1.519  1.00 9.04  ? 87  ILE A O   1 
ATOM   667  C  CB  . ILE A 1 87  ? 2.626   4.621   -1.286  1.00 9.27  ? 87  ILE A CB  1 
ATOM   668  C  CG1 . ILE A 1 87  ? 3.435   4.952   -2.539  1.00 11.39 ? 87  ILE A CG1 1 
ATOM   669  C  CG2 . ILE A 1 87  ? 2.218   5.927   -0.625  1.00 13.37 ? 87  ILE A CG2 1 
ATOM   670  C  CD1 . ILE A 1 87  ? 3.407   3.984   -3.703  1.00 28.29 ? 87  ILE A CD1 1 
ATOM   671  N  N   . ALA A 1 88  ? 2.294   1.649   -1.087  1.00 6.96  ? 88  ALA A N   1 
ATOM   672  C  CA  . ALA A 1 88  ? 2.148   0.371   -1.772  1.00 7.55  ? 88  ALA A CA  1 
ATOM   673  C  C   . ALA A 1 88  ? 0.729   0.398   -2.402  1.00 9.42  ? 88  ALA A C   1 
ATOM   674  O  O   . ALA A 1 88  ? -0.204  1.027   -1.866  1.00 10.72 ? 88  ALA A O   1 
ATOM   675  C  CB  . ALA A 1 88  ? 2.297   -0.881  -0.921  1.00 9.40  ? 88  ALA A CB  1 
ATOM   676  N  N   . LEU A 1 89  ? 0.628   -0.295  -3.528  1.00 9.11  ? 89  LEU A N   1 
ATOM   677  C  CA  . LEU A 1 89  ? -0.656  -0.418  -4.226  1.00 5.23  ? 89  LEU A CA  1 
ATOM   678  C  C   . LEU A 1 89  ? -1.065  -1.892  -4.163  1.00 9.06  ? 89  LEU A C   1 
ATOM   679  O  O   . LEU A 1 89  ? -0.274  -2.760  -4.573  1.00 9.51  ? 89  LEU A O   1 
ATOM   680  C  CB  . LEU A 1 89  ? -0.528  0.021   -5.687  1.00 7.84  ? 89  LEU A CB  1 
ATOM   681  C  CG  . LEU A 1 89  ? -1.759  -0.181  -6.561  1.00 13.27 ? 89  LEU A CG  1 
ATOM   682  C  CD1 . LEU A 1 89  ? -2.787  0.836   -6.195  1.00 13.27 ? 89  LEU A CD1 1 
ATOM   683  C  CD2 . LEU A 1 89  ? -1.432  -0.074  -8.039  1.00 23.67 ? 89  LEU A CD2 1 
ATOM   684  N  N   . ILE A 1 90  ? -2.261  -2.145  -3.658  1.00 5.73  ? 90  ILE A N   1 
ATOM   685  C  CA  . ILE A 1 90  ? -2.796  -3.512  -3.597  1.00 5.37  ? 90  ILE A CA  1 
ATOM   686  C  C   . ILE A 1 90  ? -3.891  -3.553  -4.681  1.00 9.43  ? 90  ILE A C   1 
ATOM   687  O  O   . ILE A 1 90  ? -4.772  -2.662  -4.669  1.00 11.60 ? 90  ILE A O   1 
ATOM   688  C  CB  . ILE A 1 90  ? -3.337  -3.850  -2.218  1.00 9.10  ? 90  ILE A CB  1 
ATOM   689  C  CG1 . ILE A 1 90  ? -2.315  -3.636  -1.093  1.00 12.33 ? 90  ILE A CG1 1 
ATOM   690  C  CG2 . ILE A 1 90  ? -3.866  -5.301  -2.223  1.00 12.27 ? 90  ILE A CG2 1 
ATOM   691  C  CD1 . ILE A 1 90  ? -2.908  -3.690  0.327   1.00 15.94 ? 90  ILE A CD1 1 
ATOM   692  N  N   . ALA A 1 91  ? -3.796  -4.512  -5.571  1.00 8.02  ? 91  ALA A N   1 
ATOM   693  C  CA  . ALA A 1 91  ? -4.833  -4.641  -6.647  1.00 11.46 ? 91  ALA A CA  1 
ATOM   694  C  C   . ALA A 1 91  ? -5.601  -5.940  -6.356  1.00 13.26 ? 91  ALA A C   1 
ATOM   695  O  O   . ALA A 1 91  ? -4.939  -6.994  -6.409  1.00 13.25 ? 91  ALA A O   1 
ATOM   696  C  CB  . ALA A 1 91  ? -4.278  -4.648  -8.062  1.00 10.59 ? 91  ALA A CB  1 
ATOM   697  N  N   . VAL A 1 92  ? -6.869  -5.832  -6.020  1.00 9.81  ? 92  VAL A N   1 
ATOM   698  C  CA  . VAL A 1 92  ? -7.678  -7.025  -5.703  1.00 8.66  ? 92  VAL A CA  1 
ATOM   699  C  C   . VAL A 1 92  ? -8.632  -7.291  -6.866  1.00 16.69 ? 92  VAL A C   1 
ATOM   700  O  O   . VAL A 1 92  ? -9.481  -6.460  -7.218  1.00 13.25 ? 92  VAL A O   1 
ATOM   701  C  CB  . VAL A 1 92  ? -8.386  -6.829  -4.363  1.00 11.24 ? 92  VAL A CB  1 
ATOM   702  C  CG1 . VAL A 1 92  ? -9.266  -8.016  -3.957  1.00 17.99 ? 92  VAL A CG1 1 
ATOM   703  C  CG2 . VAL A 1 92  ? -7.376  -6.562  -3.250  1.00 11.14 ? 92  VAL A CG2 1 
ATOM   704  N  N   . GLY A 1 93  ? -8.493  -8.480  -7.427  1.00 18.80 ? 93  GLY A N   1 
ATOM   705  C  CA  . GLY A 1 93  ? -9.335  -8.900  -8.553  1.00 16.42 ? 93  GLY A CA  1 
ATOM   706  C  C   . GLY A 1 93  ? -8.725  -8.204  -9.764  1.00 18.94 ? 93  GLY A C   1 
ATOM   707  O  O   . GLY A 1 93  ? -7.735  -7.478  -9.725  1.00 24.90 ? 93  GLY A O   1 
ATOM   708  N  N   . ASP A 1 94  ? -9.367  -8.452  -10.882 1.00 17.60 ? 94  ASP A N   1 
ATOM   709  C  CA  . ASP A 1 94  ? -8.995  -7.923  -12.197 1.00 21.30 ? 94  ASP A CA  1 
ATOM   710  C  C   . ASP A 1 94  ? -9.610  -6.548  -12.450 1.00 23.69 ? 94  ASP A C   1 
ATOM   711  O  O   . ASP A 1 94  ? -10.673 -6.208  -11.909 1.00 25.07 ? 94  ASP A O   1 
ATOM   712  C  CB  . ASP A 1 94  ? -9.459  -8.875  -13.329 1.00 34.77 ? 94  ASP A CB  1 
ATOM   713  C  CG  . ASP A 1 94  ? -8.747  -10.206 -13.199 1.00 86.91 ? 94  ASP A CG  1 
ATOM   714  O  OD1 . ASP A 1 94  ? -9.368  -11.244 -13.040 1.00 85.78 ? 94  ASP A OD1 1 
ATOM   715  O  OD2 . ASP A 1 94  ? -7.437  -10.160 -13.253 1.00 82.78 ? 94  ASP A OD2 1 
ATOM   716  N  N   . SER A 1 95  ? -8.914  -5.816  -13.298 1.00 21.49 ? 95  SER A N   1 
ATOM   717  C  CA  . SER A 1 95  ? -9.316  -4.469  -13.724 1.00 24.18 ? 95  SER A CA  1 
ATOM   718  C  C   . SER A 1 95  ? -9.969  -3.648  -12.630 1.00 17.89 ? 95  SER A C   1 
ATOM   719  O  O   . SER A 1 95  ? -11.177 -3.380  -12.746 1.00 18.32 ? 95  SER A O   1 
ATOM   720  C  CB  . SER A 1 95  ? -10.349 -4.605  -14.866 1.00 26.20 ? 95  SER A CB  1 
ATOM   721  O  OG  . SER A 1 95  ? -9.759  -5.092  -16.051 1.00 82.29 ? 95  SER A OG  1 
ATOM   722  N  N   . PRO A 1 96  ? -9.182  -3.268  -11.640 1.00 17.31 ? 96  PRO A N   1 
ATOM   723  C  CA  . PRO A 1 96  ? -9.682  -2.491  -10.485 1.00 12.96 ? 96  PRO A CA  1 
ATOM   724  C  C   . PRO A 1 96  ? -10.422 -1.265  -11.011 1.00 8.49  ? 96  PRO A C   1 
ATOM   725  O  O   . PRO A 1 96  ? -9.787  -0.473  -11.722 1.00 14.22 ? 96  PRO A O   1 
ATOM   726  C  CB  . PRO A 1 96  ? -8.475  -2.266  -9.619  1.00 13.90 ? 96  PRO A CB  1 
ATOM   727  C  CG  . PRO A 1 96  ? -7.240  -2.807  -10.300 1.00 20.34 ? 96  PRO A CG  1 
ATOM   728  C  CD  . PRO A 1 96  ? -7.728  -3.588  -11.503 1.00 19.84 ? 96  PRO A CD  1 
ATOM   729  N  N   . ALA A 1 97  ? -11.691 -1.162  -10.650 1.00 9.10  ? 97  ALA A N   1 
ATOM   730  C  CA  . ALA A 1 97  ? -12.549 -0.068  -11.151 1.00 12.31 ? 97  ALA A CA  1 
ATOM   731  C  C   . ALA A 1 97  ? -12.078 1.330   -10.715 1.00 17.73 ? 97  ALA A C   1 
ATOM   732  O  O   . ALA A 1 97  ? -12.368 2.294   -11.448 1.00 15.15 ? 97  ALA A O   1 
ATOM   733  C  CB  . ALA A 1 97  ? -13.997 -0.226  -10.714 1.00 12.09 ? 97  ALA A CB  1 
ATOM   734  N  N   . ASN A 1 98  ? -11.407 1.400   -9.579  1.00 9.96  ? 98  ASN A N   1 
ATOM   735  C  CA  . ASN A 1 98  ? -10.955 2.708   -9.036  1.00 8.84  ? 98  ASN A CA  1 
ATOM   736  C  C   . ASN A 1 98  ? -9.500  3.035   -9.293  1.00 7.61  ? 98  ASN A C   1 
ATOM   737  O  O   . ASN A 1 98  ? -9.058  4.054   -8.713  1.00 11.40 ? 98  ASN A O   1 
ATOM   738  C  CB  . ASN A 1 98  ? -11.351 2.785   -7.552  1.00 8.37  ? 98  ASN A CB  1 
ATOM   739  C  CG  . ASN A 1 98  ? -10.559 1.742   -6.752  1.00 8.61  ? 98  ASN A CG  1 
ATOM   740  O  OD1 . ASN A 1 98  ? -10.200 0.685   -7.275  1.00 12.29 ? 98  ASN A OD1 1 
ATOM   741  N  ND2 . ASN A 1 98  ? -10.278 2.059   -5.477  1.00 8.18  ? 98  ASN A ND2 1 
ATOM   742  N  N   . LEU A 1 99  ? -8.804  2.275   -10.116 1.00 8.56  ? 99  LEU A N   1 
ATOM   743  C  CA  . LEU A 1 99  ? -7.380  2.571   -10.359 1.00 9.39  ? 99  LEU A CA  1 
ATOM   744  C  C   . LEU A 1 99  ? -7.117  3.944   -10.976 1.00 10.20 ? 99  LEU A C   1 
ATOM   745  O  O   . LEU A 1 99  ? -6.234  4.674   -10.484 1.00 12.69 ? 99  LEU A O   1 
ATOM   746  C  CB  . LEU A 1 99  ? -6.762  1.442   -11.195 1.00 12.54 ? 99  LEU A CB  1 
ATOM   747  C  CG  . LEU A 1 99  ? -5.246  1.557   -11.388 1.00 13.42 ? 99  LEU A CG  1 
ATOM   748  C  CD1 . LEU A 1 99  ? -4.560  1.632   -10.070 1.00 17.09 ? 99  LEU A CD1 1 
ATOM   749  C  CD2 . LEU A 1 99  ? -4.739  0.397   -12.218 1.00 26.22 ? 99  LEU A CD2 1 
ATOM   750  N  N   . ASP A 1 100 ? -7.865  4.288   -12.026 1.00 11.72 ? 100 ASP A N   1 
ATOM   751  C  CA  . ASP A 1 100 ? -7.663  5.581   -12.701 1.00 10.49 ? 100 ASP A CA  1 
ATOM   752  C  C   . ASP A 1 100 ? -7.910  6.727   -11.721 1.00 9.28  ? 100 ASP A C   1 
ATOM   753  O  O   . ASP A 1 100 ? -7.201  7.750   -11.759 1.00 11.03 ? 100 ASP A O   1 
ATOM   754  C  CB  . ASP A 1 100 ? -8.548  5.664   -13.954 1.00 10.65 ? 100 ASP A CB  1 
ATOM   755  C  CG  . ASP A 1 100 ? -8.015  4.732   -15.019 1.00 22.47 ? 100 ASP A CG  1 
ATOM   756  O  OD1 . ASP A 1 100 ? -6.811  4.604   -15.142 1.00 31.11 ? 100 ASP A OD1 1 
ATOM   757  O  OD2 . ASP A 1 100 ? -8.914  4.114   -15.720 1.00 32.70 ? 100 ASP A OD2 1 
ATOM   758  N  N   . GLN A 1 101 ? -8.927  6.537   -10.890 1.00 7.57  ? 101 GLN A N   1 
ATOM   759  C  CA  . GLN A 1 101 ? -9.288  7.542   -9.878  1.00 8.87  ? 101 GLN A CA  1 
ATOM   760  C  C   . GLN A 1 101 ? -8.100  7.739   -8.914  1.00 12.20 ? 101 GLN A C   1 
ATOM   761  O  O   . GLN A 1 101 ? -7.702  8.885   -8.639  1.00 12.26 ? 101 GLN A O   1 
ATOM   762  C  CB  . GLN A 1 101 ? -10.586 7.171   -9.188  1.00 10.69 ? 101 GLN A CB  1 
ATOM   763  C  CG  . GLN A 1 101 ? -10.947 8.066   -8.030  1.00 11.50 ? 101 GLN A CG  1 
ATOM   764  C  CD  . GLN A 1 101 ? -10.432 7.552   -6.693  1.00 23.64 ? 101 GLN A CD  1 
ATOM   765  O  OE1 . GLN A 1 101 ? -9.859  8.257   -5.853  1.00 20.95 ? 101 GLN A OE1 1 
ATOM   766  N  NE2 . GLN A 1 101 ? -10.653 6.275   -6.448  1.00 9.99  ? 101 GLN A NE2 1 
ATOM   767  N  N   . ILE A 1 102 ? -7.552  6.634   -8.410  1.00 9.18  ? 102 ILE A N   1 
ATOM   768  C  CA  . ILE A 1 102 ? -6.379  6.717   -7.479  1.00 10.30 ? 102 ILE A CA  1 
ATOM   769  C  C   . ILE A 1 102 ? -5.215  7.382   -8.195  1.00 11.43 ? 102 ILE A C   1 
ATOM   770  O  O   . ILE A 1 102 ? -4.550  8.241   -7.571  1.00 11.83 ? 102 ILE A O   1 
ATOM   771  C  CB  . ILE A 1 102 ? -6.013  5.327   -6.944  1.00 11.39 ? 102 ILE A CB  1 
ATOM   772  C  CG1 . ILE A 1 102 ? -7.058  4.871   -5.948  1.00 11.27 ? 102 ILE A CG1 1 
ATOM   773  C  CG2 . ILE A 1 102 ? -4.617  5.296   -6.334  1.00 12.65 ? 102 ILE A CG2 1 
ATOM   774  C  CD1 . ILE A 1 102 ? -6.993  3.375   -5.583  1.00 14.97 ? 102 ILE A CD1 1 
ATOM   775  N  N   . VAL A 1 103 ? -4.964  7.042   -9.454  1.00 11.85 ? 103 VAL A N   1 
ATOM   776  C  CA  . VAL A 1 103 ? -3.842  7.664   -10.207 1.00 11.97 ? 103 VAL A CA  1 
ATOM   777  C  C   . VAL A 1 103 ? -4.006  9.175   -10.289 1.00 10.37 ? 103 VAL A C   1 
ATOM   778  O  O   . VAL A 1 103 ? -3.029  9.937   -10.152 1.00 12.68 ? 103 VAL A O   1 
ATOM   779  C  CB  . VAL A 1 103 ? -3.638  6.937   -11.555 1.00 14.35 ? 103 VAL A CB  1 
ATOM   780  C  CG1 . VAL A 1 103 ? -2.666  7.669   -12.478 1.00 19.96 ? 103 VAL A CG1 1 
ATOM   781  C  CG2 . VAL A 1 103 ? -3.153  5.495   -11.365 1.00 11.08 ? 103 VAL A CG2 1 
ATOM   782  N  N   . SER A 1 104 ? -5.213  9.648   -10.485 1.00 11.10 ? 104 SER A N   1 
ATOM   783  C  CA  . SER A 1 104 ? -5.565  11.048  -10.598 1.00 12.03 ? 104 SER A CA  1 
ATOM   784  C  C   . SER A 1 104 ? -5.648  11.841  -9.300  1.00 19.27 ? 104 SER A C   1 
ATOM   785  O  O   . SER A 1 104 ? -5.616  13.081  -9.414  1.00 16.43 ? 104 SER A O   1 
ATOM   786  C  CB  . SER A 1 104 ? -7.021  11.182  -11.148 1.00 12.56 ? 104 SER A CB  1 
ATOM   787  O  OG  . SER A 1 104 ? -6.840  10.823  -12.502 1.00 29.25 ? 104 SER A OG  1 
ATOM   788  N  N   . ALA A 1 105 ? -5.826  11.149  -8.198  1.00 11.71 ? 105 ALA A N   1 
ATOM   789  C  CA  . ALA A 1 105 ? -6.016  11.828  -6.898  1.00 10.16 ? 105 ALA A CA  1 
ATOM   790  C  C   . ALA A 1 105 ? -4.832  12.687  -6.449  1.00 13.69 ? 105 ALA A C   1 
ATOM   791  O  O   . ALA A 1 105 ? -3.672  12.432  -6.796  1.00 14.90 ? 105 ALA A O   1 
ATOM   792  C  CB  . ALA A 1 105 ? -6.402  10.752  -5.884  1.00 13.02 ? 105 ALA A CB  1 
ATOM   793  N  N   . LYS A 1 106 ? -5.191  13.706  -5.666  1.00 14.81 ? 106 LYS A N   1 
ATOM   794  C  CA  . LYS A 1 106 ? -4.191  14.618  -5.101  1.00 15.93 ? 106 LYS A CA  1 
ATOM   795  C  C   . LYS A 1 106 ? -3.316  13.846  -4.102  1.00 13.53 ? 106 LYS A C   1 
ATOM   796  O  O   . LYS A 1 106 ? -3.856  13.225  -3.162  1.00 18.25 ? 106 LYS A O   1 
ATOM   797  C  CB  . LYS A 1 106 ? -4.833  15.761  -4.318  1.00 18.56 ? 106 LYS A CB  1 
ATOM   798  C  CG  . LYS A 1 106 ? -3.827  16.879  -3.950  1.00 23.30 ? 106 LYS A CG  1 
ATOM   799  C  CD  . LYS A 1 106 ? -4.605  18.099  -3.467  1.00 47.44 ? 106 LYS A CD  1 
ATOM   800  C  CE  . LYS A 1 106 ? -3.733  19.158  -2.838  1.00 71.77 ? 106 LYS A CE  1 
ATOM   801  N  NZ  . LYS A 1 106 ? -3.544  18.927  -1.383  1.00 79.16 ? 106 LYS A NZ  1 
ATOM   802  N  N   . LYS A 1 107 ? -2.020  13.927  -4.314  1.00 13.93 ? 107 LYS A N   1 
ATOM   803  C  CA  . LYS A 1 107 ? -1.018  13.264  -3.435  1.00 18.58 ? 107 LYS A CA  1 
ATOM   804  C  C   . LYS A 1 107 ? 0.338   13.910  -3.714  1.00 25.48 ? 107 LYS A C   1 
ATOM   805  O  O   . LYS A 1 107 ? 0.554   14.585  -4.744  1.00 19.53 ? 107 LYS A O   1 
ATOM   806  C  CB  . LYS A 1 107 ? -1.020  11.756  -3.605  1.00 14.18 ? 107 LYS A CB  1 
ATOM   807  C  CG  . LYS A 1 107 ? -0.612  11.244  -4.975  1.00 16.04 ? 107 LYS A CG  1 
ATOM   808  C  CD  . LYS A 1 107 ? -0.889  9.754   -5.138  1.00 13.07 ? 107 LYS A CD  1 
ATOM   809  C  CE  . LYS A 1 107 ? -2.284  9.439   -5.658  1.00 12.09 ? 107 LYS A CE  1 
ATOM   810  N  NZ  . LYS A 1 107 ? -2.470  9.931   -7.056  1.00 11.31 ? 107 LYS A NZ  1 
ATOM   811  N  N   . PRO A 1 108 ? 1.264   13.746  -2.780  1.00 23.77 ? 108 PRO A N   1 
ATOM   812  C  CA  . PRO A 1 108 ? 2.612   14.305  -2.866  1.00 24.57 ? 108 PRO A CA  1 
ATOM   813  C  C   . PRO A 1 108 ? 3.280   13.867  -4.158  1.00 21.84 ? 108 PRO A C   1 
ATOM   814  O  O   . PRO A 1 108 ? 3.059   12.731  -4.644  1.00 16.75 ? 108 PRO A O   1 
ATOM   815  C  CB  . PRO A 1 108 ? 3.323   13.847  -1.589  1.00 16.43 ? 108 PRO A CB  1 
ATOM   816  C  CG  . PRO A 1 108 ? 2.204   13.522  -0.604  1.00 22.51 ? 108 PRO A CG  1 
ATOM   817  C  CD  . PRO A 1 108 ? 1.088   12.954  -1.516  1.00 19.40 ? 108 PRO A CD  1 
ATOM   818  N  N   . LYS A 1 109 ? 4.119   14.771  -4.666  1.00 20.13 ? 109 LYS A N   1 
ATOM   819  C  CA  . LYS A 1 109 ? 4.823   14.492  -5.926  1.00 17.32 ? 109 LYS A CA  1 
ATOM   820  C  C   . LYS A 1 109 ? 5.658   13.229  -5.848  1.00 16.89 ? 109 LYS A C   1 
ATOM   821  O  O   . LYS A 1 109 ? 5.628   12.456  -6.840  1.00 19.18 ? 109 LYS A O   1 
ATOM   822  C  CB  . LYS A 1 109 ? 5.682   15.663  -6.424  1.00 31.20 ? 109 LYS A CB  1 
ATOM   823  C  CG  . LYS A 1 109 ? 6.392   15.384  -7.763  1.00 33.14 ? 109 LYS A CG  1 
ATOM   824  C  CD  . LYS A 1 109 ? 7.096   16.613  -8.295  1.00 61.48 ? 109 LYS A CD  1 
ATOM   825  C  CE  . LYS A 1 109 ? 8.218   16.345  -9.265  1.00 72.46 ? 109 LYS A CE  1 
ATOM   826  N  NZ  . LYS A 1 109 ? 9.546   16.211  -8.602  1.00 72.46 ? 109 LYS A NZ  1 
ATOM   827  N  N   . ILE A 1 110 ? 6.357   13.063  -4.728  1.00 20.97 ? 110 ILE A N   1 
ATOM   828  C  CA  . ILE A 1 110 ? 7.212   11.858  -4.600  1.00 17.89 ? 110 ILE A CA  1 
ATOM   829  C  C   . ILE A 1 110 ? 6.366   10.596  -4.659  1.00 14.31 ? 110 ILE A C   1 
ATOM   830  O  O   . ILE A 1 110 ? 6.681   9.570   -5.316  1.00 20.14 ? 110 ILE A O   1 
ATOM   831  C  CB  . ILE A 1 110 ? 8.088   12.013  -3.347  1.00 20.44 ? 110 ILE A CB  1 
ATOM   832  C  CG1 . ILE A 1 110 ? 9.023   10.838  -3.270  1.00 20.93 ? 110 ILE A CG1 1 
ATOM   833  C  CG2 . ILE A 1 110 ? 7.160   12.185  -2.166  1.00 24.47 ? 110 ILE A CG2 1 
ATOM   834  C  CD1 . ILE A 1 110 ? 9.427   10.174  -4.593  1.00 34.50 ? 110 ILE A CD1 1 
ATOM   835  N  N   . VAL A 1 111 ? 5.214   10.699  -3.996  1.00 15.26 ? 111 VAL A N   1 
ATOM   836  C  CA  . VAL A 1 111 ? 4.245   9.584   -3.966  1.00 11.90 ? 111 VAL A CA  1 
ATOM   837  C  C   . VAL A 1 111 ? 3.778   9.276   -5.390  1.00 15.30 ? 111 VAL A C   1 
ATOM   838  O  O   . VAL A 1 111 ? 3.754   8.118   -5.839  1.00 14.66 ? 111 VAL A O   1 
ATOM   839  C  CB  . VAL A 1 111 ? 3.061   9.892   -3.029  1.00 12.57 ? 111 VAL A CB  1 
ATOM   840  C  CG1 . VAL A 1 111 ? 1.947   8.872   -3.268  1.00 12.52 ? 111 VAL A CG1 1 
ATOM   841  C  CG2 . VAL A 1 111 ? 3.515   9.964   -1.570  1.00 16.85 ? 111 VAL A CG2 1 
ATOM   842  N  N   . GLN A 1 112 ? 3.377   10.349  -6.095  1.00 15.65 ? 112 GLN A N   1 
ATOM   843  C  CA  . GLN A 1 112 ? 2.886   10.184  -7.482  1.00 11.80 ? 112 GLN A CA  1 
ATOM   844  C  C   . GLN A 1 112 ? 3.936   9.497   -8.352  1.00 11.43 ? 112 GLN A C   1 
ATOM   845  O  O   . GLN A 1 112 ? 3.647   8.566   -9.135  1.00 16.82 ? 112 GLN A O   1 
ATOM   846  C  CB  . GLN A 1 112 ? 2.443   11.517  -8.077  1.00 12.86 ? 112 GLN A CB  1 
ATOM   847  C  CG  . GLN A 1 112 ? 1.781   11.325  -9.471  1.00 15.41 ? 112 GLN A CG  1 
ATOM   848  C  CD  . GLN A 1 112 ? 0.414   10.675  -9.361  1.00 16.47 ? 112 GLN A CD  1 
ATOM   849  O  OE1 . GLN A 1 112 ? -0.219  10.728  -8.305  1.00 19.91 ? 112 GLN A OE1 1 
ATOM   850  N  NE2 . GLN A 1 112 ? -0.043  10.088  -10.479 1.00 15.23 ? 112 GLN A NE2 1 
ATOM   851  N  N   . GLU A 1 113 ? 5.193   9.946   -8.232  1.00 15.01 ? 113 GLU A N   1 
ATOM   852  C  CA  . GLU A 1 113 ? 6.259   9.362   -9.056  1.00 14.25 ? 113 GLU A CA  1 
ATOM   853  C  C   . GLU A 1 113 ? 6.399   7.876   -8.773  1.00 13.06 ? 113 GLU A C   1 
ATOM   854  O  O   . GLU A 1 113 ? 6.463   7.100   -9.739  1.00 18.53 ? 113 GLU A O   1 
ATOM   855  C  CB  . GLU A 1 113 ? 7.605   10.065  -8.902  1.00 23.46 ? 113 GLU A CB  1 
ATOM   856  C  CG  . GLU A 1 113 ? 7.706   11.572  -9.094  1.00 57.55 ? 113 GLU A CG  1 
ATOM   857  C  CD  . GLU A 1 113 ? 9.040   12.260  -9.086  1.00 82.17 ? 113 GLU A CD  1 
ATOM   858  O  OE1 . GLU A 1 113 ? 9.323   13.229  -9.789  1.00 85.04 ? 113 GLU A OE1 1 
ATOM   859  O  OE2 . GLU A 1 113 ? 9.946   11.776  -8.257  1.00 78.14 ? 113 GLU A OE2 1 
ATOM   860  N  N   . ARG A 1 114 ? 6.453   7.507   -7.486  1.00 15.13 ? 114 ARG A N   1 
ATOM   861  C  CA  . ARG A 1 114 ? 6.583   6.066   -7.165  1.00 15.52 ? 114 ARG A CA  1 
ATOM   862  C  C   . ARG A 1 114 ? 5.416   5.230   -7.667  1.00 13.24 ? 114 ARG A C   1 
ATOM   863  O  O   . ARG A 1 114 ? 5.605   4.106   -8.174  1.00 18.06 ? 114 ARG A O   1 
ATOM   864  C  CB  . ARG A 1 114 ? 6.753   5.876   -5.653  1.00 17.35 ? 114 ARG A CB  1 
ATOM   865  C  CG  . ARG A 1 114 ? 8.126   6.308   -5.210  1.00 20.51 ? 114 ARG A CG  1 
ATOM   866  C  CD  . ARG A 1 114 ? 8.451   5.748   -3.877  1.00 22.69 ? 114 ARG A CD  1 
ATOM   867  N  NE  . ARG A 1 114 ? 9.887   6.038   -3.665  1.00 21.10 ? 114 ARG A NE  1 
ATOM   868  C  CZ  . ARG A 1 114 ? 10.417  5.949   -2.439  1.00 19.83 ? 114 ARG A CZ  1 
ATOM   869  N  NH1 . ARG A 1 114 ? 9.606   5.603   -1.438  1.00 14.18 ? 114 ARG A NH1 1 
ATOM   870  N  NH2 . ARG A 1 114 ? 11.702  6.203   -2.220  1.00 16.54 ? 114 ARG A NH2 1 
ATOM   871  N  N   . LEU A 1 115 ? 4.215   5.784   -7.522  1.00 14.27 ? 115 LEU A N   1 
ATOM   872  C  CA  . LEU A 1 115 ? 2.981   5.111   -7.958  1.00 11.36 ? 115 LEU A CA  1 
ATOM   873  C  C   . LEU A 1 115 ? 2.981   4.797   -9.457  1.00 13.96 ? 115 LEU A C   1 
ATOM   874  O  O   . LEU A 1 115 ? 2.638   3.704   -9.928  1.00 17.30 ? 115 LEU A O   1 
ATOM   875  C  CB  . LEU A 1 115 ? 1.791   5.988   -7.587  1.00 11.97 ? 115 LEU A CB  1 
ATOM   876  C  CG  . LEU A 1 115 ? 0.409   5.566   -8.104  1.00 13.02 ? 115 LEU A CG  1 
ATOM   877  C  CD1 . LEU A 1 115 ? 0.137   4.182   -7.570  1.00 16.19 ? 115 LEU A CD1 1 
ATOM   878  C  CD2 . LEU A 1 115 ? -0.648  6.547   -7.657  1.00 15.62 ? 115 LEU A CD2 1 
ATOM   879  N  N   . GLU A 1 116 ? 3.392   5.812   -10.202 1.00 17.16 ? 116 GLU A N   1 
ATOM   880  C  CA  . GLU A 1 116 ? 3.479   5.721   -11.668 1.00 17.87 ? 116 GLU A CA  1 
ATOM   881  C  C   . GLU A 1 116 ? 4.442   4.616   -12.044 1.00 15.64 ? 116 GLU A C   1 
ATOM   882  O  O   . GLU A 1 116 ? 4.146   3.798   -12.917 1.00 24.21 ? 116 GLU A O   1 
ATOM   883  C  CB  . GLU A 1 116 ? 3.871   7.081   -12.257 1.00 19.87 ? 116 GLU A CB  1 
ATOM   884  C  CG  . GLU A 1 116 ? 2.570   7.874   -12.494 1.00 25.89 ? 116 GLU A CG  1 
ATOM   885  C  CD  . GLU A 1 116 ? 2.722   9.279   -12.992 1.00 46.76 ? 116 GLU A CD  1 
ATOM   886  O  OE1 . GLU A 1 116 ? 1.741   10.006  -13.004 1.00 32.38 ? 116 GLU A OE1 1 
ATOM   887  O  OE2 . GLU A 1 116 ? 3.939   9.598   -13.351 1.00 53.01 ? 116 GLU A OE2 1 
ATOM   888  N  N   . LYS A 1 117 ? 5.540   4.575   -11.331 1.00 17.90 ? 117 LYS A N   1 
ATOM   889  C  CA  . LYS A 1 117 ? 6.568   3.543   -11.524 1.00 20.54 ? 117 LYS A CA  1 
ATOM   890  C  C   . LYS A 1 117 ? 6.027   2.160   -11.179 1.00 35.07 ? 117 LYS A C   1 
ATOM   891  O  O   . LYS A 1 117 ? 6.154   1.243   -12.015 1.00 26.86 ? 117 LYS A O   1 
ATOM   892  C  CB  . LYS A 1 117 ? 7.763   3.832   -10.649 1.00 23.27 ? 117 LYS A CB  1 
ATOM   893  C  CG  . LYS A 1 117 ? 9.079   3.291   -11.199 1.00 48.77 ? 117 LYS A CG  1 
ATOM   894  C  CD  . LYS A 1 117 ? 10.261  4.036   -10.563 1.00 79.66 ? 117 LYS A CD  1 
ATOM   895  C  CE  . LYS A 1 117 ? 11.549  3.602   -11.256 1.00 81.50 ? 117 LYS A CE  1 
ATOM   896  N  NZ  . LYS A 1 117 ? 11.437  2.157   -11.615 1.00 83.94 ? 117 LYS A NZ  1 
ATOM   897  N  N   . VAL A 1 118 ? 5.420   2.034   -10.004 1.00 30.68 ? 118 VAL A N   1 
ATOM   898  C  CA  . VAL A 1 118 ? 4.866   0.734   -9.571  1.00 39.07 ? 118 VAL A CA  1 
ATOM   899  C  C   . VAL A 1 118 ? 3.870   0.203   -10.604 1.00 31.79 ? 118 VAL A C   1 
ATOM   900  O  O   . VAL A 1 118 ? 3.897   -0.976  -10.972 1.00 45.60 ? 118 VAL A O   1 
ATOM   901  C  CB  . VAL A 1 118 ? 4.255   0.766   -8.153  1.00 35.84 ? 118 VAL A CB  1 
ATOM   902  C  CG1 . VAL A 1 118 ? 5.246   1.253   -7.109  1.00 40.46 ? 118 VAL A CG1 1 
ATOM   903  C  CG2 . VAL A 1 118 ? 2.966   1.559   -8.087  1.00 38.13 ? 118 VAL A CG2 1 
ATOM   904  N  N   . ILE A 1 119 ? 3.005   1.095   -11.039 1.00 28.80 ? 119 ILE A N   1 
ATOM   905  C  CA  . ILE A 1 119 ? 1.955   0.812   -12.022 1.00 27.78 ? 119 ILE A CA  1 
ATOM   906  C  C   . ILE A 1 119 ? 2.530   0.346   -13.361 1.00 55.08 ? 119 ILE A C   1 
ATOM   907  O  O   . ILE A 1 119 ? 1.903   -0.438  -14.101 1.00 43.35 ? 119 ILE A O   1 
ATOM   908  C  CB  . ILE A 1 119 ? 1.046   2.015   -12.199 1.00 24.57 ? 119 ILE A CB  1 
ATOM   909  C  CG1 . ILE A 1 119 ? 0.019   2.079   -11.083 1.00 23.41 ? 119 ILE A CG1 1 
ATOM   910  C  CG2 . ILE A 1 119 ? 0.318   1.975   -13.519 1.00 40.21 ? 119 ILE A CG2 1 
ATOM   911  C  CD1 . ILE A 1 119 ? -0.909  3.283   -11.246 1.00 25.25 ? 119 ILE A CD1 1 
ATOM   912  N  N   . ALA A 1 120 ? 3.724   0.807   -13.682 1.00 41.67 ? 120 ALA A N   1 
ATOM   913  C  CA  . ALA A 1 120 ? 4.478   0.486   -14.895 1.00 59.80 ? 120 ALA A CA  1 
ATOM   914  C  C   . ALA A 1 120 ? 5.551   -0.576  -14.671 1.00 54.82 ? 120 ALA A C   1 
ATOM   915  O  O   . ALA A 1 120 ? 5.577   -1.645  -14.058 1.00 67.59 ? 120 ALA A O   1 
ATOM   916  C  CB  . ALA A 1 120 ? 5.093   1.784   -15.456 1.00 31.60 ? 120 ALA A CB  1 
HETATM 917  CU CU  . CU  B 2 .   ? 7.735   4.215   7.164   1.00 14.35 ? 124 CU  A CU  1 
HETATM 918  O  O   . HOH C 3 .   ? 6.287   -11.185 -1.344  1.00 12.31 ? 125 HOH A O   1 
HETATM 919  O  O   . HOH C 3 .   ? 7.230   2.144   -1.361  1.00 12.54 ? 126 HOH A O   1 
HETATM 920  O  O   . HOH C 3 .   ? -11.178 -5.745  -9.279  1.00 17.80 ? 127 HOH A O   1 
HETATM 921  O  O   . HOH C 3 .   ? 12.080  -0.518  -3.538  1.00 19.23 ? 128 HOH A O   1 
HETATM 922  O  O   . HOH C 3 .   ? -7.767  14.145  -4.947  1.00 19.07 ? 129 HOH A O   1 
HETATM 923  O  O   . HOH C 3 .   ? -9.899  2.498   -13.348 1.00 24.24 ? 130 HOH A O   1 
HETATM 924  O  O   . HOH C 3 .   ? 8.614   -0.697  11.542  1.00 32.61 ? 131 HOH A O   1 
HETATM 925  O  O   . HOH C 3 .   ? -12.893 -3.447  -9.316  1.00 19.54 ? 132 HOH A O   1 
HETATM 926  O  O   . HOH C 3 .   ? -11.063 4.612   -4.388  1.00 18.87 ? 133 HOH A O   1 
HETATM 927  O  O   . HOH C 3 .   ? 11.989  8.670   10.069  1.00 17.55 ? 134 HOH A O   1 
HETATM 928  O  O   . HOH C 3 .   ? 12.448  4.466   9.996   1.00 24.23 ? 135 HOH A O   1 
HETATM 929  O  O   . HOH C 3 .   ? -18.967 -4.921  -3.701  1.00 30.56 ? 136 HOH A O   1 
HETATM 930  O  O   . HOH C 3 .   ? 9.376   -0.434  -3.557  1.00 15.84 ? 137 HOH A O   1 
HETATM 931  O  O   . HOH C 3 .   ? -0.746  3.971   14.820  1.00 49.78 ? 138 HOH A O   1 
HETATM 932  O  O   . HOH C 3 .   ? -14.180 -1.938  -6.864  1.00 42.75 ? 139 HOH A O   1 
HETATM 933  O  O   . HOH C 3 .   ? 2.807   -1.768  11.425  1.00 18.20 ? 140 HOH A O   1 
HETATM 934  O  O   . HOH C 3 .   ? -15.614 -3.261  -4.094  1.00 42.51 ? 141 HOH A O   1 
HETATM 935  O  O   . HOH C 3 .   ? -5.986  8.416   -14.076 1.00 23.26 ? 142 HOH A O   1 
HETATM 936  O  O   . HOH C 3 .   ? -14.623 0.686   -5.602  1.00 30.14 ? 143 HOH A O   1 
HETATM 937  O  O   . HOH C 3 .   ? -9.829  -16.412 -3.369  1.00 39.23 ? 144 HOH A O   1 
HETATM 938  O  O   . HOH C 3 .   ? 0.778   10.604  6.783   1.00 22.94 ? 145 HOH A O   1 
HETATM 939  O  O   . HOH C 3 .   ? -11.289 -5.296  1.942   1.00 20.28 ? 146 HOH A O   1 
HETATM 940  O  O   . HOH C 3 .   ? -2.982  12.498  -0.097  1.00 32.50 ? 147 HOH A O   1 
HETATM 941  O  O   . HOH C 3 .   ? -2.508  -7.974  12.313  1.00 34.93 ? 148 HOH A O   1 
HETATM 942  O  O   . HOH C 3 .   ? 11.620  -2.306  -5.758  1.00 33.12 ? 149 HOH A O   1 
HETATM 943  O  O   . HOH C 3 .   ? -5.655  9.832   4.399   1.00 37.66 ? 150 HOH A O   1 
HETATM 944  O  O   . HOH C 3 .   ? -9.648  5.887   -17.934 1.00 36.83 ? 151 HOH A O   1 
HETATM 945  O  O   . HOH C 3 .   ? 18.516  2.424   -1.607  1.00 36.54 ? 152 HOH A O   1 
HETATM 946  O  O   . HOH C 3 .   ? 2.179   -15.373 -2.399  1.00 36.15 ? 153 HOH A O   1 
HETATM 947  O  O   . HOH C 3 .   ? 8.382   2.319   -4.034  1.00 21.69 ? 154 HOH A O   1 
HETATM 948  O  O   . HOH C 3 .   ? 17.006  -0.578  5.077   1.00 26.96 ? 155 HOH A O   1 
HETATM 949  O  O   . HOH C 3 .   ? 14.868  2.626   11.537  1.00 33.57 ? 156 HOH A O   1 
HETATM 950  O  O   . HOH C 3 .   ? 7.868   -3.366  -6.199  1.00 29.12 ? 157 HOH A O   1 
HETATM 951  O  O   . HOH C 3 .   ? 15.379  8.097   -2.190  1.00 46.86 ? 158 HOH A O   1 
HETATM 952  O  O   . HOH C 3 .   ? 12.749  -6.551  0.485   1.00 25.11 ? 159 HOH A O   1 
HETATM 953  O  O   . HOH C 3 .   ? -1.543  15.509  -6.964  1.00 38.63 ? 160 HOH A O   1 
HETATM 954  O  O   . HOH C 3 .   ? 7.430   7.887   -12.229 1.00 39.88 ? 161 HOH A O   1 
HETATM 955  O  O   . HOH C 3 .   ? -7.247  5.311   8.138   1.00 48.52 ? 162 HOH A O   1 
HETATM 956  O  O   . HOH C 3 .   ? -3.280  10.704  3.542   1.00 33.73 ? 163 HOH A O   1 
HETATM 957  O  O   . HOH C 3 .   ? 1.828   3.523   17.093  1.00 51.78 ? 164 HOH A O   1 
HETATM 958  O  O   . HOH C 3 .   ? 4.197   17.495  -3.173  1.00 38.73 ? 165 HOH A O   1 
HETATM 959  O  O   . HOH C 3 .   ? -14.562 -4.114  -11.690 1.00 43.70 ? 166 HOH A O   1 
HETATM 960  O  O   . HOH C 3 .   ? 7.926   2.715   -6.858  1.00 34.03 ? 167 HOH A O   1 
HETATM 961  O  O   . HOH C 3 .   ? -3.821  -16.461 4.321   1.00 41.62 ? 168 HOH A O   1 
HETATM 962  O  O   . HOH C 3 .   ? -8.084  -0.903  -13.903 1.00 39.20 ? 169 HOH A O   1 
HETATM 963  O  O   . HOH C 3 .   ? -6.574  11.407  0.434   1.00 42.49 ? 170 HOH A O   1 
HETATM 964  O  O   . HOH C 3 .   ? -5.196  -6.430  -11.769 1.00 44.70 ? 171 HOH A O   1 
HETATM 965  O  O   . HOH C 3 .   ? 2.561   -17.557 4.546   1.00 43.27 ? 172 HOH A O   1 
HETATM 966  O  O   . HOH C 3 .   ? 2.561   4.494   -15.285 1.00 43.16 ? 173 HOH A O   1 
HETATM 967  O  O   . HOH C 3 .   ? 1.009   -17.950 -0.152  1.00 44.87 ? 174 HOH A O   1 
HETATM 968  O  O   . HOH C 3 .   ? -13.396 4.063   0.648   1.00 50.77 ? 175 HOH A O   1 
HETATM 969  O  O   . HOH C 3 .   ? -8.987  5.198   3.952   1.00 37.79 ? 176 HOH A O   1 
HETATM 970  O  O   . HOH C 3 .   ? -9.911  -5.342  5.831   1.00 49.57 ? 177 HOH A O   1 
HETATM 971  O  O   . HOH C 3 .   ? 6.830   15.243  -2.709  1.00 37.22 ? 178 HOH A O   1 
HETATM 972  O  O   . HOH C 3 .   ? -13.038 -4.849  4.579   1.00 36.70 ? 179 HOH A O   1 
HETATM 973  O  O   . HOH C 3 .   ? 11.686  6.873   -6.312  1.00 53.00 ? 180 HOH A O   1 
HETATM 974  O  O   . HOH C 3 .   ? 0.475   -17.117 6.875   1.00 39.42 ? 181 HOH A O   1 
HETATM 975  O  O   . HOH C 3 .   ? -5.531  -7.580  11.882  1.00 61.99 ? 182 HOH A O   1 
HETATM 976  O  O   . HOH C 3 .   ? -7.503  -0.545  12.092  1.00 50.44 ? 183 HOH A O   1 
HETATM 977  O  O   . HOH C 3 .   ? -13.720 4.168   -3.979  1.00 41.40 ? 184 HOH A O   1 
HETATM 978  O  O   . HOH C 3 .   ? 8.962   0.090   -7.837  1.00 40.49 ? 185 HOH A O   1 
HETATM 979  O  O   . HOH C 3 .   ? 15.860  -0.362  13.206  1.00 60.25 ? 186 HOH A O   1 
HETATM 980  O  O   . HOH C 3 .   ? -12.891 -8.501  -9.581  1.00 40.23 ? 187 HOH A O   1 
HETATM 981  O  O   . HOH C 3 .   ? -9.590  -2.731  3.566   1.00 51.35 ? 188 HOH A O   1 
HETATM 982  O  O   . HOH C 3 .   ? -16.271 -6.400  3.519   1.00 57.54 ? 189 HOH A O   1 
HETATM 983  O  O   . HOH C 3 .   ? 17.679  -2.760  1.979   1.00 54.26 ? 190 HOH A O   1 
HETATM 984  O  O   . HOH C 3 .   ? -1.628  15.620  -0.726  1.00 55.44 ? 191 HOH A O   1 
HETATM 985  O  O   . HOH C 3 .   ? -9.870  11.686  -2.994  1.00 55.65 ? 192 HOH A O   1 
HETATM 986  O  O   . HOH C 3 .   ? -14.192 6.514   -1.579  1.00 49.14 ? 193 HOH A O   1 
HETATM 987  O  O   . HOH C 3 .   ? -11.038 -12.249 -8.331  1.00 43.01 ? 194 HOH A O   1 
HETATM 988  O  O   . HOH C 3 .   ? -11.683 6.013   2.423   1.00 47.00 ? 195 HOH A O   1 
HETATM 989  O  O   . HOH C 3 .   ? -7.010  1.247   -15.393 1.00 42.78 ? 196 HOH A O   1 
HETATM 990  O  O   . HOH C 3 .   ? -7.809  7.934   -16.822 1.00 43.44 ? 197 HOH A O   1 
HETATM 991  O  O   . HOH C 3 .   ? -3.664  9.726   7.871   1.00 60.21 ? 198 HOH A O   1 
HETATM 992  O  O   . HOH C 3 .   ? -6.097  -6.128  -14.748 1.00 50.09 ? 199 HOH A O   1 
HETATM 993  O  O   . HOH C 3 .   ? -4.430  16.142  0.528   1.00 64.67 ? 200 HOH A O   1 
HETATM 994  O  O   . HOH C 3 .   ? -4.856  -16.020 -4.626  1.00 68.40 ? 201 HOH A O   1 
HETATM 995  O  O   . HOH C 3 .   ? 4.881   -1.179  18.529  1.00 85.59 ? 202 HOH A O   1 
HETATM 996  O  O   . HOH C 3 .   ? 7.455   12.393  6.074   1.00 61.13 ? 203 HOH A O   1 
HETATM 997  O  O   . HOH C 3 .   ? -5.467  -16.736 2.420   1.00 48.52 ? 204 HOH A O   1 
HETATM 998  O  O   . HOH C 3 .   ? -7.485  -11.979 -10.275 1.00 48.39 ? 205 HOH A O   1 
HETATM 999  O  O   . HOH C 3 .   ? -2.430  -15.171 6.811   1.00 52.61 ? 206 HOH A O   1 
HETATM 1000 O  O   . HOH C 3 .   ? 1.652   15.080  -7.743  1.00 55.24 ? 207 HOH A O   1 
HETATM 1001 O  O   . HOH C 3 .   ? 12.200  9.571   0.126   1.00 49.32 ? 208 HOH A O   1 
HETATM 1002 O  O   . HOH C 3 .   ? 5.251   -12.958 9.950   1.00 73.69 ? 209 HOH A O   1 
HETATM 1003 O  O   . HOH C 3 .   ? -13.613 -6.705  -12.484 1.00 49.54 ? 210 HOH A O   1 
HETATM 1004 O  O   . HOH C 3 .   ? -0.960  -20.582 -0.329  1.00 63.63 ? 211 HOH A O   1 
HETATM 1005 O  O   . HOH C 3 .   ? 0.658   -13.969 8.116   1.00 51.89 ? 212 HOH A O   1 
HETATM 1006 O  O   . HOH C 3 .   ? -5.582  -19.855 -1.229  1.00 60.61 ? 213 HOH A O   1 
HETATM 1007 O  O   . HOH C 3 .   ? -4.548  -3.979  -11.769 1.00 71.78 ? 214 HOH A O   1 
HETATM 1008 O  O   . HOH C 3 .   ? -7.175  -3.253  12.306  1.00 55.19 ? 215 HOH A O   1 
HETATM 1009 O  O   . HOH C 3 .   ? 12.140  13.076  -6.138  1.00 64.73 ? 216 HOH A O   1 
HETATM 1010 O  O   . HOH C 3 .   ? 10.609  -7.897  12.061  1.00 55.46 ? 217 HOH A O   1 
# 
